data_7N4V
#
_entry.id   7N4V
#
_cell.length_a   1.00
_cell.length_b   1.00
_cell.length_c   1.00
_cell.angle_alpha   90.00
_cell.angle_beta   90.00
_cell.angle_gamma   90.00
#
_symmetry.space_group_name_H-M   'P 1'
#
loop_
_entity.id
_entity.type
_entity.pdbx_description
1 polymer 'Isoform 2 of NPC1-like intracellular cholesterol transporter 1'
2 branched 2-acetamido-2-deoxy-beta-D-glucopyranose-(1-4)-2-acetamido-2-deoxy-beta-D-glucopyranose
3 non-polymer 2-acetamido-2-deoxy-beta-D-glucopyranose
4 non-polymer CHOLESTEROL
5 non-polymer '(2S)-3-(hexadecanoyloxy)-2-[(9Z)-octadec-9-enoyloxy]propyl 2-(trimethylammonio)ethyl phosphate'
#
_entity_poly.entity_id   1
_entity_poly.type   'polypeptide(L)'
_entity_poly.pdbx_seq_one_letter_code
;MAEAGLRGWLLWALLLRLAQSEPYTTIHQPGYCAFYDECGKNPELSGSLMTLSNVSCLSNTPARKITGDHLILLQKICPR
LYTGPNTQACCSAKQLVSLEASLSITKALLTRCPACSDNFVNLHCHNTCSPNQSLFINVTRVAQLGAGQLPAVVAYEAFY
QHSFAEQSYDSCSRVRVPAAATLAVGTMCGVYGSALCNAQRWLNFQGDTGNGLAPLDITFHLLEPGQAVGSGIQPLNEGV
ARCNESQGDDVATCSCQDCAASCPAIARPQALDSTFYLGQMPGSLVLIIILCSVFAVVTILLVGFRVAPARDKSKMVDPK
KGTSLSDKLSFSTHTLLGQFFQGWGTWVASWPLTILVLSVIPVVALAAGLVFTELTTDPVELWSAPNSQARSEKAFHDQH
FGPFFRTNQVILTAPNRSSYRYDSLLLGPKNFSGILDLDLLLELLELQERLRHLQVWSPEAQRNISLQDICYAPLNPDNT
SLYDCCINSLLQYFQNNRTLLLLTANQTLMGQTSQVDWKDHFLYCANAPLTFKDGTALALSCMADYGAPVFPFLAIGGYK
GKDYSEAEALIMTFSLNNYPAGDPRLAQAKLWEEAFLEEMRAFQRRMAGMFQVTFMAERSLEDEINRTTAEDLPIFATSY
IVIFLYISLALGSYSSWSRVMVDSKATLGLGGVAVVLGAVMAAMGFFSYLGIRSSLVILQVVPFLVLSVGADNIFIFVLE
YQRLPRRPGEPREVHIGRALGRVAPSMLLCSLSEAICFFLGALTPMPAVRTFALTSGLAVILDFLLQMSAFVALLSLDSK
RQEASRLDVCCCVKPQELPPPGQGEGLLLGFFQKAYAPFLLHWITRGVVLLLFLALFGVSLYSMCHISVGLDQELALPKD
SYLLDYFLFLNRYFEVGAPVYFVTTLGYNFSSEAGMNAICSSAGCNNFSFTQKIQYATEFPEQSYLAIPASSWVDDFIDW
LTPSSCCRLYISGPNKDKFCPSTVNSLNCLKNCMSITMGSVRPSVEQFHKYLPWFLNDRPNIKCPKGGLAAYSTSVNLTS
DGQVLTSRFMAYHKPLKNSQDYTEALRAARELAANITADLRKVPGTDPAFEVFPYTITNVFYEQYLTILPEGLFMLSLCL
VPTFAVSCLLLGLDLRSGLLNLLSIVMILVDTVGFMALWGISYNAVSLINLVSAVGMSVEFVSHITRSFAISTKPTWLER
AKEATISMGSAVFAGVAMTNLPGILVLGLAKAQLIQIFFFRLNLLITLLGLLHGLVFLPVILSYVGPDVNPALALEQKRA
EEAVAAVMVASCPNHPSRVSTADNIYVNHSFEGSIKGAGAISNFLPNNGRQF
;
_entity_poly.pdbx_strand_id   A,B
#
# COMPACT_ATOMS: atom_id res chain seq x y z
N THR A 333 -41.82 14.27 -3.76
CA THR A 333 -40.53 13.56 -3.42
C THR A 333 -40.34 13.50 -1.91
N HIS A 334 -40.51 14.64 -1.20
CA HIS A 334 -40.35 14.74 0.28
C HIS A 334 -41.23 13.70 0.98
N THR A 335 -42.50 13.58 0.55
CA THR A 335 -43.50 12.62 1.10
C THR A 335 -43.02 11.18 0.85
N LEU A 336 -42.34 10.94 -0.29
CA LEU A 336 -41.76 9.61 -0.63
C LEU A 336 -40.59 9.28 0.31
N LEU A 337 -39.74 10.26 0.64
CA LEU A 337 -38.68 10.10 1.68
C LEU A 337 -39.34 9.82 3.04
N GLY A 338 -40.44 10.53 3.34
CA GLY A 338 -41.26 10.32 4.55
C GLY A 338 -41.68 8.87 4.69
N GLN A 339 -42.32 8.32 3.65
CA GLN A 339 -42.75 6.89 3.57
C GLN A 339 -41.54 5.97 3.66
N PHE A 340 -40.48 6.24 2.87
CA PHE A 340 -39.24 5.40 2.80
C PHE A 340 -38.69 5.18 4.21
N PHE A 341 -38.31 6.28 4.89
CA PHE A 341 -37.65 6.25 6.21
C PHE A 341 -38.63 5.83 7.30
N GLN A 342 -39.93 6.09 7.13
CA GLN A 342 -40.98 5.56 8.05
C GLN A 342 -40.93 4.03 8.04
N GLY A 343 -40.98 3.42 6.86
CA GLY A 343 -40.91 1.96 6.65
C GLY A 343 -39.65 1.38 7.26
N TRP A 344 -38.49 1.98 6.95
CA TRP A 344 -37.15 1.59 7.48
C TRP A 344 -37.17 1.67 9.01
N GLY A 345 -37.62 2.80 9.58
CA GLY A 345 -37.70 3.03 11.03
C GLY A 345 -38.58 2.01 11.74
N THR A 346 -39.78 1.77 11.20
CA THR A 346 -40.77 0.77 11.71
C THR A 346 -40.11 -0.62 11.73
N TRP A 347 -39.33 -0.96 10.71
CA TRP A 347 -38.59 -2.25 10.66
C TRP A 347 -37.52 -2.28 11.76
N VAL A 348 -36.56 -1.35 11.72
CA VAL A 348 -35.37 -1.33 12.64
C VAL A 348 -35.87 -1.38 14.08
N ALA A 349 -36.75 -0.45 14.47
CA ALA A 349 -37.32 -0.33 15.84
C ALA A 349 -38.08 -1.61 16.23
N SER A 350 -38.39 -2.50 15.29
CA SER A 350 -38.98 -3.85 15.55
C SER A 350 -37.89 -4.94 15.65
N TRP A 351 -36.63 -4.61 15.38
CA TRP A 351 -35.46 -5.54 15.50
C TRP A 351 -34.27 -4.79 16.07
N PRO A 352 -34.33 -4.34 17.35
CA PRO A 352 -33.36 -3.40 17.88
C PRO A 352 -31.97 -4.03 18.13
N LEU A 353 -31.92 -5.13 18.87
CA LEU A 353 -30.65 -5.75 19.37
C LEU A 353 -29.82 -6.27 18.18
N THR A 354 -30.45 -7.04 17.28
CA THR A 354 -29.79 -7.62 16.07
C THR A 354 -29.11 -6.50 15.26
N ILE A 355 -29.77 -5.34 15.12
CA ILE A 355 -29.26 -4.19 14.30
C ILE A 355 -28.21 -3.40 15.09
N LEU A 356 -28.35 -3.28 16.42
CA LEU A 356 -27.27 -2.74 17.30
C LEU A 356 -25.98 -3.53 17.02
N VAL A 357 -26.07 -4.86 17.01
CA VAL A 357 -24.92 -5.78 16.76
C VAL A 357 -24.44 -5.58 15.32
N LEU A 358 -25.35 -5.65 14.33
CA LEU A 358 -25.01 -5.57 12.88
C LEU A 358 -24.44 -4.19 12.51
N SER A 359 -24.67 -3.15 13.34
CA SER A 359 -24.14 -1.77 13.15
C SER A 359 -22.84 -1.56 13.95
N VAL A 360 -22.70 -2.21 15.11
CA VAL A 360 -21.47 -2.11 15.97
C VAL A 360 -20.30 -2.86 15.30
N ILE A 361 -20.58 -4.00 14.62
CA ILE A 361 -19.54 -4.87 14.00
C ILE A 361 -18.71 -4.07 13.00
N PRO A 362 -19.29 -3.41 11.96
CA PRO A 362 -18.50 -2.64 11.00
C PRO A 362 -17.78 -1.42 11.60
N VAL A 363 -18.39 -0.75 12.59
CA VAL A 363 -17.82 0.43 13.31
C VAL A 363 -16.51 0.01 14.01
N VAL A 364 -16.54 -1.11 14.75
CA VAL A 364 -15.34 -1.65 15.47
C VAL A 364 -14.33 -2.17 14.45
N ALA A 365 -14.80 -2.84 13.38
CA ALA A 365 -13.97 -3.35 12.26
C ALA A 365 -13.21 -2.19 11.61
N LEU A 366 -13.82 -1.00 11.52
CA LEU A 366 -13.18 0.22 10.95
C LEU A 366 -12.33 0.92 12.01
N ALA A 367 -12.78 0.97 13.27
CA ALA A 367 -12.12 1.70 14.39
C ALA A 367 -10.86 0.98 14.87
N ALA A 368 -10.71 -0.32 14.58
CA ALA A 368 -9.51 -1.14 14.89
C ALA A 368 -8.27 -0.60 14.16
N GLY A 369 -8.47 0.14 13.06
CA GLY A 369 -7.41 0.70 12.21
C GLY A 369 -6.70 1.91 12.81
N LEU A 370 -7.13 2.42 13.97
CA LEU A 370 -6.48 3.59 14.65
C LEU A 370 -5.03 3.28 15.05
N VAL A 371 -4.65 1.99 15.11
CA VAL A 371 -3.27 1.52 15.45
C VAL A 371 -2.33 1.67 14.24
N PHE A 372 -2.87 1.91 13.04
CA PHE A 372 -2.11 2.09 11.76
C PHE A 372 -1.76 3.57 11.53
N THR A 373 -2.00 4.45 12.51
CA THR A 373 -1.77 5.91 12.41
C THR A 373 -0.26 6.19 12.35
N GLU A 374 0.17 6.90 11.29
CA GLU A 374 1.57 7.36 11.08
C GLU A 374 1.55 8.89 11.05
N LEU A 375 1.82 9.52 12.20
CA LEU A 375 1.59 10.96 12.44
C LEU A 375 2.74 11.78 11.85
N THR A 376 2.41 12.89 11.18
CA THR A 376 3.37 13.91 10.68
C THR A 376 3.52 15.02 11.72
N THR A 377 4.74 15.55 11.85
CA THR A 377 5.10 16.69 12.73
C THR A 377 5.79 17.80 11.92
N ASP A 378 6.47 17.45 10.82
CA ASP A 378 7.25 18.38 9.95
C ASP A 378 6.33 19.45 9.37
N PRO A 379 6.59 20.76 9.66
CA PRO A 379 5.81 21.85 9.08
C PRO A 379 5.78 21.90 7.54
N VAL A 380 6.76 21.30 6.86
CA VAL A 380 6.86 21.26 5.36
C VAL A 380 5.73 20.37 4.80
N GLU A 381 5.47 19.21 5.42
CA GLU A 381 4.47 18.23 4.92
C GLU A 381 3.05 18.67 5.29
N LEU A 382 2.86 19.34 6.43
CA LEU A 382 1.50 19.70 6.93
C LEU A 382 0.96 20.95 6.23
N TRP A 383 1.82 21.80 5.65
CA TRP A 383 1.48 23.20 5.30
C TRP A 383 2.08 23.59 3.94
N SER A 384 2.05 22.69 2.97
CA SER A 384 2.52 22.92 1.57
C SER A 384 1.94 21.86 0.64
N ALA A 385 1.32 22.29 -0.46
CA ALA A 385 0.85 21.42 -1.57
C ALA A 385 2.06 20.96 -2.37
N PRO A 386 2.43 19.65 -2.35
CA PRO A 386 3.64 19.20 -3.04
C PRO A 386 3.67 19.41 -4.56
N ASN A 387 2.52 19.63 -5.20
CA ASN A 387 2.38 19.93 -6.65
C ASN A 387 2.34 21.45 -6.90
N SER A 388 2.63 22.28 -5.88
CA SER A 388 2.64 23.76 -5.99
C SER A 388 3.95 24.24 -6.64
N GLN A 389 4.04 25.56 -6.89
CA GLN A 389 5.21 26.22 -7.54
C GLN A 389 6.38 26.32 -6.56
N ALA A 390 6.13 26.83 -5.35
CA ALA A 390 7.16 27.05 -4.29
C ALA A 390 7.87 25.74 -3.96
N ARG A 391 7.13 24.63 -3.91
CA ARG A 391 7.67 23.27 -3.60
C ARG A 391 8.51 22.76 -4.78
N SER A 392 8.10 23.06 -6.03
CA SER A 392 8.87 22.72 -7.25
C SER A 392 10.21 23.47 -7.25
N GLU A 393 10.20 24.75 -6.87
CA GLU A 393 11.42 25.60 -6.71
C GLU A 393 12.32 25.02 -5.60
N LYS A 394 11.72 24.60 -4.47
CA LYS A 394 12.44 23.99 -3.33
C LYS A 394 13.10 22.68 -3.80
N ALA A 395 12.33 21.80 -4.47
CA ALA A 395 12.81 20.52 -5.03
C ALA A 395 14.03 20.79 -5.93
N PHE A 396 13.90 21.74 -6.87
CA PHE A 396 14.97 22.20 -7.78
C PHE A 396 16.23 22.57 -6.98
N HIS A 397 16.08 23.47 -6.00
CA HIS A 397 17.18 23.98 -5.15
C HIS A 397 17.85 22.81 -4.41
N ASP A 398 17.04 21.91 -3.82
CA ASP A 398 17.51 20.71 -3.07
C ASP A 398 18.29 19.77 -4.01
N GLN A 399 17.91 19.69 -5.30
CA GLN A 399 18.62 18.87 -6.31
C GLN A 399 19.99 19.50 -6.63
N HIS A 400 20.05 20.82 -6.81
CA HIS A 400 21.19 21.51 -7.49
C HIS A 400 22.12 22.24 -6.51
N PHE A 401 21.76 22.44 -5.23
CA PHE A 401 22.64 23.11 -4.23
C PHE A 401 22.64 22.42 -2.86
N GLY A 402 22.01 21.24 -2.73
CA GLY A 402 21.77 20.58 -1.43
C GLY A 402 20.73 21.35 -0.59
N PRO A 403 20.22 20.75 0.51
CA PRO A 403 19.17 21.38 1.30
C PRO A 403 19.66 22.59 2.11
N PHE A 404 18.75 23.50 2.44
CA PHE A 404 19.00 24.71 3.27
C PHE A 404 19.44 24.27 4.67
N PHE A 405 20.59 24.77 5.14
CA PHE A 405 21.21 24.43 6.45
C PHE A 405 20.27 24.82 7.59
N ARG A 406 20.28 24.04 8.67
CA ARG A 406 19.42 24.23 9.87
C ARG A 406 20.05 25.30 10.77
N THR A 407 19.29 26.32 11.15
CA THR A 407 19.74 27.50 11.94
C THR A 407 19.29 27.34 13.40
N ASN A 408 20.21 27.55 14.35
CA ASN A 408 19.98 27.47 15.81
C ASN A 408 20.56 28.73 16.47
N GLN A 409 19.69 29.68 16.81
CA GLN A 409 20.10 31.04 17.26
C GLN A 409 19.94 31.20 18.77
N VAL A 410 20.66 32.17 19.32
CA VAL A 410 20.58 32.62 20.75
C VAL A 410 20.65 34.15 20.75
N ILE A 411 19.51 34.81 20.97
CA ILE A 411 19.41 36.31 21.02
C ILE A 411 19.58 36.71 22.49
N LEU A 412 20.63 37.47 22.79
CA LEU A 412 20.97 37.97 24.15
C LEU A 412 20.64 39.46 24.25
N THR A 413 20.39 39.93 25.47
CA THR A 413 20.12 41.36 25.80
C THR A 413 20.47 41.61 27.26
N ALA A 414 21.07 42.77 27.54
CA ALA A 414 21.37 43.27 28.90
C ALA A 414 20.60 44.57 29.14
N PRO A 415 19.27 44.51 29.39
CA PRO A 415 18.48 45.73 29.59
C PRO A 415 18.76 46.44 30.92
N ASN A 416 19.32 45.72 31.89
CA ASN A 416 19.74 46.25 33.21
C ASN A 416 21.11 46.94 33.11
N ARG A 417 21.80 46.86 31.97
CA ARG A 417 23.12 47.50 31.73
C ARG A 417 22.92 48.86 31.05
N SER A 418 23.53 49.91 31.61
CA SER A 418 23.52 51.30 31.08
C SER A 418 24.58 51.42 29.98
N SER A 419 24.35 52.35 29.03
CA SER A 419 25.31 52.72 27.95
C SER A 419 26.48 53.49 28.55
N TYR A 420 27.64 53.45 27.88
CA TYR A 420 28.88 54.16 28.25
C TYR A 420 29.53 54.74 26.98
N ARG A 421 30.10 55.94 27.08
CA ARG A 421 30.88 56.57 25.98
C ARG A 421 32.30 56.01 25.98
N TYR A 422 32.89 55.91 24.79
CA TYR A 422 34.30 55.49 24.55
C TYR A 422 34.78 56.08 23.22
N ASP A 423 35.87 56.86 23.25
CA ASP A 423 36.49 57.46 22.04
C ASP A 423 37.38 56.41 21.37
N SER A 424 37.35 56.36 20.03
CA SER A 424 38.12 55.42 19.18
C SER A 424 39.49 56.02 18.83
N LEU A 425 39.55 57.34 18.61
CA LEU A 425 40.77 58.15 18.25
C LEU A 425 41.16 57.96 16.78
N LEU A 426 40.53 57.00 16.07
CA LEU A 426 40.67 56.80 14.60
C LEU A 426 39.33 57.03 13.88
N LEU A 427 38.19 56.74 14.53
CA LEU A 427 36.83 56.93 13.99
C LEU A 427 36.12 58.13 14.66
N GLY A 428 36.47 58.46 15.92
CA GLY A 428 35.96 59.63 16.65
C GLY A 428 35.15 59.25 17.88
N PRO A 429 34.30 60.17 18.42
CA PRO A 429 33.43 59.84 19.56
C PRO A 429 32.36 58.81 19.19
N LYS A 430 32.09 57.86 20.08
CA LYS A 430 31.09 56.78 19.88
C LYS A 430 30.39 56.45 21.21
N ASN A 431 29.14 56.00 21.10
CA ASN A 431 28.31 55.60 22.24
C ASN A 431 28.10 54.08 22.18
N PHE A 432 28.76 53.38 23.08
CA PHE A 432 28.75 51.90 23.19
C PHE A 432 27.62 51.49 24.14
N SER A 433 26.72 50.61 23.66
CA SER A 433 25.57 50.09 24.45
C SER A 433 26.07 49.20 25.59
N GLY A 434 25.26 49.04 26.63
CA GLY A 434 25.58 48.26 27.85
C GLY A 434 25.97 46.82 27.55
N ILE A 435 25.34 46.21 26.54
CA ILE A 435 25.57 44.77 26.16
C ILE A 435 27.00 44.57 25.64
N LEU A 436 27.67 45.63 25.15
CA LEU A 436 29.07 45.57 24.64
C LEU A 436 30.10 45.83 25.78
N ASP A 437 29.82 45.37 27.00
CA ASP A 437 30.82 45.30 28.11
C ASP A 437 31.74 44.10 27.87
N LEU A 438 32.90 44.07 28.53
CA LEU A 438 33.92 42.99 28.37
C LEU A 438 33.39 41.69 28.98
N ASP A 439 33.08 41.71 30.29
CA ASP A 439 32.66 40.53 31.09
C ASP A 439 31.53 39.77 30.39
N LEU A 440 30.54 40.47 29.83
CA LEU A 440 29.37 39.88 29.13
C LEU A 440 29.86 39.08 27.91
N LEU A 441 30.76 39.66 27.12
CA LEU A 441 31.38 38.99 25.94
C LEU A 441 32.21 37.79 26.40
N LEU A 442 32.93 37.89 27.53
CA LEU A 442 33.69 36.76 28.12
C LEU A 442 32.73 35.62 28.49
N GLU A 443 31.57 35.94 29.08
CA GLU A 443 30.52 34.94 29.44
C GLU A 443 29.96 34.28 28.18
N LEU A 444 29.68 35.09 27.13
CA LEU A 444 29.24 34.57 25.80
C LEU A 444 30.32 33.64 25.25
N LEU A 445 31.60 34.03 25.32
CA LEU A 445 32.74 33.21 24.81
C LEU A 445 32.72 31.85 25.52
N GLU A 446 32.60 31.85 26.85
CA GLU A 446 32.55 30.61 27.67
C GLU A 446 31.37 29.75 27.23
N LEU A 447 30.17 30.35 27.10
CA LEU A 447 28.93 29.66 26.64
C LEU A 447 29.18 29.01 25.26
N GLN A 448 29.69 29.79 24.29
CA GLN A 448 29.94 29.32 22.90
C GLN A 448 30.95 28.16 22.95
N GLU A 449 32.09 28.36 23.61
CA GLU A 449 33.20 27.35 23.68
C GLU A 449 32.68 26.05 24.31
N ARG A 450 31.84 26.14 25.35
CA ARG A 450 31.17 24.96 25.95
C ARG A 450 30.24 24.31 24.92
N LEU A 451 29.53 25.12 24.12
CA LEU A 451 28.56 24.62 23.10
C LEU A 451 29.28 23.98 21.91
N ARG A 452 30.59 24.21 21.74
CA ARG A 452 31.42 23.56 20.69
C ARG A 452 31.69 22.11 21.08
N HIS A 453 32.22 21.90 22.30
CA HIS A 453 32.68 20.59 22.82
C HIS A 453 31.50 19.76 23.36
N LEU A 454 30.26 20.22 23.16
CA LEU A 454 29.04 19.49 23.59
C LEU A 454 28.87 18.26 22.69
N GLN A 455 28.70 17.09 23.31
CA GLN A 455 28.34 15.82 22.62
C GLN A 455 27.05 15.27 23.25
N VAL A 456 26.49 14.24 22.62
CA VAL A 456 25.31 13.47 23.11
C VAL A 456 25.70 11.99 23.13
N TRP A 457 24.82 11.11 23.60
CA TRP A 457 25.03 9.65 23.60
C TRP A 457 24.64 9.06 22.24
N SER A 458 23.44 9.39 21.74
CA SER A 458 22.85 8.87 20.48
C SER A 458 22.83 7.34 20.53
N PRO A 459 21.90 6.72 21.29
CA PRO A 459 21.85 5.26 21.41
C PRO A 459 21.50 4.50 20.11
N GLU A 460 21.26 5.21 19.01
CA GLU A 460 20.99 4.63 17.67
C GLU A 460 22.28 4.04 17.09
N ALA A 461 23.38 4.80 17.09
CA ALA A 461 24.69 4.39 16.54
C ALA A 461 25.66 3.96 17.67
N GLN A 462 25.27 4.15 18.94
CA GLN A 462 26.02 3.75 20.16
C GLN A 462 27.39 4.46 20.24
N ARG A 463 27.56 5.58 19.52
CA ARG A 463 28.79 6.42 19.56
C ARG A 463 28.38 7.84 19.94
N ASN A 464 29.25 8.53 20.70
CA ASN A 464 29.06 9.96 21.09
C ASN A 464 29.03 10.82 19.82
N ILE A 465 27.85 11.31 19.42
CA ILE A 465 27.69 12.28 18.30
C ILE A 465 28.26 13.62 18.77
N SER A 466 29.31 14.09 18.10
CA SER A 466 30.02 15.37 18.37
C SER A 466 29.73 16.37 17.24
N LEU A 467 29.99 17.65 17.49
CA LEU A 467 29.57 18.79 16.65
C LEU A 467 30.12 18.64 15.21
N GLN A 468 31.38 18.24 15.07
CA GLN A 468 32.11 18.16 13.76
C GLN A 468 31.42 17.15 12.82
N ASP A 469 30.63 16.20 13.34
CA ASP A 469 29.94 15.15 12.54
C ASP A 469 28.82 15.78 11.70
N ILE A 470 28.07 16.73 12.27
CA ILE A 470 26.77 17.24 11.75
C ILE A 470 26.81 18.75 11.45
N CYS A 471 27.77 19.50 12.01
CA CYS A 471 27.83 20.97 11.89
C CYS A 471 28.03 21.39 10.43
N TYR A 472 27.49 22.55 10.06
CA TYR A 472 27.62 23.17 8.71
C TYR A 472 29.02 23.78 8.60
N ALA A 473 29.82 23.27 7.66
CA ALA A 473 31.20 23.73 7.36
C ALA A 473 31.25 24.29 5.94
N PRO A 474 31.28 25.64 5.76
CA PRO A 474 31.36 26.23 4.42
C PRO A 474 32.74 25.99 3.78
N LEU A 475 33.81 26.23 4.55
CA LEU A 475 35.21 25.86 4.18
C LEU A 475 35.48 24.45 4.66
N ASN A 476 36.14 23.62 3.85
CA ASN A 476 36.60 22.26 4.24
C ASN A 476 35.40 21.46 4.72
N PRO A 477 34.46 21.06 3.83
CA PRO A 477 33.31 20.25 4.24
C PRO A 477 33.66 18.80 4.58
N ASP A 478 34.90 18.36 4.28
CA ASP A 478 35.45 17.02 4.59
C ASP A 478 36.54 17.14 5.66
N ASN A 479 36.66 16.12 6.54
CA ASN A 479 37.62 16.07 7.68
C ASN A 479 37.38 17.31 8.56
N THR A 480 36.11 17.61 8.85
CA THR A 480 35.68 18.81 9.62
C THR A 480 36.07 18.61 11.08
N SER A 481 36.53 19.66 11.75
CA SER A 481 36.89 19.69 13.19
C SER A 481 35.99 20.70 13.91
N LEU A 482 36.12 20.75 15.25
CA LEU A 482 35.35 21.67 16.14
C LEU A 482 35.70 23.14 15.85
N TYR A 483 36.79 23.42 15.11
CA TYR A 483 37.21 24.77 14.69
C TYR A 483 36.98 24.96 13.18
N ASP A 484 35.97 24.29 12.60
CA ASP A 484 35.61 24.40 11.16
C ASP A 484 34.08 24.39 10.98
N CYS A 485 33.31 24.73 12.02
CA CYS A 485 31.82 24.69 12.05
C CYS A 485 31.28 26.12 11.99
N CYS A 486 30.22 26.35 11.21
CA CYS A 486 29.59 27.69 11.00
C CYS A 486 28.92 28.15 12.30
N ILE A 487 29.73 28.69 13.22
CA ILE A 487 29.30 29.27 14.52
C ILE A 487 29.54 30.78 14.44
N ASN A 488 28.59 31.52 13.86
CA ASN A 488 28.61 32.99 13.78
C ASN A 488 28.42 33.56 15.19
N SER A 489 29.08 34.68 15.47
CA SER A 489 29.02 35.42 16.76
C SER A 489 29.80 36.73 16.61
N LEU A 490 29.65 37.64 17.57
CA LEU A 490 30.47 38.86 17.66
C LEU A 490 31.93 38.50 17.99
N LEU A 491 32.16 37.29 18.52
CA LEU A 491 33.50 36.82 18.96
C LEU A 491 34.24 36.06 17.86
N GLN A 492 33.63 35.87 16.68
CA GLN A 492 34.33 35.33 15.47
C GLN A 492 35.33 36.38 14.96
N TYR A 493 35.20 37.65 15.36
CA TYR A 493 36.16 38.74 15.04
C TYR A 493 37.45 38.61 15.88
N PHE A 494 37.47 37.73 16.90
CA PHE A 494 38.69 37.38 17.68
C PHE A 494 38.90 35.86 17.68
N GLN A 495 38.26 35.13 16.77
CA GLN A 495 38.43 33.66 16.52
C GLN A 495 38.23 32.85 17.82
N ASN A 496 37.43 33.37 18.76
CA ASN A 496 37.14 32.75 20.08
C ASN A 496 38.44 32.58 20.86
N ASN A 497 39.20 33.67 21.01
CA ASN A 497 40.52 33.71 21.67
C ASN A 497 40.48 34.73 22.81
N ARG A 498 40.54 34.24 24.06
CA ARG A 498 40.40 35.07 25.29
C ARG A 498 41.50 36.15 25.31
N THR A 499 42.73 35.80 24.90
CA THR A 499 43.89 36.73 24.88
C THR A 499 43.68 37.82 23.82
N LEU A 500 42.99 37.51 22.72
CA LEU A 500 42.66 38.51 21.65
C LEU A 500 41.56 39.47 22.14
N LEU A 501 40.66 39.02 23.03
CA LEU A 501 39.65 39.89 23.69
C LEU A 501 40.36 40.81 24.70
N LEU A 502 41.20 40.24 25.56
CA LEU A 502 41.90 40.97 26.66
C LEU A 502 43.13 41.73 26.11
N LEU A 503 43.43 41.64 24.82
CA LEU A 503 44.60 42.30 24.19
C LEU A 503 44.41 43.82 24.20
N THR A 504 45.47 44.55 24.57
CA THR A 504 45.57 46.03 24.51
C THR A 504 47.00 46.42 24.10
N ALA A 505 47.12 47.34 23.14
CA ALA A 505 48.42 47.89 22.65
C ALA A 505 48.40 49.42 22.78
N ASN A 506 49.54 50.05 22.54
CA ASN A 506 49.73 51.53 22.59
C ASN A 506 49.92 52.07 21.18
N GLN A 507 48.92 52.80 20.68
CA GLN A 507 48.94 53.44 19.34
C GLN A 507 49.21 54.94 19.49
N THR A 508 50.28 55.42 18.85
CA THR A 508 50.64 56.86 18.72
C THR A 508 50.20 57.34 17.33
N LEU A 509 49.15 58.17 17.26
CA LEU A 509 48.65 58.77 15.99
C LEU A 509 48.51 60.29 16.18
N MET A 510 48.98 61.07 15.19
CA MET A 510 48.93 62.56 15.17
C MET A 510 49.69 63.14 16.36
N GLY A 511 50.71 62.43 16.86
CA GLY A 511 51.56 62.86 18.00
C GLY A 511 51.05 62.36 19.35
N GLN A 512 49.76 62.05 19.48
CA GLN A 512 49.12 61.64 20.76
C GLN A 512 49.05 60.10 20.81
N THR A 513 49.20 59.54 22.02
CA THR A 513 49.18 58.07 22.31
C THR A 513 48.02 57.75 23.24
N SER A 514 47.38 56.59 23.03
CA SER A 514 46.32 56.03 23.91
C SER A 514 46.27 54.50 23.76
N GLN A 515 45.52 53.84 24.66
CA GLN A 515 45.37 52.36 24.68
C GLN A 515 44.34 51.94 23.64
N VAL A 516 44.78 51.25 22.58
CA VAL A 516 43.88 50.59 21.57
C VAL A 516 43.35 49.29 22.20
N ASP A 517 42.01 49.12 22.23
CA ASP A 517 41.32 47.98 22.87
C ASP A 517 40.59 47.17 21.79
N TRP A 518 39.88 46.11 22.20
CA TRP A 518 39.07 45.21 21.33
C TRP A 518 37.99 46.01 20.57
N LYS A 519 37.45 47.06 21.21
CA LYS A 519 36.35 47.91 20.68
C LYS A 519 36.75 48.51 19.34
N ASP A 520 38.02 48.95 19.21
CA ASP A 520 38.60 49.56 17.98
C ASP A 520 38.61 48.51 16.86
N HIS A 521 39.04 47.29 17.15
CA HIS A 521 39.06 46.14 16.20
C HIS A 521 37.62 45.80 15.77
N PHE A 522 36.70 45.74 16.74
CA PHE A 522 35.25 45.49 16.49
C PHE A 522 34.70 46.55 15.52
N LEU A 523 34.99 47.82 15.75
CA LEU A 523 34.48 48.94 14.91
C LEU A 523 35.12 48.89 13.51
N TYR A 524 36.41 48.54 13.41
CA TYR A 524 37.10 48.35 12.11
C TYR A 524 36.54 47.11 11.39
N CYS A 525 36.08 46.11 12.15
CA CYS A 525 35.48 44.85 11.61
C CYS A 525 34.08 45.10 11.05
N ALA A 526 33.24 45.84 11.77
CA ALA A 526 31.82 46.08 11.42
C ALA A 526 31.71 46.84 10.08
N ASN A 527 32.55 47.85 9.87
CA ASN A 527 32.50 48.75 8.68
C ASN A 527 33.10 48.06 7.45
N ALA A 528 33.97 47.05 7.63
CA ALA A 528 34.58 46.25 6.54
C ALA A 528 34.87 44.83 7.05
N PRO A 529 33.96 43.85 6.83
CA PRO A 529 34.12 42.52 7.42
C PRO A 529 35.22 41.66 6.77
N LEU A 530 35.51 41.87 5.48
CA LEU A 530 36.53 41.10 4.71
C LEU A 530 37.86 41.86 4.71
N THR A 531 38.56 41.83 5.85
CA THR A 531 39.93 42.36 6.06
C THR A 531 40.73 41.34 6.87
N PHE A 532 41.79 40.76 6.29
CA PHE A 532 42.66 39.75 6.96
C PHE A 532 43.53 40.42 8.02
N LYS A 533 43.81 41.72 7.87
CA LYS A 533 44.62 42.52 8.81
C LYS A 533 43.80 43.75 9.25
N ASP A 534 43.80 44.04 10.55
CA ASP A 534 43.22 45.28 11.14
C ASP A 534 44.11 46.47 10.74
N GLY A 535 43.58 47.70 10.87
CA GLY A 535 44.28 48.95 10.50
C GLY A 535 44.49 49.87 11.68
N THR A 536 44.69 49.33 12.89
CA THR A 536 44.85 50.11 14.16
C THR A 536 45.97 49.51 15.02
N ALA A 537 47.22 49.59 14.54
CA ALA A 537 48.46 49.16 15.23
C ALA A 537 48.34 47.71 15.75
N LEU A 538 47.54 46.88 15.08
CA LEU A 538 47.24 45.48 15.47
C LEU A 538 47.13 44.63 14.20
N ALA A 539 47.77 43.46 14.21
CA ALA A 539 47.71 42.45 13.11
C ALA A 539 46.61 41.44 13.44
N LEU A 540 45.42 41.91 13.81
CA LEU A 540 44.26 41.07 14.19
C LEU A 540 43.56 40.58 12.92
N SER A 541 43.34 39.26 12.83
CA SER A 541 42.55 38.61 11.76
C SER A 541 41.08 38.96 11.96
N CYS A 542 40.57 39.97 11.24
CA CYS A 542 39.16 40.43 11.35
C CYS A 542 38.21 39.38 10.79
N MET A 543 38.68 38.56 9.83
CA MET A 543 37.95 37.38 9.32
C MET A 543 37.77 36.35 10.43
N ALA A 544 36.76 35.47 10.28
CA ALA A 544 36.27 34.55 11.33
C ALA A 544 37.21 33.34 11.48
N ASP A 545 37.00 32.58 12.56
CA ASP A 545 37.82 31.40 12.96
C ASP A 545 37.76 30.33 11.86
N TYR A 546 36.55 29.96 11.45
CA TYR A 546 36.26 28.92 10.42
C TYR A 546 36.64 29.44 9.02
N GLY A 547 36.84 30.76 8.86
CA GLY A 547 37.56 31.37 7.73
C GLY A 547 36.67 32.03 6.69
N ALA A 548 35.43 32.41 7.04
CA ALA A 548 34.51 33.20 6.19
C ALA A 548 34.18 34.51 6.90
N PRO A 549 34.07 35.66 6.17
CA PRO A 549 33.87 36.96 6.82
C PRO A 549 32.49 37.05 7.48
N VAL A 550 32.47 37.16 8.82
CA VAL A 550 31.21 37.33 9.61
C VAL A 550 30.72 38.76 9.37
N PHE A 551 29.56 38.91 8.73
CA PHE A 551 28.90 40.22 8.46
C PHE A 551 28.30 40.74 9.77
N PRO A 552 28.21 42.07 9.96
CA PRO A 552 27.70 42.63 11.21
C PRO A 552 26.28 42.17 11.55
N PHE A 553 25.41 42.04 10.52
CA PHE A 553 23.97 41.70 10.66
C PHE A 553 23.77 40.26 11.17
N LEU A 554 24.81 39.42 11.21
CA LEU A 554 24.74 38.04 11.78
C LEU A 554 25.39 37.98 13.18
N ALA A 555 26.01 39.06 13.66
CA ALA A 555 26.73 39.13 14.96
C ALA A 555 26.02 40.07 15.95
N ILE A 556 25.43 41.17 15.47
CA ILE A 556 24.74 42.20 16.31
C ILE A 556 23.41 42.57 15.64
N GLY A 557 22.41 42.90 16.46
CA GLY A 557 21.07 43.38 16.05
C GLY A 557 20.58 44.49 16.97
N GLY A 558 19.60 45.27 16.49
CA GLY A 558 18.98 46.37 17.27
C GLY A 558 19.50 47.75 16.86
N TYR A 559 20.68 47.81 16.23
CA TYR A 559 21.26 49.06 15.63
C TYR A 559 20.36 49.54 14.49
N LYS A 560 20.53 50.80 14.07
CA LYS A 560 19.77 51.42 12.96
C LYS A 560 20.72 52.31 12.12
N GLY A 561 21.13 51.81 10.96
CA GLY A 561 22.17 52.42 10.10
C GLY A 561 23.50 51.75 10.33
N LYS A 562 24.58 52.54 10.41
CA LYS A 562 25.99 52.07 10.53
C LYS A 562 26.55 52.43 11.92
N ASP A 563 25.69 52.66 12.91
CA ASP A 563 26.08 53.03 14.31
C ASP A 563 26.15 51.76 15.15
N TYR A 564 27.06 50.84 14.77
CA TYR A 564 27.16 49.45 15.28
C TYR A 564 27.48 49.42 16.78
N SER A 565 28.13 50.47 17.30
CA SER A 565 28.43 50.66 18.76
C SER A 565 27.14 50.69 19.58
N GLU A 566 26.05 51.21 19.01
CA GLU A 566 24.69 51.24 19.65
C GLU A 566 23.91 49.99 19.23
N ALA A 567 24.47 48.80 19.47
CA ALA A 567 23.84 47.48 19.25
C ALA A 567 23.20 46.99 20.55
N GLU A 568 21.94 46.57 20.52
CA GLU A 568 21.13 46.23 21.72
C GLU A 568 20.88 44.71 21.80
N ALA A 569 21.52 43.91 20.95
CA ALA A 569 21.41 42.43 20.95
C ALA A 569 22.71 41.80 20.43
N LEU A 570 23.07 40.64 20.99
CA LEU A 570 24.20 39.78 20.54
C LEU A 570 23.63 38.42 20.09
N ILE A 571 23.80 38.10 18.80
CA ILE A 571 23.25 36.89 18.14
C ILE A 571 24.39 35.86 18.03
N MET A 572 24.02 34.58 18.05
CA MET A 572 24.96 33.43 18.00
C MET A 572 24.27 32.26 17.29
N THR A 573 24.61 32.04 16.02
CA THR A 573 23.98 31.07 15.10
C THR A 573 24.84 29.81 15.02
N PHE A 574 24.38 28.71 15.62
CA PHE A 574 25.00 27.35 15.52
C PHE A 574 24.34 26.61 14.34
N SER A 575 24.73 26.99 13.12
CA SER A 575 24.25 26.38 11.85
C SER A 575 24.70 24.92 11.80
N LEU A 576 23.78 24.01 11.43
CA LEU A 576 24.03 22.55 11.24
C LEU A 576 23.75 22.18 9.78
N ASN A 577 24.42 21.13 9.27
CA ASN A 577 24.12 20.53 7.95
C ASN A 577 22.73 19.87 8.02
N ASN A 578 21.83 20.23 7.09
CA ASN A 578 20.51 19.58 6.94
C ASN A 578 20.66 18.37 6.01
N TYR A 579 19.79 17.38 6.17
CA TYR A 579 19.75 16.13 5.36
C TYR A 579 18.30 15.81 5.02
N PRO A 580 18.02 14.98 3.98
CA PRO A 580 16.68 14.43 3.75
C PRO A 580 16.15 13.62 4.96
N ALA A 581 14.84 13.38 4.98
CA ALA A 581 14.10 12.76 6.11
C ALA A 581 14.56 11.31 6.35
N GLY A 582 15.11 10.64 5.34
CA GLY A 582 15.56 9.24 5.41
C GLY A 582 17.01 9.07 5.85
N ASP A 583 17.66 10.14 6.35
CA ASP A 583 19.09 10.13 6.77
C ASP A 583 19.19 10.10 8.30
N PRO A 584 19.85 9.08 8.91
CA PRO A 584 20.01 9.03 10.36
C PRO A 584 20.82 10.21 10.95
N ARG A 585 21.67 10.85 10.13
CA ARG A 585 22.44 12.08 10.50
C ARG A 585 21.47 13.20 10.91
N LEU A 586 20.28 13.26 10.30
CA LEU A 586 19.22 14.24 10.68
C LEU A 586 18.71 13.91 12.09
N ALA A 587 18.49 12.63 12.40
CA ALA A 587 18.09 12.14 13.74
C ALA A 587 19.16 12.57 14.76
N GLN A 588 20.43 12.34 14.44
CA GLN A 588 21.62 12.71 15.27
C GLN A 588 21.66 14.23 15.45
N ALA A 589 21.39 14.99 14.38
CA ALA A 589 21.28 16.46 14.40
C ALA A 589 20.23 16.88 15.45
N LYS A 590 19.03 16.30 15.38
CA LYS A 590 17.90 16.60 16.30
C LYS A 590 18.26 16.23 17.75
N LEU A 591 19.04 15.16 17.95
CA LEU A 591 19.56 14.78 19.30
C LEU A 591 20.46 15.90 19.82
N TRP A 592 21.37 16.39 18.96
CA TRP A 592 22.27 17.54 19.29
C TRP A 592 21.43 18.79 19.56
N GLU A 593 20.34 19.00 18.81
CA GLU A 593 19.41 20.15 18.98
C GLU A 593 18.77 20.09 20.38
N GLU A 594 18.29 18.92 20.78
CA GLU A 594 17.68 18.68 22.12
C GLU A 594 18.72 19.03 23.21
N ALA A 595 19.95 18.52 23.06
CA ALA A 595 21.07 18.78 24.01
C ALA A 595 21.40 20.29 24.05
N PHE A 596 21.40 20.94 22.88
CA PHE A 596 21.60 22.41 22.73
C PHE A 596 20.55 23.16 23.57
N LEU A 597 19.26 22.80 23.41
CA LEU A 597 18.13 23.43 24.16
C LEU A 597 18.31 23.23 25.67
N GLU A 598 18.67 22.02 26.11
CA GLU A 598 18.93 21.69 27.54
C GLU A 598 20.06 22.58 28.07
N GLU A 599 21.18 22.64 27.34
CA GLU A 599 22.36 23.48 27.69
C GLU A 599 21.94 24.95 27.77
N MET A 600 21.16 25.43 26.79
CA MET A 600 20.71 26.85 26.71
C MET A 600 19.76 27.17 27.87
N ARG A 601 18.87 26.25 28.23
CA ARG A 601 17.98 26.38 29.42
C ARG A 601 18.84 26.49 30.69
N ALA A 602 19.87 25.65 30.82
CA ALA A 602 20.85 25.69 31.94
C ALA A 602 21.50 27.08 32.00
N PHE A 603 21.98 27.59 30.85
CA PHE A 603 22.61 28.93 30.73
C PHE A 603 21.61 30.03 31.13
N GLN A 604 20.36 29.95 30.64
CA GLN A 604 19.29 30.95 30.94
C GLN A 604 19.00 30.98 32.45
N ARG A 605 18.91 29.80 33.08
CA ARG A 605 18.68 29.67 34.55
C ARG A 605 19.90 30.21 35.33
N ARG A 606 21.11 30.11 34.75
CA ARG A 606 22.37 30.60 35.36
C ARG A 606 22.34 32.13 35.45
N MET A 607 22.26 32.82 34.30
CA MET A 607 22.34 34.30 34.18
C MET A 607 20.92 34.88 34.24
N ALA A 608 20.57 35.54 35.36
CA ALA A 608 19.22 36.08 35.64
C ALA A 608 19.22 37.60 35.45
N GLY A 609 20.04 38.32 36.22
CA GLY A 609 20.13 39.79 36.22
C GLY A 609 21.23 40.33 35.31
N MET A 610 21.88 39.47 34.52
CA MET A 610 23.02 39.80 33.62
C MET A 610 22.53 39.85 32.18
N PHE A 611 21.96 38.74 31.69
CA PHE A 611 21.40 38.59 30.33
C PHE A 611 19.89 38.33 30.40
N GLN A 612 19.22 38.56 29.27
CA GLN A 612 17.83 38.14 28.99
C GLN A 612 17.86 37.24 27.75
N VAL A 613 18.22 35.98 27.96
CA VAL A 613 18.54 34.98 26.89
C VAL A 613 17.23 34.56 26.24
N THR A 614 17.18 34.56 24.91
CA THR A 614 16.06 34.02 24.10
C THR A 614 16.64 33.18 22.97
N PHE A 615 16.36 31.88 22.99
CA PHE A 615 16.98 30.84 22.13
C PHE A 615 15.88 30.06 21.41
N MET A 616 16.30 29.14 20.55
CA MET A 616 15.40 28.21 19.82
C MET A 616 16.26 27.04 19.32
N ALA A 617 15.71 26.25 18.40
CA ALA A 617 16.43 25.22 17.61
C ALA A 617 15.56 24.91 16.40
N GLU A 618 16.15 24.40 15.32
CA GLU A 618 15.41 24.08 14.06
C GLU A 618 14.28 23.10 14.36
N ARG A 619 14.40 22.30 15.43
CA ARG A 619 13.37 21.32 15.88
C ARG A 619 12.29 21.96 16.77
N SER A 620 12.50 23.19 17.28
CA SER A 620 11.71 23.79 18.39
C SER A 620 10.24 23.95 17.97
N LEU A 621 9.98 24.45 16.75
CA LEU A 621 8.60 24.74 16.26
C LEU A 621 7.82 23.43 16.11
N GLU A 622 8.41 22.42 15.45
CA GLU A 622 7.89 21.04 15.34
C GLU A 622 7.61 20.47 16.73
N ASP A 623 8.45 20.83 17.72
CA ASP A 623 8.35 20.36 19.13
C ASP A 623 7.21 21.08 19.86
N GLU A 624 6.97 22.37 19.57
CA GLU A 624 6.00 23.22 20.33
C GLU A 624 4.57 23.05 19.78
N ILE A 625 4.39 22.80 18.48
CA ILE A 625 3.03 22.58 17.87
C ILE A 625 2.54 21.17 18.21
N ASN A 626 3.44 20.20 18.42
CA ASN A 626 3.13 18.75 18.64
C ASN A 626 3.31 18.35 20.11
N ARG A 627 3.42 19.32 21.02
CA ARG A 627 3.54 19.09 22.50
C ARG A 627 2.16 19.21 23.15
N THR A 628 1.36 20.20 22.72
CA THR A 628 0.10 20.64 23.37
C THR A 628 -0.98 19.57 23.19
N THR A 629 -1.01 18.94 22.01
CA THR A 629 -2.06 17.96 21.59
C THR A 629 -2.25 16.88 22.66
N ALA A 630 -1.19 16.46 23.36
CA ALA A 630 -1.23 15.47 24.46
C ALA A 630 -1.61 16.14 25.79
N GLU A 631 -1.38 17.46 25.93
CA GLU A 631 -1.60 18.21 27.20
C GLU A 631 -3.07 18.60 27.34
N ASP A 632 -3.68 19.18 26.30
CA ASP A 632 -5.05 19.76 26.34
C ASP A 632 -6.08 18.80 25.70
N LEU A 633 -5.72 17.53 25.45
CA LEU A 633 -6.66 16.53 24.86
C LEU A 633 -7.67 16.06 25.91
N PRO A 634 -7.33 15.91 27.21
CA PRO A 634 -8.33 15.65 28.24
C PRO A 634 -9.47 16.68 28.33
N ILE A 635 -9.23 17.94 27.95
CA ILE A 635 -10.25 19.04 27.97
C ILE A 635 -11.35 18.73 26.94
N PHE A 636 -11.01 18.12 25.80
CA PHE A 636 -11.98 17.64 24.78
C PHE A 636 -12.76 16.44 25.36
N ALA A 637 -12.07 15.56 26.10
CA ALA A 637 -12.69 14.42 26.82
C ALA A 637 -13.72 14.94 27.82
N THR A 638 -13.50 16.14 28.38
CA THR A 638 -14.48 16.89 29.22
C THR A 638 -15.59 17.46 28.32
N SER A 639 -15.25 18.01 27.14
CA SER A 639 -16.21 18.57 26.15
C SER A 639 -17.32 17.56 25.82
N TYR A 640 -16.99 16.27 25.69
CA TYR A 640 -17.96 15.17 25.38
C TYR A 640 -18.93 15.00 26.55
N ILE A 641 -18.42 15.01 27.79
CA ILE A 641 -19.21 14.82 29.04
C ILE A 641 -20.18 16.01 29.20
N VAL A 642 -19.74 17.23 28.86
CA VAL A 642 -20.59 18.46 28.94
C VAL A 642 -21.80 18.29 28.01
N ILE A 643 -21.62 17.68 26.83
CA ILE A 643 -22.70 17.44 25.83
C ILE A 643 -23.57 16.26 26.28
N PHE A 644 -22.96 15.16 26.74
CA PHE A 644 -23.68 13.97 27.28
C PHE A 644 -24.66 14.43 28.38
N LEU A 645 -24.15 15.16 29.37
CA LEU A 645 -24.95 15.66 30.53
C LEU A 645 -26.13 16.50 30.01
N TYR A 646 -25.87 17.44 29.08
CA TYR A 646 -26.91 18.34 28.51
C TYR A 646 -28.01 17.52 27.83
N ILE A 647 -27.64 16.66 26.87
CA ILE A 647 -28.60 15.78 26.13
C ILE A 647 -29.35 14.90 27.14
N SER A 648 -28.68 14.43 28.19
CA SER A 648 -29.27 13.55 29.24
C SER A 648 -30.33 14.31 30.06
N LEU A 649 -30.07 15.58 30.42
CA LEU A 649 -30.96 16.37 31.32
C LEU A 649 -32.00 17.19 30.52
N ALA A 650 -31.82 17.37 29.21
CA ALA A 650 -32.68 18.23 28.35
C ALA A 650 -33.82 17.42 27.70
N LEU A 651 -33.70 16.09 27.62
CA LEU A 651 -34.72 15.18 26.98
C LEU A 651 -35.61 14.53 28.04
N GLY A 652 -35.13 14.40 29.29
CA GLY A 652 -35.89 13.83 30.42
C GLY A 652 -36.95 14.80 30.92
N SER A 653 -38.21 14.61 30.52
CA SER A 653 -39.36 15.44 30.95
C SER A 653 -39.68 15.16 32.42
N TYR A 654 -39.13 15.99 33.32
CA TYR A 654 -39.32 15.91 34.80
C TYR A 654 -40.47 16.85 35.19
N SER A 655 -41.62 16.28 35.52
CA SER A 655 -42.86 17.02 35.90
C SER A 655 -43.65 16.31 37.01
N SER A 656 -42.99 15.45 37.80
CA SER A 656 -43.59 14.68 38.93
C SER A 656 -42.72 14.75 40.18
N TRP A 657 -41.39 14.69 40.04
CA TRP A 657 -40.37 14.70 41.14
C TRP A 657 -40.46 13.40 41.97
N SER A 658 -41.21 12.40 41.49
CA SER A 658 -41.33 11.04 42.05
C SER A 658 -40.87 9.98 41.04
N ARG A 659 -40.82 10.32 39.75
CA ARG A 659 -40.46 9.40 38.63
C ARG A 659 -39.39 10.03 37.73
N VAL A 660 -38.64 11.04 38.21
CA VAL A 660 -37.49 11.64 37.46
C VAL A 660 -36.47 10.52 37.18
N MET A 661 -36.31 9.60 38.13
CA MET A 661 -35.32 8.49 38.06
C MET A 661 -35.81 7.36 37.14
N VAL A 662 -37.05 7.40 36.63
CA VAL A 662 -37.60 6.35 35.72
C VAL A 662 -37.58 6.81 34.25
N ASP A 663 -37.63 8.12 33.98
CA ASP A 663 -37.93 8.69 32.64
C ASP A 663 -36.77 9.51 32.06
N SER A 664 -35.86 10.06 32.88
CA SER A 664 -34.75 10.95 32.42
C SER A 664 -33.82 10.15 31.50
N LYS A 665 -33.66 10.60 30.25
CA LYS A 665 -33.01 9.84 29.15
C LYS A 665 -31.48 9.86 29.32
N ALA A 666 -30.95 8.98 30.18
CA ALA A 666 -29.49 8.78 30.39
C ALA A 666 -28.95 7.87 29.28
N THR A 667 -29.65 6.75 29.01
CA THR A 667 -29.28 5.71 28.01
C THR A 667 -29.18 6.36 26.62
N LEU A 668 -30.13 7.24 26.26
CA LEU A 668 -30.20 7.93 24.95
C LEU A 668 -28.99 8.87 24.77
N GLY A 669 -28.68 9.68 25.79
CA GLY A 669 -27.51 10.58 25.80
C GLY A 669 -26.23 9.80 25.64
N LEU A 670 -26.07 8.71 26.41
CA LEU A 670 -24.85 7.85 26.40
C LEU A 670 -24.73 7.18 25.03
N GLY A 671 -25.84 6.65 24.51
CA GLY A 671 -25.94 6.06 23.16
C GLY A 671 -25.55 7.05 22.08
N GLY A 672 -26.13 8.25 22.11
CA GLY A 672 -25.86 9.35 21.16
C GLY A 672 -24.38 9.68 21.09
N VAL A 673 -23.76 9.91 22.26
CA VAL A 673 -22.30 10.20 22.41
C VAL A 673 -21.50 9.01 21.86
N ALA A 674 -21.88 7.78 22.21
CA ALA A 674 -21.22 6.53 21.75
C ALA A 674 -21.28 6.43 20.22
N VAL A 675 -22.43 6.76 19.61
CA VAL A 675 -22.67 6.73 18.14
C VAL A 675 -21.69 7.70 17.46
N VAL A 676 -21.69 8.97 17.87
CA VAL A 676 -20.84 10.03 17.25
C VAL A 676 -19.35 9.70 17.44
N LEU A 677 -18.95 9.18 18.61
CA LEU A 677 -17.55 8.74 18.88
C LEU A 677 -17.20 7.54 18.00
N GLY A 678 -18.14 6.58 17.85
CA GLY A 678 -18.02 5.47 16.90
C GLY A 678 -17.78 5.95 15.48
N ALA A 679 -18.56 6.94 15.04
CA ALA A 679 -18.50 7.56 13.69
C ALA A 679 -17.12 8.19 13.44
N VAL A 680 -16.62 8.99 14.40
CA VAL A 680 -15.31 9.71 14.25
C VAL A 680 -14.17 8.68 14.26
N MET A 681 -14.24 7.67 15.15
CA MET A 681 -13.21 6.60 15.24
C MET A 681 -13.21 5.76 13.96
N ALA A 682 -14.40 5.46 13.41
CA ALA A 682 -14.56 4.73 12.12
C ALA A 682 -13.92 5.53 10.97
N ALA A 683 -14.18 6.84 10.90
CA ALA A 683 -13.64 7.77 9.87
C ALA A 683 -12.10 7.79 9.95
N MET A 684 -11.56 8.04 11.14
CA MET A 684 -10.08 8.11 11.40
C MET A 684 -9.44 6.76 11.07
N GLY A 685 -10.08 5.64 11.49
CA GLY A 685 -9.63 4.27 11.21
C GLY A 685 -9.56 3.98 9.71
N PHE A 686 -10.62 4.31 8.97
CA PHE A 686 -10.70 4.15 7.50
C PHE A 686 -9.56 4.93 6.83
N PHE A 687 -9.29 6.16 7.28
CA PHE A 687 -8.24 7.05 6.70
C PHE A 687 -6.85 6.68 7.23
N SER A 688 -6.76 5.89 8.30
CA SER A 688 -5.49 5.23 8.71
C SER A 688 -5.18 4.06 7.77
N TYR A 689 -6.21 3.31 7.34
CA TYR A 689 -6.07 2.13 6.43
C TYR A 689 -5.51 2.52 5.06
N LEU A 690 -5.93 3.66 4.49
CA LEU A 690 -5.47 4.13 3.16
C LEU A 690 -4.04 4.70 3.24
N GLY A 691 -3.44 4.74 4.45
CA GLY A 691 -2.05 5.20 4.65
C GLY A 691 -1.94 6.71 4.56
N ILE A 692 -3.05 7.45 4.68
CA ILE A 692 -3.07 8.93 4.73
C ILE A 692 -2.44 9.35 6.06
N ARG A 693 -1.34 10.10 6.00
CA ARG A 693 -0.58 10.58 7.18
C ARG A 693 -1.35 11.73 7.83
N SER A 694 -2.03 11.46 8.95
CA SER A 694 -2.87 12.41 9.71
C SER A 694 -2.10 12.87 10.96
N SER A 695 -1.82 14.18 11.05
CA SER A 695 -1.09 14.81 12.19
C SER A 695 -1.93 14.72 13.48
N LEU A 696 -1.31 15.07 14.60
CA LEU A 696 -1.97 15.11 15.94
C LEU A 696 -2.96 16.28 16.00
N VAL A 697 -2.62 17.42 15.39
CA VAL A 697 -3.41 18.68 15.48
C VAL A 697 -4.67 18.53 14.60
N ILE A 698 -4.70 17.52 13.72
CA ILE A 698 -5.89 17.14 12.88
C ILE A 698 -6.83 16.24 13.69
N LEU A 699 -6.31 15.19 14.34
CA LEU A 699 -7.11 14.24 15.16
C LEU A 699 -7.60 14.93 16.44
N GLN A 700 -6.98 16.06 16.82
CA GLN A 700 -7.31 16.85 18.03
C GLN A 700 -8.71 17.49 17.91
N VAL A 701 -9.12 17.91 16.70
CA VAL A 701 -10.30 18.80 16.50
C VAL A 701 -11.40 18.16 15.64
N VAL A 702 -11.12 17.13 14.83
CA VAL A 702 -12.15 16.42 14.00
C VAL A 702 -13.33 16.02 14.90
N PRO A 703 -13.12 15.28 16.01
CA PRO A 703 -14.24 14.72 16.76
C PRO A 703 -15.21 15.79 17.29
N PHE A 704 -14.65 16.93 17.71
CA PHE A 704 -15.42 18.09 18.22
C PHE A 704 -16.45 18.55 17.18
N LEU A 705 -15.99 18.86 15.95
CA LEU A 705 -16.88 19.39 14.88
C LEU A 705 -17.89 18.32 14.45
N VAL A 706 -17.46 17.06 14.35
CA VAL A 706 -18.37 15.93 13.96
C VAL A 706 -19.44 15.74 15.04
N LEU A 707 -19.06 15.85 16.33
CA LEU A 707 -20.03 15.72 17.46
C LEU A 707 -21.02 16.89 17.44
N SER A 708 -20.53 18.13 17.37
CA SER A 708 -21.34 19.37 17.35
C SER A 708 -22.32 19.36 16.16
N VAL A 709 -21.93 18.73 15.06
CA VAL A 709 -22.76 18.57 13.82
C VAL A 709 -23.72 17.39 13.98
N GLY A 710 -23.29 16.31 14.64
CA GLY A 710 -23.97 14.99 14.63
C GLY A 710 -24.70 14.64 15.92
N ALA A 711 -24.91 15.60 16.83
CA ALA A 711 -25.79 15.47 18.02
C ALA A 711 -27.15 16.15 17.75
N ASP A 712 -27.15 17.14 16.86
CA ASP A 712 -28.35 17.96 16.50
C ASP A 712 -29.44 17.05 15.91
N ASN A 713 -29.04 16.12 15.04
CA ASN A 713 -29.93 15.14 14.34
C ASN A 713 -30.65 14.27 15.38
N ILE A 714 -29.91 13.66 16.31
CA ILE A 714 -30.48 12.72 17.32
C ILE A 714 -31.38 13.51 18.27
N PHE A 715 -31.00 14.74 18.62
CA PHE A 715 -31.79 15.62 19.52
C PHE A 715 -33.14 15.93 18.87
N ILE A 716 -33.12 16.42 17.62
CA ILE A 716 -34.34 16.77 16.83
C ILE A 716 -35.23 15.51 16.70
N PHE A 717 -34.63 14.35 16.40
CA PHE A 717 -35.38 13.08 16.25
C PHE A 717 -36.10 12.75 17.56
N VAL A 718 -35.39 12.76 18.70
CA VAL A 718 -35.96 12.41 20.03
C VAL A 718 -37.07 13.41 20.38
N LEU A 719 -36.85 14.72 20.18
CA LEU A 719 -37.88 15.78 20.42
C LEU A 719 -39.14 15.46 19.63
N GLU A 720 -39.02 15.24 18.32
CA GLU A 720 -40.16 14.94 17.41
C GLU A 720 -40.89 13.69 17.90
N TYR A 721 -40.15 12.62 18.21
CA TYR A 721 -40.71 11.34 18.71
C TYR A 721 -41.51 11.59 20.00
N GLN A 722 -40.97 12.39 20.92
CA GLN A 722 -41.61 12.72 22.23
C GLN A 722 -42.85 13.59 22.01
N ARG A 723 -42.91 14.39 20.94
CA ARG A 723 -44.03 15.33 20.66
C ARG A 723 -45.15 14.68 19.83
N LEU A 724 -44.99 13.44 19.37
CA LEU A 724 -46.02 12.77 18.53
C LEU A 724 -47.10 12.17 19.41
N PRO A 725 -48.40 12.43 19.11
CA PRO A 725 -49.50 11.79 19.82
C PRO A 725 -49.65 10.35 19.33
N ARG A 726 -49.28 9.37 20.16
CA ARG A 726 -49.46 7.92 19.86
C ARG A 726 -50.95 7.67 19.61
N ARG A 727 -51.30 7.31 18.37
CA ARG A 727 -52.70 7.07 17.94
C ARG A 727 -53.23 5.84 18.69
N PRO A 728 -54.56 5.74 18.96
CA PRO A 728 -55.11 4.58 19.64
C PRO A 728 -54.94 3.28 18.83
N GLY A 729 -54.40 2.24 19.47
CA GLY A 729 -54.15 0.92 18.87
C GLY A 729 -53.00 0.95 17.87
N GLU A 730 -51.91 1.65 18.21
CA GLU A 730 -50.66 1.74 17.40
C GLU A 730 -49.50 1.31 18.29
N PRO A 731 -48.72 0.26 17.93
CA PRO A 731 -47.59 -0.18 18.74
C PRO A 731 -46.42 0.82 18.66
N ARG A 732 -45.46 0.70 19.59
CA ARG A 732 -44.34 1.67 19.75
C ARG A 732 -43.45 1.64 18.50
N GLU A 733 -43.34 0.49 17.83
CA GLU A 733 -42.49 0.28 16.62
C GLU A 733 -42.98 1.19 15.47
N VAL A 734 -44.29 1.17 15.19
CA VAL A 734 -44.93 2.00 14.13
C VAL A 734 -44.82 3.47 14.53
N HIS A 735 -44.97 3.79 15.83
CA HIS A 735 -44.87 5.16 16.39
C HIS A 735 -43.47 5.74 16.15
N ILE A 736 -42.42 4.98 16.47
CA ILE A 736 -40.99 5.38 16.27
C ILE A 736 -40.72 5.50 14.76
N GLY A 737 -41.16 4.51 13.98
CA GLY A 737 -41.12 4.55 12.51
C GLY A 737 -41.71 5.84 11.96
N ARG A 738 -42.90 6.22 12.45
CA ARG A 738 -43.65 7.42 12.01
C ARG A 738 -42.86 8.70 12.36
N ALA A 739 -42.35 8.79 13.60
CA ALA A 739 -41.50 9.91 14.07
C ALA A 739 -40.31 10.08 13.13
N LEU A 740 -39.57 9.00 12.88
CA LEU A 740 -38.40 8.98 11.97
C LEU A 740 -38.86 9.43 10.58
N GLY A 741 -39.97 8.89 10.07
CA GLY A 741 -40.59 9.29 8.79
C GLY A 741 -40.80 10.79 8.69
N ARG A 742 -41.27 11.42 9.76
CA ARG A 742 -41.54 12.88 9.82
C ARG A 742 -40.22 13.68 9.70
N VAL A 743 -39.20 13.34 10.52
CA VAL A 743 -37.96 14.16 10.65
C VAL A 743 -36.74 13.47 10.02
N ALA A 744 -36.95 12.60 9.01
CA ALA A 744 -35.87 11.97 8.22
C ALA A 744 -35.40 12.90 7.10
N PRO A 745 -36.30 13.51 6.28
CA PRO A 745 -35.88 14.39 5.19
C PRO A 745 -34.99 15.55 5.64
N SER A 746 -35.36 16.19 6.76
CA SER A 746 -34.64 17.34 7.36
C SER A 746 -33.26 16.90 7.88
N MET A 747 -33.19 15.75 8.56
CA MET A 747 -31.93 15.12 9.04
C MET A 747 -31.03 14.77 7.85
N LEU A 748 -31.59 14.13 6.81
CA LEU A 748 -30.82 13.76 5.59
C LEU A 748 -30.29 15.03 4.92
N LEU A 749 -31.14 16.04 4.74
CA LEU A 749 -30.74 17.35 4.14
C LEU A 749 -29.54 17.90 4.91
N CYS A 750 -29.66 18.03 6.24
CA CYS A 750 -28.61 18.52 7.16
C CYS A 750 -27.29 17.78 6.89
N SER A 751 -27.33 16.44 6.95
CA SER A 751 -26.14 15.55 6.80
C SER A 751 -25.53 15.68 5.39
N LEU A 752 -26.35 15.71 4.34
CA LEU A 752 -25.88 15.83 2.92
C LEU A 752 -25.22 17.21 2.71
N SER A 753 -25.87 18.29 3.18
CA SER A 753 -25.34 19.67 3.13
C SER A 753 -23.94 19.74 3.76
N GLU A 754 -23.80 19.19 4.97
CA GLU A 754 -22.52 19.23 5.76
C GLU A 754 -21.46 18.34 5.08
N ALA A 755 -21.81 17.12 4.68
CA ALA A 755 -20.90 16.19 3.97
C ALA A 755 -20.37 16.88 2.70
N ILE A 756 -21.28 17.33 1.82
CA ILE A 756 -20.92 18.04 0.55
C ILE A 756 -20.00 19.23 0.88
N CYS A 757 -20.40 20.07 1.83
CA CYS A 757 -19.63 21.29 2.24
C CYS A 757 -18.20 20.91 2.61
N PHE A 758 -18.01 19.93 3.51
CA PHE A 758 -16.66 19.46 3.97
C PHE A 758 -15.87 18.91 2.78
N PHE A 759 -16.49 18.09 1.92
CA PHE A 759 -15.82 17.43 0.76
C PHE A 759 -15.45 18.45 -0.32
N LEU A 760 -16.12 19.62 -0.38
CA LEU A 760 -15.77 20.75 -1.28
C LEU A 760 -14.75 21.67 -0.60
N GLY A 761 -14.81 21.79 0.74
CA GLY A 761 -13.77 22.44 1.57
C GLY A 761 -12.43 21.73 1.46
N ALA A 762 -12.43 20.43 1.16
CA ALA A 762 -11.23 19.57 1.02
C ALA A 762 -10.32 19.99 -0.14
N LEU A 763 -10.77 20.90 -1.03
CA LEU A 763 -9.98 21.37 -2.20
C LEU A 763 -8.90 22.40 -1.81
N THR A 764 -8.74 22.73 -0.51
CA THR A 764 -7.67 23.63 0.00
C THR A 764 -6.30 23.07 -0.39
N PRO A 765 -5.31 23.92 -0.71
CA PRO A 765 -3.97 23.45 -1.10
C PRO A 765 -3.23 22.71 0.02
N MET A 766 -3.45 23.09 1.28
CA MET A 766 -2.72 22.57 2.47
C MET A 766 -3.11 21.10 2.66
N PRO A 767 -2.14 20.16 2.87
CA PRO A 767 -2.49 18.77 3.19
C PRO A 767 -3.21 18.58 4.54
N ALA A 768 -2.94 19.44 5.53
CA ALA A 768 -3.51 19.38 6.90
C ALA A 768 -5.03 19.58 6.83
N VAL A 769 -5.48 20.71 6.29
CA VAL A 769 -6.92 21.08 6.15
C VAL A 769 -7.59 20.11 5.18
N ARG A 770 -6.90 19.67 4.12
CA ARG A 770 -7.41 18.66 3.15
C ARG A 770 -7.79 17.39 3.90
N THR A 771 -6.82 16.77 4.60
CA THR A 771 -7.01 15.54 5.41
C THR A 771 -8.16 15.75 6.41
N PHE A 772 -8.13 16.88 7.14
CA PHE A 772 -9.14 17.26 8.16
C PHE A 772 -10.54 17.30 7.55
N ALA A 773 -10.69 18.02 6.44
CA ALA A 773 -11.97 18.22 5.71
C ALA A 773 -12.53 16.87 5.26
N LEU A 774 -11.70 16.04 4.62
CA LEU A 774 -12.08 14.68 4.16
C LEU A 774 -12.51 13.84 5.37
N THR A 775 -11.76 13.90 6.49
CA THR A 775 -12.03 13.11 7.73
C THR A 775 -13.42 13.47 8.26
N SER A 776 -13.68 14.76 8.47
CA SER A 776 -14.96 15.31 9.00
C SER A 776 -16.12 14.95 8.05
N GLY A 777 -15.90 15.05 6.73
CA GLY A 777 -16.87 14.66 5.69
C GLY A 777 -17.30 13.22 5.83
N LEU A 778 -16.35 12.28 5.82
CA LEU A 778 -16.60 10.82 5.96
C LEU A 778 -17.25 10.53 7.31
N ALA A 779 -16.79 11.19 8.38
CA ALA A 779 -17.31 11.03 9.77
C ALA A 779 -18.80 11.42 9.83
N VAL A 780 -19.18 12.53 9.21
CA VAL A 780 -20.60 13.01 9.14
C VAL A 780 -21.44 11.98 8.36
N ILE A 781 -20.94 11.47 7.24
CA ILE A 781 -21.63 10.43 6.42
C ILE A 781 -21.91 9.21 7.31
N LEU A 782 -20.86 8.62 7.91
CA LEU A 782 -20.97 7.42 8.78
C LEU A 782 -21.86 7.70 9.98
N ASP A 783 -21.78 8.92 10.55
CA ASP A 783 -22.61 9.34 11.71
C ASP A 783 -24.10 9.27 11.32
N PHE A 784 -24.48 9.82 10.15
CA PHE A 784 -25.87 9.78 9.63
C PHE A 784 -26.31 8.32 9.43
N LEU A 785 -25.44 7.50 8.80
CA LEU A 785 -25.71 6.05 8.53
C LEU A 785 -25.89 5.30 9.86
N LEU A 786 -25.20 5.70 10.92
CA LEU A 786 -25.36 5.10 12.28
C LEU A 786 -26.64 5.61 12.95
N GLN A 787 -26.95 6.91 12.82
CA GLN A 787 -28.16 7.54 13.41
C GLN A 787 -29.43 6.91 12.84
N MET A 788 -29.42 6.45 11.59
CA MET A 788 -30.59 5.81 10.94
C MET A 788 -30.85 4.41 11.53
N SER A 789 -29.80 3.63 11.81
CA SER A 789 -29.90 2.20 12.24
C SER A 789 -29.69 2.08 13.76
N ALA A 790 -28.45 2.29 14.23
CA ALA A 790 -27.99 2.00 15.61
C ALA A 790 -28.80 2.78 16.64
N PHE A 791 -28.94 4.11 16.43
CA PHE A 791 -29.61 5.02 17.38
C PHE A 791 -31.12 4.76 17.43
N VAL A 792 -31.75 4.46 16.29
CA VAL A 792 -33.22 4.19 16.22
C VAL A 792 -33.50 2.88 16.97
N ALA A 793 -32.65 1.86 16.78
CA ALA A 793 -32.69 0.58 17.53
C ALA A 793 -32.59 0.86 19.04
N LEU A 794 -31.64 1.72 19.44
CA LEU A 794 -31.42 2.07 20.87
C LEU A 794 -32.62 2.85 21.42
N LEU A 795 -33.19 3.79 20.65
CA LEU A 795 -34.40 4.56 21.05
C LEU A 795 -35.57 3.61 21.25
N SER A 796 -35.72 2.61 20.38
CA SER A 796 -36.74 1.54 20.49
C SER A 796 -36.57 0.79 21.82
N LEU A 797 -35.34 0.36 22.14
CA LEU A 797 -35.02 -0.33 23.41
C LEU A 797 -35.37 0.58 24.60
N ASP A 798 -34.89 1.83 24.58
CA ASP A 798 -35.08 2.82 25.68
C ASP A 798 -36.59 3.06 25.90
N SER A 799 -37.34 3.31 24.83
CA SER A 799 -38.81 3.51 24.86
C SER A 799 -39.50 2.26 25.44
N LYS A 800 -39.05 1.06 25.06
CA LYS A 800 -39.57 -0.23 25.60
C LYS A 800 -39.35 -0.27 27.13
N ARG A 801 -38.19 0.18 27.61
CA ARG A 801 -37.87 0.25 29.07
C ARG A 801 -38.81 1.26 29.73
N GLN A 802 -39.07 2.41 29.07
CA GLN A 802 -40.02 3.46 29.55
C GLN A 802 -41.41 2.84 29.77
N GLU A 803 -41.95 2.16 28.76
CA GLU A 803 -43.31 1.53 28.81
C GLU A 803 -43.40 0.55 29.99
N ALA A 804 -42.29 -0.12 30.32
CA ALA A 804 -42.19 -1.10 31.42
C ALA A 804 -42.01 -0.40 32.78
N SER A 805 -41.78 0.92 32.80
CA SER A 805 -41.66 1.77 34.01
C SER A 805 -40.39 1.40 34.80
N ARG A 806 -39.31 1.03 34.11
CA ARG A 806 -37.98 0.71 34.70
C ARG A 806 -37.11 1.97 34.70
N LEU A 807 -36.10 2.02 35.58
CA LEU A 807 -35.33 3.25 35.90
C LEU A 807 -34.50 3.72 34.70
N ASP A 808 -33.97 4.94 34.79
CA ASP A 808 -33.32 5.72 33.69
C ASP A 808 -32.26 4.87 32.99
N VAL A 809 -31.19 4.53 33.71
CA VAL A 809 -29.98 3.83 33.17
C VAL A 809 -29.98 2.37 33.66
N CYS A 810 -30.18 2.16 34.96
CA CYS A 810 -30.29 0.81 35.58
C CYS A 810 -31.69 0.27 35.28
N CYS A 811 -31.82 -0.54 34.23
CA CYS A 811 -33.10 -1.12 33.73
C CYS A 811 -33.36 -2.49 34.39
N CYS A 812 -32.75 -2.75 35.56
CA CYS A 812 -32.82 -4.04 36.30
C CYS A 812 -33.44 -3.83 37.69
N VAL A 813 -34.19 -2.74 37.90
CA VAL A 813 -34.72 -2.32 39.23
C VAL A 813 -36.03 -3.07 39.52
N LYS A 814 -36.73 -3.54 38.47
CA LYS A 814 -37.99 -4.34 38.56
C LYS A 814 -39.04 -3.46 39.24
N PRO A 815 -39.82 -2.68 38.45
CA PRO A 815 -40.51 -1.48 38.97
C PRO A 815 -41.20 -1.66 40.32
N GLN A 816 -41.15 -0.62 41.16
CA GLN A 816 -41.70 -0.61 42.55
C GLN A 816 -43.22 -0.49 42.46
N GLU A 817 -43.87 0.04 43.51
CA GLU A 817 -45.32 0.41 43.49
C GLU A 817 -45.60 1.33 42.29
N LEU A 818 -46.76 1.16 41.66
CA LEU A 818 -47.12 1.76 40.35
C LEU A 818 -46.90 3.28 40.41
N PRO A 819 -45.89 3.84 39.69
CA PRO A 819 -45.68 5.29 39.66
C PRO A 819 -46.86 6.01 39.04
N PRO A 820 -47.15 7.28 39.41
CA PRO A 820 -48.27 8.03 38.83
C PRO A 820 -48.07 8.20 37.32
N PRO A 821 -49.14 8.07 36.49
CA PRO A 821 -49.00 8.12 35.04
C PRO A 821 -48.47 9.47 34.54
N GLY A 822 -47.61 9.43 33.51
CA GLY A 822 -46.85 10.60 33.00
C GLY A 822 -47.54 11.25 31.82
N GLN A 823 -48.20 12.39 32.05
CA GLN A 823 -48.86 13.22 31.01
C GLN A 823 -48.56 14.70 31.30
N GLY A 824 -47.90 15.39 30.37
CA GLY A 824 -47.49 16.80 30.48
C GLY A 824 -47.80 17.59 29.22
N GLU A 825 -47.32 18.83 29.17
CA GLU A 825 -47.54 19.79 28.04
C GLU A 825 -46.20 20.38 27.53
N GLY A 826 -45.07 20.03 28.15
CA GLY A 826 -43.75 20.59 27.84
C GLY A 826 -43.51 21.92 28.54
N LEU A 827 -42.30 22.12 29.09
CA LEU A 827 -41.88 23.36 29.80
C LEU A 827 -41.29 24.35 28.78
N LEU A 828 -40.37 23.89 27.94
CA LEU A 828 -39.72 24.68 26.85
C LEU A 828 -40.79 25.24 25.92
N LEU A 829 -41.65 24.37 25.38
CA LEU A 829 -42.77 24.74 24.46
C LEU A 829 -43.71 25.73 25.15
N GLY A 830 -44.09 25.43 26.40
CA GLY A 830 -44.90 26.32 27.26
C GLY A 830 -44.30 27.71 27.36
N PHE A 831 -43.03 27.79 27.79
CA PHE A 831 -42.26 29.05 27.94
C PHE A 831 -42.27 29.84 26.62
N PHE A 832 -41.95 29.18 25.51
CA PHE A 832 -41.90 29.80 24.15
C PHE A 832 -43.30 30.33 23.78
N GLN A 833 -44.32 29.49 23.84
CA GLN A 833 -45.72 29.82 23.45
C GLN A 833 -46.27 30.97 24.31
N LYS A 834 -45.85 31.06 25.58
CA LYS A 834 -46.33 32.10 26.52
C LYS A 834 -45.59 33.43 26.27
N ALA A 835 -44.25 33.40 26.19
CA ALA A 835 -43.38 34.61 26.20
C ALA A 835 -42.90 34.97 24.80
N TYR A 836 -42.19 34.06 24.12
CA TYR A 836 -41.30 34.38 22.97
C TYR A 836 -42.11 34.83 21.74
N ALA A 837 -42.92 33.94 21.17
CA ALA A 837 -43.63 34.12 19.88
C ALA A 837 -44.47 35.40 19.90
N PRO A 838 -45.26 35.71 20.96
CA PRO A 838 -45.93 37.01 21.06
C PRO A 838 -44.95 38.19 21.13
N PHE A 839 -43.83 38.05 21.84
CA PHE A 839 -42.79 39.10 22.02
C PHE A 839 -42.07 39.35 20.69
N LEU A 840 -41.62 38.30 20.00
CA LEU A 840 -40.87 38.40 18.71
C LEU A 840 -41.79 38.93 17.61
N LEU A 841 -42.94 38.26 17.38
CA LEU A 841 -43.89 38.57 16.29
C LEU A 841 -44.94 39.59 16.77
N HIS A 842 -44.60 40.45 17.74
CA HIS A 842 -45.41 41.62 18.14
C HIS A 842 -45.37 42.66 17.01
N TRP A 843 -46.34 43.57 16.99
CA TRP A 843 -46.44 44.70 16.01
C TRP A 843 -45.13 45.50 15.97
N ILE A 844 -44.47 45.69 17.12
CA ILE A 844 -43.31 46.62 17.30
C ILE A 844 -42.00 45.91 16.90
N THR A 845 -41.71 44.75 17.50
CA THR A 845 -40.38 44.09 17.47
C THR A 845 -40.01 43.63 16.06
N ARG A 846 -40.98 43.25 15.22
CA ARG A 846 -40.76 42.74 13.84
C ARG A 846 -40.00 43.79 13.02
N GLY A 847 -40.52 45.02 12.96
CA GLY A 847 -39.85 46.18 12.36
C GLY A 847 -38.48 46.42 12.96
N VAL A 848 -38.38 46.38 14.30
CA VAL A 848 -37.14 46.66 15.08
C VAL A 848 -36.05 45.68 14.64
N VAL A 849 -36.32 44.36 14.75
CA VAL A 849 -35.34 43.28 14.46
C VAL A 849 -35.02 43.28 12.95
N LEU A 850 -36.01 43.56 12.07
CA LEU A 850 -35.73 43.61 10.61
C LEU A 850 -34.72 44.73 10.32
N LEU A 851 -34.97 45.94 10.84
CA LEU A 851 -34.03 47.10 10.70
C LEU A 851 -32.68 46.76 11.35
N LEU A 852 -32.69 46.13 12.53
CA LEU A 852 -31.46 45.77 13.29
C LEU A 852 -30.58 44.82 12.45
N PHE A 853 -31.18 43.78 11.86
CA PHE A 853 -30.47 42.73 11.08
C PHE A 853 -30.01 43.29 9.73
N LEU A 854 -30.75 44.22 9.12
CA LEU A 854 -30.29 44.94 7.91
C LEU A 854 -29.07 45.80 8.28
N ALA A 855 -29.13 46.51 9.42
CA ALA A 855 -28.00 47.32 9.95
C ALA A 855 -26.79 46.43 10.22
N LEU A 856 -27.00 45.24 10.82
CA LEU A 856 -25.92 44.26 11.10
C LEU A 856 -25.26 43.83 9.78
N PHE A 857 -26.06 43.44 8.77
CA PHE A 857 -25.59 43.03 7.43
C PHE A 857 -24.76 44.17 6.80
N GLY A 858 -25.28 45.40 6.88
CA GLY A 858 -24.63 46.62 6.37
C GLY A 858 -23.26 46.86 7.00
N VAL A 859 -23.22 46.90 8.35
CA VAL A 859 -21.95 47.09 9.14
C VAL A 859 -20.96 45.98 8.79
N SER A 860 -21.42 44.73 8.75
CA SER A 860 -20.61 43.53 8.39
C SER A 860 -20.04 43.68 6.98
N LEU A 861 -20.88 44.07 6.01
CA LEU A 861 -20.46 44.23 4.58
C LEU A 861 -19.41 45.34 4.47
N TYR A 862 -19.47 46.37 5.32
CA TYR A 862 -18.43 47.43 5.44
C TYR A 862 -17.16 46.83 6.06
N SER A 863 -17.28 46.23 7.25
CA SER A 863 -16.13 45.77 8.10
C SER A 863 -15.39 44.58 7.46
N MET A 864 -16.00 43.88 6.49
CA MET A 864 -15.39 42.77 5.72
C MET A 864 -14.11 43.24 5.01
N CYS A 865 -14.12 44.45 4.44
CA CYS A 865 -13.01 45.00 3.60
C CYS A 865 -11.76 45.27 4.44
N HIS A 866 -11.89 45.41 5.77
CA HIS A 866 -10.78 45.57 6.74
C HIS A 866 -10.33 44.18 7.25
N ILE A 867 -10.15 43.22 6.34
CA ILE A 867 -9.73 41.82 6.67
C ILE A 867 -8.21 41.72 6.46
N SER A 868 -7.54 40.92 7.29
CA SER A 868 -6.08 40.65 7.24
C SER A 868 -5.85 39.19 6.82
N VAL A 869 -5.38 38.98 5.58
CA VAL A 869 -5.02 37.64 5.04
C VAL A 869 -3.66 37.24 5.63
N GLY A 870 -3.56 36.02 6.18
CA GLY A 870 -2.29 35.40 6.60
C GLY A 870 -2.34 34.84 8.01
N LEU A 871 -2.12 33.52 8.14
CA LEU A 871 -1.84 32.82 9.42
C LEU A 871 -0.36 33.07 9.77
N ASP A 872 -0.06 34.22 10.38
CA ASP A 872 1.32 34.58 10.84
C ASP A 872 1.73 33.64 11.98
N GLN A 873 3.04 33.45 12.15
CA GLN A 873 3.65 32.67 13.26
C GLN A 873 3.29 33.35 14.58
N GLU A 874 3.55 32.67 15.71
CA GLU A 874 3.14 33.05 17.09
C GLU A 874 1.69 32.59 17.35
N LEU A 875 1.00 32.01 16.35
CA LEU A 875 -0.40 31.49 16.47
C LEU A 875 -0.36 29.96 16.59
N ALA A 876 0.44 29.26 15.80
CA ALA A 876 0.65 27.79 15.89
C ALA A 876 1.10 27.40 17.31
N LEU A 877 1.75 28.33 18.03
CA LEU A 877 2.38 28.11 19.35
C LEU A 877 1.35 28.29 20.46
N PRO A 878 1.58 27.68 21.66
CA PRO A 878 0.88 28.07 22.88
C PRO A 878 1.22 29.50 23.32
N LYS A 879 0.63 29.94 24.43
CA LYS A 879 0.86 31.30 25.01
C LYS A 879 2.05 31.26 25.99
N ASP A 880 2.55 30.08 26.39
CA ASP A 880 3.58 29.90 27.43
C ASP A 880 4.91 29.43 26.84
N SER A 881 5.04 29.33 25.51
CA SER A 881 6.24 28.82 24.79
C SER A 881 7.33 29.90 24.76
N TYR A 882 8.59 29.49 24.95
CA TYR A 882 9.82 30.34 24.83
C TYR A 882 9.95 30.90 23.40
N LEU A 883 9.47 30.16 22.40
CA LEU A 883 9.49 30.58 20.97
C LEU A 883 8.73 31.91 20.77
N LEU A 884 7.71 32.19 21.59
CA LEU A 884 7.00 33.50 21.59
C LEU A 884 8.01 34.62 21.88
N ASP A 885 8.78 34.49 22.97
CA ASP A 885 9.84 35.46 23.36
C ASP A 885 10.88 35.55 22.23
N TYR A 886 11.31 34.40 21.68
CA TYR A 886 12.31 34.35 20.58
C TYR A 886 11.79 35.14 19.38
N PHE A 887 10.54 34.93 18.98
CA PHE A 887 9.92 35.58 17.78
C PHE A 887 9.72 37.08 18.05
N LEU A 888 9.39 37.47 19.27
CA LEU A 888 9.39 38.90 19.71
C LEU A 888 10.79 39.50 19.46
N PHE A 889 11.85 38.80 19.89
CA PHE A 889 13.26 39.25 19.75
C PHE A 889 13.66 39.31 18.27
N LEU A 890 13.28 38.31 17.46
CA LEU A 890 13.51 38.33 15.99
C LEU A 890 12.87 39.58 15.37
N ASN A 891 11.57 39.78 15.60
CA ASN A 891 10.77 40.86 14.98
C ASN A 891 11.16 42.23 15.52
N ARG A 892 11.86 42.31 16.67
CA ARG A 892 12.26 43.59 17.31
C ARG A 892 13.71 43.93 17.00
N TYR A 893 14.64 42.97 17.06
CA TYR A 893 16.11 43.24 17.14
C TYR A 893 16.88 42.93 15.83
N PHE A 894 16.41 42.01 14.99
CA PHE A 894 17.13 41.62 13.74
C PHE A 894 17.14 42.77 12.74
N GLU A 895 18.15 42.78 11.86
CA GLU A 895 18.40 43.86 10.86
C GLU A 895 18.26 43.34 9.42
N VAL A 896 18.37 42.02 9.19
CA VAL A 896 18.00 41.37 7.89
C VAL A 896 17.28 40.06 8.20
N GLY A 897 16.12 39.82 7.57
CA GLY A 897 15.28 38.64 7.80
C GLY A 897 15.90 37.38 7.22
N ALA A 898 15.08 36.51 6.61
CA ALA A 898 15.53 35.29 5.90
C ALA A 898 16.38 35.70 4.70
N PRO A 899 17.49 34.99 4.39
CA PRO A 899 18.28 35.26 3.19
C PRO A 899 17.64 34.60 1.96
N VAL A 900 17.41 35.38 0.90
CA VAL A 900 16.77 34.89 -0.36
C VAL A 900 17.88 34.50 -1.35
N TYR A 901 17.63 33.45 -2.13
CA TYR A 901 18.56 32.90 -3.15
C TYR A 901 17.90 33.01 -4.53
N PHE A 902 18.40 33.94 -5.37
CA PHE A 902 17.94 34.12 -6.78
C PHE A 902 18.58 33.01 -7.62
N VAL A 903 18.04 31.79 -7.48
CA VAL A 903 18.55 30.56 -8.15
C VAL A 903 18.32 30.72 -9.66
N THR A 904 19.38 30.57 -10.45
CA THR A 904 19.34 30.60 -11.94
C THR A 904 19.24 29.14 -12.43
N THR A 905 18.15 28.79 -13.14
CA THR A 905 17.93 27.44 -13.72
C THR A 905 19.02 27.14 -14.75
N LEU A 906 19.06 25.91 -15.26
CA LEU A 906 19.95 25.50 -16.37
C LEU A 906 19.51 26.20 -17.67
N GLY A 907 20.45 26.33 -18.63
CA GLY A 907 20.23 26.92 -19.96
C GLY A 907 20.74 28.36 -20.04
N TYR A 908 21.86 28.65 -19.37
CA TYR A 908 22.62 29.93 -19.51
C TYR A 908 24.10 29.62 -19.73
N ASN A 909 24.66 30.16 -20.81
CA ASN A 909 26.08 30.00 -21.22
C ASN A 909 26.90 31.08 -20.51
N PHE A 910 27.25 30.85 -19.25
CA PHE A 910 28.06 31.75 -18.39
C PHE A 910 29.46 31.94 -18.97
N SER A 911 30.00 30.92 -19.67
CA SER A 911 31.36 30.91 -20.26
C SER A 911 31.48 31.93 -21.41
N SER A 912 30.36 32.36 -21.99
CA SER A 912 30.32 33.36 -23.10
C SER A 912 30.64 34.77 -22.59
N GLU A 913 30.76 35.73 -23.50
CA GLU A 913 31.15 37.15 -23.22
C GLU A 913 29.92 37.93 -22.73
N ALA A 914 28.85 37.96 -23.55
CA ALA A 914 27.54 38.57 -23.22
C ALA A 914 26.90 37.85 -22.02
N GLY A 915 27.21 36.55 -21.86
CA GLY A 915 26.82 35.73 -20.69
C GLY A 915 27.31 36.32 -19.39
N MET A 916 28.61 36.60 -19.29
CA MET A 916 29.26 37.23 -18.11
C MET A 916 28.85 38.70 -17.99
N ASN A 917 28.63 39.39 -19.12
CA ASN A 917 28.30 40.85 -19.15
C ASN A 917 27.01 41.10 -18.37
N ALA A 918 25.95 40.32 -18.61
CA ALA A 918 24.58 40.56 -18.09
C ALA A 918 24.42 40.13 -16.63
N ILE A 919 25.47 39.58 -15.99
CA ILE A 919 25.46 39.14 -14.55
C ILE A 919 26.44 39.99 -13.73
N CYS A 920 27.55 40.44 -14.34
CA CYS A 920 28.54 41.41 -13.77
C CYS A 920 27.86 42.73 -13.41
N SER A 921 28.44 43.48 -12.46
CA SER A 921 27.97 44.80 -11.97
C SER A 921 29.05 45.89 -12.06
N SER A 922 30.32 45.53 -12.24
CA SER A 922 31.49 46.45 -12.21
C SER A 922 31.55 47.27 -13.52
N ALA A 923 32.67 47.96 -13.77
CA ALA A 923 32.95 48.67 -15.04
C ALA A 923 33.33 47.64 -16.12
N GLY A 924 32.87 47.86 -17.36
CA GLY A 924 33.13 46.99 -18.52
C GLY A 924 31.88 46.21 -18.95
N CYS A 925 31.11 45.71 -17.97
CA CYS A 925 29.88 44.91 -18.19
C CYS A 925 28.68 45.84 -18.43
N ASN A 926 27.67 45.36 -19.15
CA ASN A 926 26.51 46.16 -19.64
C ASN A 926 25.71 46.72 -18.45
N ASN A 927 25.01 47.83 -18.68
CA ASN A 927 24.18 48.53 -17.65
C ASN A 927 22.86 47.77 -17.46
N PHE A 928 22.27 47.88 -16.26
CA PHE A 928 20.99 47.24 -15.85
C PHE A 928 21.12 45.72 -15.96
N SER A 929 22.20 45.19 -15.40
CA SER A 929 22.52 43.74 -15.30
C SER A 929 21.86 43.15 -14.06
N PHE A 930 21.99 41.83 -13.86
CA PHE A 930 21.42 41.05 -12.74
C PHE A 930 21.71 41.73 -11.40
N THR A 931 22.99 41.75 -11.01
CA THR A 931 23.49 42.25 -9.70
C THR A 931 23.16 43.74 -9.55
N GLN A 932 23.33 44.52 -10.63
CA GLN A 932 23.03 45.98 -10.67
C GLN A 932 21.54 46.19 -10.39
N LYS A 933 20.67 45.36 -10.97
CA LYS A 933 19.19 45.45 -10.80
C LYS A 933 18.82 45.17 -9.34
N ILE A 934 19.39 44.12 -8.74
CA ILE A 934 19.16 43.76 -7.31
C ILE A 934 19.71 44.89 -6.42
N GLN A 935 20.93 45.37 -6.72
CA GLN A 935 21.59 46.50 -6.00
C GLN A 935 20.72 47.76 -6.08
N TYR A 936 20.08 48.01 -7.23
CA TYR A 936 19.13 49.13 -7.43
C TYR A 936 17.85 48.89 -6.63
N ALA A 937 17.36 47.64 -6.60
CA ALA A 937 16.12 47.23 -5.88
C ALA A 937 16.27 47.49 -4.38
N THR A 938 17.43 47.17 -3.80
CA THR A 938 17.71 47.30 -2.34
C THR A 938 17.88 48.77 -1.91
N GLU A 939 17.77 49.75 -2.83
CA GLU A 939 17.76 51.20 -2.49
C GLU A 939 16.52 51.54 -1.67
N PHE A 940 15.34 51.08 -2.10
CA PHE A 940 14.02 51.29 -1.45
C PHE A 940 13.56 49.97 -0.83
N PRO A 941 13.87 49.69 0.46
CA PRO A 941 13.54 48.40 1.08
C PRO A 941 12.04 48.21 1.34
N GLU A 942 11.26 49.29 1.38
CA GLU A 942 9.79 49.27 1.64
C GLU A 942 9.05 48.76 0.40
N GLN A 943 9.38 49.31 -0.79
CA GLN A 943 8.74 48.93 -2.09
C GLN A 943 9.19 47.53 -2.49
N SER A 944 10.51 47.27 -2.47
CA SER A 944 11.12 45.95 -2.78
C SER A 944 11.76 45.38 -1.50
N TYR A 945 11.24 44.25 -1.01
CA TYR A 945 11.68 43.60 0.26
C TYR A 945 13.02 42.89 0.02
N LEU A 946 14.08 43.66 -0.23
CA LEU A 946 15.51 43.26 -0.18
C LEU A 946 16.28 44.37 0.54
N ALA A 947 16.90 44.08 1.68
CA ALA A 947 17.62 45.06 2.53
C ALA A 947 19.09 45.16 2.13
N ILE A 948 19.67 44.11 1.52
CA ILE A 948 21.12 44.04 1.20
C ILE A 948 21.32 43.47 -0.21
N PRO A 949 22.28 43.98 -1.01
CA PRO A 949 22.50 43.51 -2.38
C PRO A 949 22.93 42.03 -2.49
N ALA A 950 22.85 41.48 -3.70
CA ALA A 950 23.21 40.08 -4.02
C ALA A 950 24.73 39.93 -4.07
N SER A 951 25.29 38.99 -3.29
CA SER A 951 26.71 38.59 -3.32
C SER A 951 26.95 37.73 -4.57
N SER A 952 27.28 38.38 -5.69
CA SER A 952 27.49 37.74 -7.02
C SER A 952 28.86 37.04 -7.05
N TRP A 953 28.90 35.85 -7.65
CA TRP A 953 30.13 35.00 -7.76
C TRP A 953 30.92 35.38 -9.02
N VAL A 954 30.25 35.80 -10.10
CA VAL A 954 30.92 36.20 -11.39
C VAL A 954 31.75 37.47 -11.14
N ASP A 955 31.24 38.42 -10.35
CA ASP A 955 31.95 39.69 -10.00
C ASP A 955 33.24 39.37 -9.25
N ASP A 956 33.16 38.58 -8.17
CA ASP A 956 34.31 38.17 -7.34
C ASP A 956 35.22 37.23 -8.15
N PHE A 957 34.68 36.49 -9.13
CA PHE A 957 35.46 35.65 -10.07
C PHE A 957 36.31 36.55 -10.99
N ILE A 958 35.68 37.48 -11.71
CA ILE A 958 36.39 38.37 -12.69
C ILE A 958 37.37 39.27 -11.93
N ASP A 959 37.07 39.63 -10.68
CA ASP A 959 38.00 40.37 -9.77
C ASP A 959 39.13 39.43 -9.32
N TRP A 960 38.87 38.12 -9.20
CA TRP A 960 39.89 37.10 -8.84
C TRP A 960 40.89 36.92 -10.01
N LEU A 961 40.43 37.06 -11.25
CA LEU A 961 41.26 36.95 -12.48
C LEU A 961 42.00 38.26 -12.78
N THR A 962 41.74 39.34 -12.03
CA THR A 962 42.53 40.60 -12.08
C THR A 962 43.98 40.26 -11.73
N PRO A 963 45.00 40.70 -12.52
CA PRO A 963 46.39 40.43 -12.20
C PRO A 963 46.83 41.20 -10.94
N SER A 964 46.50 40.64 -9.77
CA SER A 964 46.84 41.16 -8.42
C SER A 964 47.37 40.03 -7.53
N SER A 965 48.05 39.04 -8.14
CA SER A 965 48.76 37.91 -7.49
C SER A 965 47.76 37.03 -6.70
N CYS A 966 46.64 36.66 -7.33
CA CYS A 966 45.65 35.68 -6.80
C CYS A 966 45.78 34.36 -7.55
N CYS A 967 45.61 34.39 -8.87
CA CYS A 967 45.74 33.22 -9.78
C CYS A 967 47.08 33.31 -10.53
N ARG A 968 47.86 32.22 -10.51
CA ARG A 968 49.18 32.10 -11.18
C ARG A 968 49.34 30.67 -11.71
N LEU A 969 50.22 30.48 -12.70
CA LEU A 969 50.59 29.16 -13.28
C LEU A 969 52.10 28.93 -13.12
N TYR A 970 52.49 27.68 -12.85
CA TYR A 970 53.91 27.25 -12.76
C TYR A 970 54.53 27.27 -14.17
N ILE A 971 55.77 27.75 -14.26
CA ILE A 971 56.56 27.91 -15.53
C ILE A 971 57.51 26.73 -15.70
N SER A 972 57.96 26.11 -14.60
CA SER A 972 58.87 24.93 -14.56
C SER A 972 58.42 23.98 -13.44
N GLY A 973 59.23 22.96 -13.14
CA GLY A 973 59.00 21.98 -12.05
C GLY A 973 58.21 20.77 -12.56
N PRO A 974 58.02 19.72 -11.73
CA PRO A 974 57.21 18.56 -12.12
C PRO A 974 55.69 18.80 -12.15
N ASN A 975 55.23 19.99 -11.73
CA ASN A 975 53.79 20.39 -11.64
C ASN A 975 53.47 21.35 -12.80
N LYS A 976 53.88 21.01 -14.02
CA LYS A 976 53.65 21.87 -15.22
C LYS A 976 52.20 21.74 -15.68
N ASP A 977 51.67 22.80 -16.28
CA ASP A 977 50.29 22.86 -16.86
C ASP A 977 49.27 22.63 -15.75
N LYS A 978 49.36 23.41 -14.66
CA LYS A 978 48.35 23.44 -13.57
C LYS A 978 48.40 24.80 -12.87
N PHE A 979 47.48 25.02 -11.94
CA PHE A 979 47.33 26.23 -11.11
C PHE A 979 48.44 26.28 -10.05
N CYS A 980 48.96 27.49 -9.78
CA CYS A 980 49.83 27.80 -8.62
C CYS A 980 48.97 28.43 -7.53
N PRO A 981 48.68 27.72 -6.41
CA PRO A 981 47.96 28.32 -5.28
C PRO A 981 48.69 29.55 -4.73
N SER A 982 47.95 30.63 -4.44
CA SER A 982 48.48 31.95 -3.99
C SER A 982 49.19 31.82 -2.63
N THR A 983 48.92 30.75 -1.88
CA THR A 983 49.54 30.45 -0.56
C THR A 983 51.07 30.36 -0.66
N VAL A 984 51.61 29.81 -1.75
CA VAL A 984 53.09 29.71 -1.98
C VAL A 984 53.57 31.03 -2.58
N ASN A 985 54.88 31.34 -2.45
CA ASN A 985 55.52 32.57 -2.95
C ASN A 985 56.89 32.26 -3.58
N SER A 986 57.05 31.05 -4.13
CA SER A 986 58.29 30.59 -4.81
C SER A 986 58.44 31.34 -6.14
N LEU A 987 59.65 31.36 -6.71
CA LEU A 987 59.96 32.06 -7.99
C LEU A 987 59.58 31.19 -9.19
N ASN A 988 58.81 30.10 -8.99
CA ASN A 988 58.52 29.05 -10.00
C ASN A 988 57.14 29.29 -10.65
N CYS A 989 56.32 30.24 -10.15
CA CYS A 989 54.99 30.58 -10.72
C CYS A 989 54.73 32.09 -10.62
N LEU A 990 55.71 32.92 -11.03
CA LEU A 990 55.57 34.40 -11.05
C LEU A 990 54.75 34.86 -12.28
N LYS A 991 54.47 33.96 -13.22
CA LYS A 991 53.55 34.21 -14.36
C LYS A 991 52.14 34.46 -13.82
N ASN A 992 51.54 35.60 -14.19
CA ASN A 992 50.14 35.99 -13.88
C ASN A 992 49.17 34.97 -14.49
N CYS A 993 47.92 34.95 -14.00
CA CYS A 993 46.85 34.00 -14.42
C CYS A 993 46.61 34.10 -15.93
N MET A 994 46.48 35.32 -16.45
CA MET A 994 45.97 35.62 -17.82
C MET A 994 46.97 36.46 -18.61
N SER A 995 46.62 36.83 -19.85
CA SER A 995 47.43 37.65 -20.79
C SER A 995 47.48 39.10 -20.33
N ILE A 996 48.08 40.00 -21.15
CA ILE A 996 48.10 41.47 -20.95
C ILE A 996 46.70 41.98 -20.59
N THR A 997 46.63 42.93 -19.66
CA THR A 997 45.40 43.66 -19.25
C THR A 997 45.56 45.15 -19.62
N MET A 998 44.55 45.72 -20.26
CA MET A 998 44.43 47.19 -20.55
C MET A 998 42.99 47.65 -20.33
N GLY A 999 42.00 46.90 -20.84
CA GLY A 999 40.56 47.18 -20.70
C GLY A 999 39.92 46.36 -19.60
N SER A 1000 39.05 45.41 -19.97
CA SER A 1000 38.19 44.60 -19.05
C SER A 1000 38.63 43.14 -19.06
N VAL A 1001 38.70 42.50 -17.88
CA VAL A 1001 39.04 41.06 -17.71
C VAL A 1001 37.85 40.24 -18.25
N ARG A 1002 37.97 39.73 -19.47
CA ARG A 1002 36.95 38.87 -20.13
C ARG A 1002 37.63 37.60 -20.62
N PRO A 1003 37.72 36.54 -19.76
CA PRO A 1003 38.31 35.27 -20.16
C PRO A 1003 37.45 34.56 -21.21
N SER A 1004 38.08 33.98 -22.23
CA SER A 1004 37.43 33.14 -23.29
C SER A 1004 36.90 31.84 -22.65
N VAL A 1005 36.20 31.03 -23.44
CA VAL A 1005 35.49 29.79 -23.00
C VAL A 1005 36.49 28.87 -22.27
N GLU A 1006 37.63 28.58 -22.92
CA GLU A 1006 38.70 27.69 -22.38
C GLU A 1006 39.26 28.27 -21.07
N GLN A 1007 39.48 29.59 -21.03
CA GLN A 1007 40.05 30.31 -19.85
C GLN A 1007 39.04 30.19 -18.70
N PHE A 1008 37.75 30.43 -19.00
CA PHE A 1008 36.63 30.34 -18.03
C PHE A 1008 36.57 28.92 -17.44
N HIS A 1009 36.49 27.90 -18.30
CA HIS A 1009 36.41 26.47 -17.92
C HIS A 1009 37.63 26.04 -17.09
N LYS A 1010 38.82 26.59 -17.39
CA LYS A 1010 40.09 26.20 -16.70
C LYS A 1010 40.27 26.99 -15.40
N TYR A 1011 39.67 28.19 -15.25
CA TYR A 1011 39.89 29.08 -14.09
C TYR A 1011 38.73 28.99 -13.07
N LEU A 1012 37.55 28.49 -13.43
CA LEU A 1012 36.37 28.52 -12.51
C LEU A 1012 36.56 27.54 -11.35
N PRO A 1013 36.80 26.23 -11.58
CA PRO A 1013 36.96 25.27 -10.47
C PRO A 1013 38.13 25.61 -9.53
N TRP A 1014 39.14 26.33 -10.03
CA TRP A 1014 40.25 26.90 -9.22
C TRP A 1014 39.69 28.02 -8.33
N PHE A 1015 38.77 28.85 -8.84
CA PHE A 1015 38.12 29.94 -8.07
C PHE A 1015 37.29 29.34 -6.94
N LEU A 1016 36.43 28.37 -7.26
CA LEU A 1016 35.46 27.76 -6.30
C LEU A 1016 36.18 26.95 -5.21
N ASN A 1017 37.52 26.83 -5.26
CA ASN A 1017 38.33 26.17 -4.20
C ASN A 1017 39.51 27.05 -3.73
N ASP A 1018 39.62 28.30 -4.21
CA ASP A 1018 40.69 29.23 -3.77
C ASP A 1018 40.28 29.81 -2.41
N ARG A 1019 40.67 29.13 -1.32
CA ARG A 1019 40.43 29.59 0.08
C ARG A 1019 41.05 30.98 0.23
N PRO A 1020 40.34 31.95 0.83
CA PRO A 1020 40.90 33.30 0.99
C PRO A 1020 42.08 33.27 1.96
N ASN A 1021 43.12 34.06 1.66
CA ASN A 1021 44.37 34.22 2.47
C ASN A 1021 44.72 35.71 2.52
N ILE A 1022 45.81 36.07 3.20
CA ILE A 1022 46.24 37.48 3.42
C ILE A 1022 46.77 38.06 2.10
N LYS A 1023 47.28 37.21 1.19
CA LYS A 1023 47.89 37.62 -0.12
C LYS A 1023 46.88 38.45 -0.91
N CYS A 1024 45.69 37.90 -1.19
CA CYS A 1024 44.51 38.65 -1.68
C CYS A 1024 43.24 38.07 -1.06
N PRO A 1025 42.38 38.87 -0.39
CA PRO A 1025 41.20 38.34 0.31
C PRO A 1025 40.13 37.71 -0.60
N LYS A 1026 40.16 37.98 -1.90
CA LYS A 1026 39.25 37.37 -2.92
C LYS A 1026 39.51 35.87 -2.98
N GLY A 1027 38.43 35.10 -3.20
CA GLY A 1027 38.45 33.62 -3.19
C GLY A 1027 37.05 33.05 -3.20
N GLY A 1028 36.80 32.06 -4.06
CA GLY A 1028 35.46 31.48 -4.31
C GLY A 1028 34.98 30.62 -3.17
N LEU A 1029 35.88 29.89 -2.48
CA LEU A 1029 35.53 28.91 -1.42
C LEU A 1029 34.80 29.61 -0.26
N ALA A 1030 35.15 30.87 0.04
CA ALA A 1030 34.63 31.66 1.18
C ALA A 1030 33.09 31.63 1.21
N ALA A 1031 32.44 32.06 0.13
CA ALA A 1031 30.96 32.25 0.07
C ALA A 1031 30.33 31.72 -1.24
N TYR A 1032 31.11 31.16 -2.18
CA TYR A 1032 30.61 30.68 -3.50
C TYR A 1032 30.96 29.20 -3.75
N SER A 1033 31.58 28.50 -2.79
CA SER A 1033 32.03 27.09 -2.91
C SER A 1033 30.85 26.19 -3.34
N THR A 1034 29.67 26.44 -2.77
CA THR A 1034 28.43 25.63 -2.94
C THR A 1034 27.38 26.40 -3.75
N SER A 1035 27.66 27.64 -4.18
CA SER A 1035 26.70 28.54 -4.89
C SER A 1035 26.82 28.37 -6.42
N VAL A 1036 27.58 27.38 -6.89
CA VAL A 1036 27.68 27.01 -8.34
C VAL A 1036 27.73 25.48 -8.42
N ASN A 1037 26.82 24.89 -9.22
CA ASN A 1037 26.80 23.44 -9.50
C ASN A 1037 27.56 23.19 -10.81
N LEU A 1038 28.69 22.47 -10.72
CA LEU A 1038 29.55 22.09 -11.87
C LEU A 1038 29.37 20.60 -12.17
N THR A 1039 29.12 20.27 -13.44
CA THR A 1039 29.12 18.88 -13.98
C THR A 1039 30.58 18.47 -14.23
N SER A 1040 30.80 17.18 -14.53
CA SER A 1040 32.14 16.56 -14.72
C SER A 1040 32.88 17.22 -15.91
N ASP A 1041 32.14 17.60 -16.96
CA ASP A 1041 32.70 18.21 -18.20
C ASP A 1041 33.19 19.63 -17.94
N GLY A 1042 32.60 20.32 -16.93
CA GLY A 1042 32.94 21.70 -16.54
C GLY A 1042 31.89 22.72 -16.98
N GLN A 1043 30.62 22.30 -17.05
CA GLN A 1043 29.47 23.19 -17.38
C GLN A 1043 28.74 23.57 -16.09
N VAL A 1044 28.50 24.87 -15.91
CA VAL A 1044 27.68 25.43 -14.79
C VAL A 1044 26.22 25.07 -15.07
N LEU A 1045 25.70 24.03 -14.40
CA LEU A 1045 24.27 23.64 -14.48
C LEU A 1045 23.43 24.83 -14.00
N THR A 1046 23.55 25.16 -12.72
CA THR A 1046 22.79 26.24 -12.03
C THR A 1046 23.74 27.02 -11.12
N SER A 1047 23.31 28.23 -10.74
CA SER A 1047 24.09 29.14 -9.86
C SER A 1047 23.11 30.07 -9.11
N ARG A 1048 23.25 30.14 -7.79
CA ARG A 1048 22.35 30.94 -6.90
C ARG A 1048 23.09 32.20 -6.43
N PHE A 1049 22.33 33.27 -6.18
CA PHE A 1049 22.82 34.58 -5.69
C PHE A 1049 22.09 34.93 -4.39
N MET A 1050 22.85 35.18 -3.32
CA MET A 1050 22.37 35.36 -1.93
C MET A 1050 22.05 36.84 -1.70
N ALA A 1051 20.78 37.16 -1.45
CA ALA A 1051 20.30 38.48 -0.97
C ALA A 1051 19.51 38.29 0.32
N TYR A 1052 19.34 39.38 1.08
CA TYR A 1052 18.73 39.38 2.44
C TYR A 1052 17.45 40.21 2.41
N HIS A 1053 16.31 39.58 2.74
CA HIS A 1053 15.03 40.27 3.01
C HIS A 1053 15.20 41.14 4.26
N LYS A 1054 14.66 42.36 4.23
CA LYS A 1054 14.51 43.26 5.42
C LYS A 1054 13.73 42.50 6.50
N PRO A 1055 13.85 42.87 7.80
CA PRO A 1055 13.16 42.15 8.87
C PRO A 1055 11.67 41.94 8.61
N LEU A 1056 11.27 40.70 8.32
CA LEU A 1056 9.87 40.28 8.01
C LEU A 1056 9.19 39.88 9.33
N LYS A 1057 8.07 40.53 9.67
CA LYS A 1057 7.43 40.49 11.02
C LYS A 1057 6.04 39.86 10.91
N ASN A 1058 5.14 40.46 10.13
CA ASN A 1058 3.75 39.97 9.90
C ASN A 1058 3.80 38.82 8.87
N SER A 1059 2.64 38.22 8.56
CA SER A 1059 2.46 37.28 7.42
C SER A 1059 2.25 38.05 6.13
N GLN A 1060 1.59 39.22 6.21
CA GLN A 1060 1.44 40.17 5.07
C GLN A 1060 2.83 40.50 4.52
N ASP A 1061 3.78 40.87 5.40
CA ASP A 1061 5.18 41.22 5.04
C ASP A 1061 5.83 40.04 4.29
N TYR A 1062 5.73 38.82 4.81
CA TYR A 1062 6.27 37.58 4.19
C TYR A 1062 5.70 37.40 2.78
N THR A 1063 4.37 37.58 2.62
CA THR A 1063 3.66 37.37 1.33
C THR A 1063 4.06 38.46 0.33
N GLU A 1064 4.05 39.73 0.74
CA GLU A 1064 4.43 40.88 -0.12
C GLU A 1064 5.91 40.76 -0.52
N ALA A 1065 6.77 40.29 0.41
CA ALA A 1065 8.21 40.04 0.19
C ALA A 1065 8.40 38.99 -0.91
N LEU A 1066 7.70 37.85 -0.80
CA LEU A 1066 7.71 36.77 -1.83
C LEU A 1066 7.22 37.35 -3.17
N ARG A 1067 6.12 38.11 -3.17
CA ARG A 1067 5.50 38.69 -4.41
C ARG A 1067 6.49 39.63 -5.09
N ALA A 1068 7.08 40.58 -4.33
CA ALA A 1068 8.04 41.59 -4.84
C ALA A 1068 9.30 40.89 -5.38
N ALA A 1069 9.80 39.88 -4.66
CA ALA A 1069 10.95 39.05 -5.05
C ALA A 1069 10.65 38.38 -6.41
N ARG A 1070 9.50 37.71 -6.52
CA ARG A 1070 9.04 36.99 -7.75
C ARG A 1070 8.98 37.97 -8.93
N GLU A 1071 8.33 39.12 -8.73
CA GLU A 1071 8.22 40.22 -9.73
C GLU A 1071 9.63 40.63 -10.20
N LEU A 1072 10.56 40.82 -9.26
CA LEU A 1072 11.96 41.26 -9.56
C LEU A 1072 12.67 40.17 -10.38
N ALA A 1073 12.54 38.90 -10.00
CA ALA A 1073 13.11 37.73 -10.70
C ALA A 1073 12.57 37.67 -12.14
N ALA A 1074 11.25 37.87 -12.31
CA ALA A 1074 10.56 37.90 -13.62
C ALA A 1074 11.10 39.06 -14.49
N ASN A 1075 11.24 40.24 -13.91
CA ASN A 1075 11.77 41.39 -14.63
C ASN A 1075 13.19 41.14 -15.11
N ILE A 1076 13.97 40.47 -14.26
CA ILE A 1076 15.39 40.13 -14.59
C ILE A 1076 15.44 39.08 -15.73
N THR A 1077 14.58 38.05 -15.67
CA THR A 1077 14.51 36.98 -16.71
C THR A 1077 14.09 37.58 -18.06
N ALA A 1078 13.17 38.55 -18.04
CA ALA A 1078 12.70 39.30 -19.24
C ALA A 1078 13.89 39.94 -19.98
N ASP A 1079 14.94 40.34 -19.25
CA ASP A 1079 16.18 40.95 -19.80
C ASP A 1079 17.21 39.86 -20.12
N LEU A 1080 17.33 38.83 -19.28
CA LEU A 1080 18.39 37.77 -19.43
C LEU A 1080 18.06 36.83 -20.60
N ARG A 1081 16.79 36.70 -20.98
CA ARG A 1081 16.35 35.85 -22.12
C ARG A 1081 16.76 36.49 -23.46
N LYS A 1082 17.13 37.78 -23.48
CA LYS A 1082 17.56 38.52 -24.69
C LYS A 1082 19.00 38.18 -25.08
N VAL A 1083 19.80 37.62 -24.15
CA VAL A 1083 21.18 37.14 -24.44
C VAL A 1083 21.09 36.03 -25.47
N PRO A 1084 21.85 36.08 -26.59
CA PRO A 1084 21.84 34.99 -27.58
C PRO A 1084 22.45 33.69 -27.02
N GLY A 1085 21.69 32.59 -27.11
CA GLY A 1085 22.13 31.22 -26.71
C GLY A 1085 21.57 30.77 -25.37
N THR A 1086 20.58 31.49 -24.82
CA THR A 1086 19.86 31.13 -23.56
C THR A 1086 18.59 30.38 -23.94
N ASP A 1087 18.43 29.13 -23.48
CA ASP A 1087 17.21 28.30 -23.66
C ASP A 1087 16.03 29.06 -23.05
N PRO A 1088 14.98 29.44 -23.81
CA PRO A 1088 13.84 30.18 -23.26
C PRO A 1088 13.13 29.55 -22.04
N ALA A 1089 13.39 28.28 -21.73
CA ALA A 1089 12.96 27.59 -20.49
C ALA A 1089 13.79 28.07 -19.28
N PHE A 1090 14.94 28.72 -19.51
CA PHE A 1090 15.79 29.32 -18.45
C PHE A 1090 14.99 30.41 -17.72
N GLU A 1091 14.88 30.29 -16.39
CA GLU A 1091 14.21 31.26 -15.50
C GLU A 1091 14.97 31.35 -14.17
N VAL A 1092 14.92 32.52 -13.55
CA VAL A 1092 15.49 32.86 -12.22
C VAL A 1092 14.29 33.00 -11.29
N PHE A 1093 14.32 32.36 -10.12
CA PHE A 1093 13.23 32.41 -9.11
C PHE A 1093 13.85 32.69 -7.75
N PRO A 1094 13.24 33.60 -6.93
CA PRO A 1094 13.83 34.02 -5.67
C PRO A 1094 13.49 33.06 -4.53
N TYR A 1095 14.25 31.96 -4.43
CA TYR A 1095 14.04 30.92 -3.38
C TYR A 1095 14.52 31.45 -2.03
N THR A 1096 13.67 31.36 -1.01
CA THR A 1096 14.00 31.47 0.43
C THR A 1096 13.39 30.26 1.14
N ILE A 1097 13.63 30.12 2.45
CA ILE A 1097 13.23 28.91 3.23
C ILE A 1097 11.73 28.93 3.54
N THR A 1098 11.14 30.12 3.79
CA THR A 1098 9.73 30.30 4.23
C THR A 1098 8.82 30.61 3.02
N ASN A 1099 9.10 30.03 1.85
CA ASN A 1099 8.32 30.26 0.60
C ASN A 1099 7.26 29.18 0.43
N VAL A 1100 7.49 27.97 0.94
CA VAL A 1100 6.55 26.82 0.81
C VAL A 1100 5.31 27.07 1.70
N PHE A 1101 5.40 27.99 2.67
CA PHE A 1101 4.32 28.32 3.65
C PHE A 1101 3.51 29.55 3.22
N TYR A 1102 4.16 30.66 2.88
CA TYR A 1102 3.52 31.98 2.62
C TYR A 1102 3.36 32.25 1.12
N GLU A 1103 3.08 31.22 0.31
CA GLU A 1103 2.82 31.37 -1.14
C GLU A 1103 1.31 31.47 -1.42
N GLN A 1104 0.48 30.77 -0.65
CA GLN A 1104 -0.98 30.64 -0.91
C GLN A 1104 -1.66 32.01 -0.75
N TYR A 1105 -1.20 32.81 0.22
CA TYR A 1105 -1.82 34.11 0.61
C TYR A 1105 -1.70 35.14 -0.53
N LEU A 1106 -0.91 34.85 -1.57
CA LEU A 1106 -0.96 35.57 -2.87
C LEU A 1106 -2.38 35.48 -3.43
N THR A 1107 -2.93 34.26 -3.53
CA THR A 1107 -4.20 33.95 -4.26
C THR A 1107 -5.08 33.02 -3.42
N ILE A 1108 -5.29 33.32 -2.13
CA ILE A 1108 -6.22 32.55 -1.25
C ILE A 1108 -7.63 33.15 -1.35
N LEU A 1109 -7.74 34.44 -1.69
CA LEU A 1109 -9.05 35.16 -1.75
C LEU A 1109 -9.89 34.66 -2.94
N PRO A 1110 -9.35 34.59 -4.18
CA PRO A 1110 -10.09 33.97 -5.30
C PRO A 1110 -10.50 32.50 -5.04
N GLU A 1111 -9.58 31.68 -4.55
CA GLU A 1111 -9.79 30.24 -4.26
C GLU A 1111 -10.87 30.08 -3.18
N GLY A 1112 -10.75 30.85 -2.09
CA GLY A 1112 -11.72 30.85 -0.97
C GLY A 1112 -13.10 31.27 -1.40
N LEU A 1113 -13.20 32.39 -2.13
CA LEU A 1113 -14.49 32.95 -2.64
C LEU A 1113 -15.15 31.93 -3.57
N PHE A 1114 -14.37 31.32 -4.46
CA PHE A 1114 -14.84 30.25 -5.40
C PHE A 1114 -15.40 29.07 -4.62
N MET A 1115 -14.69 28.63 -3.58
CA MET A 1115 -15.06 27.45 -2.74
C MET A 1115 -16.39 27.74 -2.02
N LEU A 1116 -16.56 28.96 -1.50
CA LEU A 1116 -17.80 29.35 -0.76
C LEU A 1116 -19.00 29.45 -1.70
N SER A 1117 -18.81 29.96 -2.92
CA SER A 1117 -19.86 30.01 -3.98
C SER A 1117 -20.23 28.58 -4.39
N LEU A 1118 -19.23 27.71 -4.59
CA LEU A 1118 -19.42 26.30 -5.00
C LEU A 1118 -20.00 25.46 -3.85
N CYS A 1119 -19.97 25.96 -2.60
CA CYS A 1119 -20.64 25.34 -1.43
C CYS A 1119 -22.06 25.89 -1.25
N LEU A 1120 -22.31 27.15 -1.63
CA LEU A 1120 -23.66 27.78 -1.52
C LEU A 1120 -24.62 27.23 -2.59
N VAL A 1121 -24.13 26.93 -3.79
CA VAL A 1121 -24.97 26.44 -4.93
C VAL A 1121 -25.59 25.08 -4.58
N PRO A 1122 -24.81 24.00 -4.35
CA PRO A 1122 -25.37 22.64 -4.25
C PRO A 1122 -26.17 22.40 -2.97
N THR A 1123 -25.79 23.05 -1.86
CA THR A 1123 -26.53 23.08 -0.57
C THR A 1123 -27.97 23.55 -0.84
N PHE A 1124 -28.12 24.71 -1.48
CA PHE A 1124 -29.44 25.31 -1.85
C PHE A 1124 -30.18 24.35 -2.80
N ALA A 1125 -29.47 23.83 -3.81
CA ALA A 1125 -30.02 22.92 -4.84
C ALA A 1125 -30.61 21.66 -4.17
N VAL A 1126 -29.87 21.06 -3.22
CA VAL A 1126 -30.33 19.87 -2.43
C VAL A 1126 -31.45 20.30 -1.48
N SER A 1127 -31.33 21.47 -0.83
CA SER A 1127 -32.32 22.04 0.13
C SER A 1127 -33.72 22.12 -0.51
N CYS A 1128 -33.81 22.65 -1.73
CA CYS A 1128 -35.09 22.79 -2.50
C CYS A 1128 -35.31 21.60 -3.44
N LEU A 1129 -34.87 20.41 -3.02
CA LEU A 1129 -35.31 19.09 -3.58
C LEU A 1129 -35.76 18.17 -2.43
N LEU A 1130 -34.98 18.11 -1.34
CA LEU A 1130 -35.20 17.19 -0.20
C LEU A 1130 -36.42 17.63 0.62
N LEU A 1131 -36.58 18.95 0.86
CA LEU A 1131 -37.73 19.51 1.63
C LEU A 1131 -38.97 19.67 0.74
N GLY A 1132 -38.85 19.46 -0.57
CA GLY A 1132 -39.93 19.66 -1.56
C GLY A 1132 -40.39 21.11 -1.56
N LEU A 1133 -39.45 22.05 -1.41
CA LEU A 1133 -39.74 23.50 -1.18
C LEU A 1133 -39.88 24.22 -2.52
N ASP A 1134 -40.65 25.31 -2.51
CA ASP A 1134 -40.83 26.23 -3.66
C ASP A 1134 -39.62 27.16 -3.75
N LEU A 1135 -39.65 28.15 -4.66
CA LEU A 1135 -38.55 29.14 -4.85
C LEU A 1135 -38.72 30.33 -3.89
N ARG A 1136 -39.96 30.68 -3.51
CA ARG A 1136 -40.26 31.77 -2.56
C ARG A 1136 -39.65 31.49 -1.18
N SER A 1137 -39.47 30.21 -0.83
CA SER A 1137 -38.80 29.73 0.41
C SER A 1137 -37.28 29.58 0.17
N GLY A 1138 -36.90 28.98 -0.96
CA GLY A 1138 -35.51 28.73 -1.37
C GLY A 1138 -34.66 29.99 -1.38
N LEU A 1139 -35.21 31.09 -1.92
CA LEU A 1139 -34.52 32.41 -1.99
C LEU A 1139 -34.31 32.98 -0.58
N LEU A 1140 -35.30 32.84 0.31
CA LEU A 1140 -35.19 33.26 1.74
C LEU A 1140 -34.13 32.41 2.44
N ASN A 1141 -34.10 31.10 2.19
CA ASN A 1141 -33.05 30.18 2.70
C ASN A 1141 -31.68 30.73 2.27
N LEU A 1142 -31.45 30.83 0.95
CA LEU A 1142 -30.15 31.27 0.39
C LEU A 1142 -29.76 32.64 0.96
N LEU A 1143 -30.71 33.58 1.02
CA LEU A 1143 -30.48 34.95 1.59
C LEU A 1143 -29.97 34.81 3.03
N SER A 1144 -30.66 34.01 3.86
CA SER A 1144 -30.32 33.79 5.30
C SER A 1144 -28.92 33.21 5.44
N ILE A 1145 -28.54 32.24 4.58
CA ILE A 1145 -27.20 31.58 4.60
C ILE A 1145 -26.14 32.64 4.26
N VAL A 1146 -26.35 33.39 3.17
CA VAL A 1146 -25.42 34.48 2.68
C VAL A 1146 -25.28 35.54 3.78
N MET A 1147 -26.39 35.92 4.43
CA MET A 1147 -26.40 36.96 5.49
C MET A 1147 -25.56 36.48 6.69
N ILE A 1148 -25.78 35.23 7.14
CA ILE A 1148 -24.97 34.59 8.21
C ILE A 1148 -23.48 34.64 7.82
N LEU A 1149 -23.16 34.27 6.57
CA LEU A 1149 -21.75 34.14 6.11
C LEU A 1149 -21.08 35.52 6.09
N VAL A 1150 -21.72 36.53 5.52
CA VAL A 1150 -21.20 37.93 5.46
C VAL A 1150 -21.01 38.43 6.90
N ASP A 1151 -22.01 38.24 7.78
CA ASP A 1151 -21.96 38.64 9.21
C ASP A 1151 -20.77 37.96 9.90
N THR A 1152 -20.57 36.65 9.67
CA THR A 1152 -19.43 35.86 10.21
C THR A 1152 -18.11 36.51 9.77
N VAL A 1153 -17.93 36.77 8.46
CA VAL A 1153 -16.68 37.32 7.88
C VAL A 1153 -16.44 38.73 8.46
N GLY A 1154 -17.48 39.55 8.58
CA GLY A 1154 -17.42 40.89 9.17
C GLY A 1154 -16.86 40.86 10.58
N PHE A 1155 -17.44 40.03 11.45
CA PHE A 1155 -17.05 39.90 12.88
C PHE A 1155 -15.71 39.17 12.99
N MET A 1156 -15.38 38.30 12.03
CA MET A 1156 -14.07 37.58 11.93
C MET A 1156 -12.95 38.61 11.73
N ALA A 1157 -13.11 39.53 10.76
CA ALA A 1157 -12.17 40.62 10.47
C ALA A 1157 -12.15 41.63 11.63
N LEU A 1158 -13.30 41.86 12.27
CA LEU A 1158 -13.45 42.87 13.36
C LEU A 1158 -12.76 42.39 14.64
N TRP A 1159 -13.06 41.17 15.11
CA TRP A 1159 -12.47 40.56 16.34
C TRP A 1159 -10.94 40.61 16.24
N GLY A 1160 -10.39 40.31 15.06
CA GLY A 1160 -8.94 40.23 14.79
C GLY A 1160 -8.50 38.84 14.36
N ILE A 1161 -9.43 38.01 13.86
CA ILE A 1161 -9.15 36.66 13.28
C ILE A 1161 -8.73 36.87 11.82
N SER A 1162 -7.59 36.29 11.42
CA SER A 1162 -7.05 36.38 10.04
C SER A 1162 -7.79 35.40 9.13
N TYR A 1163 -7.53 35.48 7.82
CA TYR A 1163 -8.19 34.64 6.77
C TYR A 1163 -7.13 33.77 6.08
N ASN A 1164 -7.29 32.45 6.16
CA ASN A 1164 -6.36 31.43 5.62
C ASN A 1164 -7.12 30.10 5.51
N ALA A 1165 -6.43 29.00 5.20
CA ALA A 1165 -6.98 27.64 4.98
C ALA A 1165 -7.86 27.20 6.16
N VAL A 1166 -7.47 27.53 7.40
CA VAL A 1166 -8.17 27.13 8.66
C VAL A 1166 -9.51 27.87 8.73
N SER A 1167 -9.47 29.20 8.62
CA SER A 1167 -10.68 30.08 8.59
C SER A 1167 -11.57 29.66 7.41
N LEU A 1168 -10.97 29.28 6.28
CA LEU A 1168 -11.71 28.86 5.06
C LEU A 1168 -12.52 27.59 5.35
N ILE A 1169 -11.90 26.56 5.93
CA ILE A 1169 -12.62 25.27 6.22
C ILE A 1169 -13.71 25.54 7.27
N ASN A 1170 -13.49 26.49 8.18
CA ASN A 1170 -14.50 26.88 9.21
C ASN A 1170 -15.67 27.61 8.55
N LEU A 1171 -15.41 28.54 7.61
CA LEU A 1171 -16.48 29.26 6.87
C LEU A 1171 -17.29 28.27 6.01
N VAL A 1172 -16.63 27.26 5.44
CA VAL A 1172 -17.28 26.19 4.62
C VAL A 1172 -18.17 25.34 5.55
N SER A 1173 -17.66 24.94 6.72
CA SER A 1173 -18.42 24.23 7.78
C SER A 1173 -19.61 25.08 8.25
N ALA A 1174 -19.44 26.40 8.32
CA ALA A 1174 -20.50 27.38 8.67
C ALA A 1174 -21.63 27.35 7.64
N VAL A 1175 -21.29 27.40 6.34
CA VAL A 1175 -22.25 27.29 5.20
C VAL A 1175 -23.01 25.96 5.34
N GLY A 1176 -22.29 24.88 5.66
CA GLY A 1176 -22.87 23.54 5.89
C GLY A 1176 -23.82 23.50 7.08
N MET A 1177 -23.43 24.11 8.21
CA MET A 1177 -24.16 24.01 9.50
C MET A 1177 -25.40 24.90 9.50
N SER A 1178 -25.28 26.17 9.08
CA SER A 1178 -26.33 27.22 9.18
C SER A 1178 -27.67 26.75 8.58
N VAL A 1179 -27.64 25.80 7.64
CA VAL A 1179 -28.82 25.06 7.10
C VAL A 1179 -29.66 24.50 8.25
N GLU A 1180 -29.03 23.95 9.29
CA GLU A 1180 -29.70 23.41 10.51
C GLU A 1180 -30.63 24.49 11.10
N PHE A 1181 -30.14 25.73 11.25
CA PHE A 1181 -30.89 26.86 11.85
C PHE A 1181 -32.00 27.34 10.92
N VAL A 1182 -31.77 27.30 9.60
CA VAL A 1182 -32.63 27.98 8.57
C VAL A 1182 -33.71 27.02 8.05
N SER A 1183 -33.32 25.84 7.55
CA SER A 1183 -34.17 24.90 6.76
C SER A 1183 -35.37 24.43 7.58
N HIS A 1184 -35.16 24.09 8.86
CA HIS A 1184 -36.19 23.59 9.81
C HIS A 1184 -37.35 24.60 9.91
N ILE A 1185 -37.04 25.87 10.17
CA ILE A 1185 -38.04 26.98 10.37
C ILE A 1185 -38.74 27.24 9.03
N THR A 1186 -37.98 27.29 7.93
CA THR A 1186 -38.53 27.53 6.56
C THR A 1186 -39.54 26.43 6.21
N ARG A 1187 -39.21 25.16 6.46
CA ARG A 1187 -40.11 24.00 6.20
C ARG A 1187 -41.33 24.09 7.14
N SER A 1188 -41.10 24.25 8.44
CA SER A 1188 -42.18 24.30 9.48
C SER A 1188 -43.16 25.43 9.17
N PHE A 1189 -42.73 26.48 8.47
CA PHE A 1189 -43.61 27.56 7.96
C PHE A 1189 -44.29 27.13 6.65
N ALA A 1190 -43.59 26.42 5.77
CA ALA A 1190 -44.11 25.92 4.46
C ALA A 1190 -45.34 25.03 4.70
N ILE A 1191 -45.19 23.97 5.51
CA ILE A 1191 -46.28 23.00 5.84
C ILE A 1191 -47.07 23.53 7.04
N SER A 1192 -47.93 24.54 6.79
CA SER A 1192 -48.73 25.24 7.83
C SER A 1192 -50.02 25.80 7.21
N THR A 1193 -51.12 25.77 7.97
CA THR A 1193 -52.51 25.98 7.49
C THR A 1193 -53.26 27.01 8.35
N LYS A 1194 -52.56 27.88 9.09
CA LYS A 1194 -53.18 28.96 9.89
C LYS A 1194 -53.66 30.06 8.93
N PRO A 1195 -54.75 30.79 9.25
CA PRO A 1195 -55.37 31.72 8.30
C PRO A 1195 -54.45 32.85 7.82
N THR A 1196 -53.78 33.53 8.76
CA THR A 1196 -52.91 34.71 8.53
C THR A 1196 -51.44 34.33 8.72
N TRP A 1197 -50.54 35.07 8.06
CA TRP A 1197 -49.07 34.81 8.04
C TRP A 1197 -48.47 34.88 9.44
N LEU A 1198 -48.99 35.78 10.30
CA LEU A 1198 -48.50 35.96 11.69
C LEU A 1198 -48.70 34.66 12.49
N GLU A 1199 -49.86 34.03 12.36
CA GLU A 1199 -50.22 32.76 13.08
C GLU A 1199 -49.36 31.60 12.56
N ARG A 1200 -49.10 31.56 11.25
CA ARG A 1200 -48.19 30.56 10.61
C ARG A 1200 -46.77 30.70 11.19
N ALA A 1201 -46.27 31.95 11.27
CA ALA A 1201 -44.95 32.28 11.83
C ALA A 1201 -44.90 31.92 13.31
N LYS A 1202 -45.98 32.26 14.05
CA LYS A 1202 -46.14 31.94 15.50
C LYS A 1202 -45.94 30.44 15.72
N GLU A 1203 -46.77 29.60 15.08
CA GLU A 1203 -46.75 28.11 15.30
C GLU A 1203 -45.42 27.52 14.79
N ALA A 1204 -44.91 27.99 13.64
CA ALA A 1204 -43.62 27.55 13.06
C ALA A 1204 -42.49 27.82 14.05
N THR A 1205 -42.41 29.07 14.55
CA THR A 1205 -41.47 29.51 15.61
C THR A 1205 -41.57 28.56 16.81
N ILE A 1206 -42.78 28.41 17.38
CA ILE A 1206 -43.01 27.67 18.66
C ILE A 1206 -42.47 26.25 18.53
N SER A 1207 -43.02 25.46 17.60
CA SER A 1207 -42.67 24.01 17.43
C SER A 1207 -41.20 23.89 17.02
N MET A 1208 -40.87 24.35 15.81
CA MET A 1208 -39.59 23.99 15.16
C MET A 1208 -38.45 24.91 15.67
N GLY A 1209 -38.75 26.15 16.06
CA GLY A 1209 -37.79 27.04 16.74
C GLY A 1209 -37.37 26.50 18.09
N SER A 1210 -38.30 25.89 18.85
CA SER A 1210 -38.00 25.18 20.13
C SER A 1210 -37.03 24.03 19.84
N ALA A 1211 -37.31 23.23 18.82
CA ALA A 1211 -36.44 22.11 18.37
C ALA A 1211 -35.06 22.63 17.97
N VAL A 1212 -35.01 23.64 17.10
CA VAL A 1212 -33.75 24.25 16.57
C VAL A 1212 -32.91 24.77 17.74
N PHE A 1213 -33.46 25.69 18.54
CA PHE A 1213 -32.77 26.31 19.71
C PHE A 1213 -32.21 25.21 20.61
N ALA A 1214 -33.09 24.45 21.27
CA ALA A 1214 -32.78 23.50 22.36
C ALA A 1214 -31.80 22.43 21.86
N GLY A 1215 -32.05 21.89 20.66
CA GLY A 1215 -31.13 20.91 20.03
C GLY A 1215 -29.85 21.56 19.57
N VAL A 1216 -29.92 22.29 18.44
CA VAL A 1216 -28.75 22.72 17.63
C VAL A 1216 -27.87 23.67 18.45
N ALA A 1217 -28.43 24.80 18.91
CA ALA A 1217 -27.66 25.91 19.53
C ALA A 1217 -27.00 25.44 20.83
N MET A 1218 -27.74 24.71 21.67
CA MET A 1218 -27.27 24.25 23.02
C MET A 1218 -26.65 22.85 22.95
N THR A 1219 -26.40 22.30 21.75
CA THR A 1219 -25.42 21.19 21.53
C THR A 1219 -24.15 21.72 20.85
N ASN A 1220 -24.19 22.93 20.28
CA ASN A 1220 -22.99 23.62 19.73
C ASN A 1220 -22.26 24.35 20.88
N LEU A 1221 -22.99 25.15 21.68
CA LEU A 1221 -22.38 26.14 22.62
C LEU A 1221 -21.70 25.43 23.80
N PRO A 1222 -22.36 24.49 24.54
CA PRO A 1222 -21.66 23.76 25.61
C PRO A 1222 -20.46 22.94 25.13
N GLY A 1223 -20.41 22.59 23.83
CA GLY A 1223 -19.22 22.01 23.18
C GLY A 1223 -18.15 23.07 22.92
N ILE A 1224 -18.53 24.19 22.31
CA ILE A 1224 -17.60 25.29 21.85
C ILE A 1224 -16.94 25.94 23.08
N LEU A 1225 -17.73 26.34 24.07
CA LEU A 1225 -17.26 27.10 25.27
C LEU A 1225 -16.13 26.35 26.01
N VAL A 1226 -16.00 25.03 25.80
CA VAL A 1226 -14.93 24.19 26.38
C VAL A 1226 -13.62 24.38 25.59
N LEU A 1227 -13.69 24.53 24.27
CA LEU A 1227 -12.50 24.76 23.39
C LEU A 1227 -11.74 26.03 23.81
N GLY A 1228 -12.43 26.98 24.45
CA GLY A 1228 -11.84 28.24 24.98
C GLY A 1228 -10.75 28.02 26.04
N LEU A 1229 -10.41 26.77 26.38
CA LEU A 1229 -9.28 26.41 27.29
C LEU A 1229 -8.28 25.49 26.55
N ALA A 1230 -8.09 25.71 25.24
CA ALA A 1230 -7.26 24.83 24.37
C ALA A 1230 -5.76 25.02 24.65
N LYS A 1231 -5.34 26.23 25.08
CA LYS A 1231 -3.94 26.59 25.40
C LYS A 1231 -3.11 26.80 24.12
N ALA A 1232 -3.56 26.29 22.97
CA ALA A 1232 -2.92 26.46 21.64
C ALA A 1232 -3.63 27.59 20.88
N GLN A 1233 -2.96 28.75 20.77
CA GLN A 1233 -3.49 30.00 20.15
C GLN A 1233 -4.19 29.67 18.83
N LEU A 1234 -3.67 28.69 18.06
CA LEU A 1234 -4.25 28.22 16.78
C LEU A 1234 -5.71 27.85 16.98
N ILE A 1235 -5.98 26.86 17.84
CA ILE A 1235 -7.36 26.34 18.11
C ILE A 1235 -8.14 27.42 18.87
N GLN A 1236 -7.55 27.94 19.96
CA GLN A 1236 -8.10 29.04 20.81
C GLN A 1236 -8.66 30.17 19.93
N ILE A 1237 -7.99 30.49 18.81
CA ILE A 1237 -8.40 31.58 17.86
C ILE A 1237 -9.36 31.02 16.80
N PHE A 1238 -8.95 30.00 16.04
CA PHE A 1238 -9.59 29.66 14.73
C PHE A 1238 -10.74 28.65 14.89
N PHE A 1239 -10.93 28.00 16.04
CA PHE A 1239 -12.03 27.02 16.24
C PHE A 1239 -13.03 27.57 17.26
N PHE A 1240 -12.59 27.78 18.49
CA PHE A 1240 -13.41 28.35 19.60
C PHE A 1240 -14.13 29.62 19.12
N ARG A 1241 -13.36 30.64 18.73
CA ARG A 1241 -13.90 31.99 18.39
C ARG A 1241 -14.79 31.92 17.14
N LEU A 1242 -14.33 31.28 16.06
CA LEU A 1242 -15.08 31.18 14.78
C LEU A 1242 -16.38 30.40 14.99
N ASN A 1243 -16.32 29.22 15.62
CA ASN A 1243 -17.50 28.35 15.82
C ASN A 1243 -18.48 29.02 16.81
N LEU A 1244 -17.97 29.67 17.87
CA LEU A 1244 -18.81 30.51 18.78
C LEU A 1244 -19.54 31.56 17.94
N LEU A 1245 -18.79 32.31 17.12
CA LEU A 1245 -19.30 33.42 16.28
C LEU A 1245 -20.39 32.89 15.32
N ILE A 1246 -20.11 31.78 14.62
CA ILE A 1246 -21.03 31.14 13.63
C ILE A 1246 -22.27 30.62 14.36
N THR A 1247 -22.11 29.95 15.51
CA THR A 1247 -23.24 29.41 16.33
C THR A 1247 -24.17 30.55 16.71
N LEU A 1248 -23.63 31.62 17.31
CA LEU A 1248 -24.41 32.77 17.82
C LEU A 1248 -25.11 33.50 16.65
N LEU A 1249 -24.45 33.65 15.50
CA LEU A 1249 -25.07 34.30 14.30
C LEU A 1249 -26.14 33.38 13.70
N GLY A 1250 -25.90 32.08 13.63
CA GLY A 1250 -26.90 31.06 13.21
C GLY A 1250 -28.13 31.10 14.09
N LEU A 1251 -27.92 31.05 15.42
CA LEU A 1251 -28.96 31.17 16.47
C LEU A 1251 -29.78 32.44 16.19
N LEU A 1252 -29.14 33.61 16.20
CA LEU A 1252 -29.80 34.94 16.05
C LEU A 1252 -30.65 34.94 14.78
N HIS A 1253 -30.04 34.69 13.61
CA HIS A 1253 -30.74 34.73 12.30
C HIS A 1253 -31.90 33.73 12.30
N GLY A 1254 -31.60 32.45 12.52
CA GLY A 1254 -32.54 31.32 12.43
C GLY A 1254 -33.75 31.46 13.33
N LEU A 1255 -33.61 32.10 14.51
CA LEU A 1255 -34.69 32.21 15.53
C LEU A 1255 -35.32 33.61 15.60
N VAL A 1256 -34.63 34.66 15.15
CA VAL A 1256 -35.11 36.08 15.28
C VAL A 1256 -35.43 36.63 13.90
N PHE A 1257 -34.50 36.57 12.95
CA PHE A 1257 -34.63 37.25 11.63
C PHE A 1257 -35.55 36.43 10.71
N LEU A 1258 -35.45 35.10 10.72
CA LEU A 1258 -36.15 34.24 9.73
C LEU A 1258 -37.65 34.16 10.02
N PRO A 1259 -38.12 33.94 11.27
CA PRO A 1259 -39.56 34.01 11.55
C PRO A 1259 -40.25 35.31 11.08
N VAL A 1260 -39.57 36.45 11.25
CA VAL A 1260 -40.11 37.80 10.91
C VAL A 1260 -40.18 37.96 9.39
N ILE A 1261 -39.13 37.57 8.67
CA ILE A 1261 -39.10 37.60 7.17
C ILE A 1261 -40.16 36.62 6.64
N LEU A 1262 -40.32 35.45 7.27
CA LEU A 1262 -41.38 34.47 6.92
C LEU A 1262 -42.76 35.07 7.19
N SER A 1263 -42.92 35.85 8.27
CA SER A 1263 -44.19 36.56 8.61
C SER A 1263 -44.50 37.63 7.55
N TYR A 1264 -43.47 38.28 6.99
CA TYR A 1264 -43.60 39.37 5.99
C TYR A 1264 -43.80 38.79 4.59
N VAL A 1265 -42.74 38.22 4.01
CA VAL A 1265 -42.69 37.78 2.57
C VAL A 1265 -42.54 36.26 2.54
N GLY A 1266 -43.27 35.54 3.40
CA GLY A 1266 -43.32 34.08 3.40
C GLY A 1266 -44.11 33.56 2.20
N PRO A 1267 -44.20 32.21 2.01
CA PRO A 1267 -44.98 31.64 0.91
C PRO A 1267 -46.49 31.74 1.15
N ASP A 1268 -47.29 31.14 0.26
CA ASP A 1268 -48.76 31.00 0.38
C ASP A 1268 -49.06 29.80 1.30
N VAL A 1269 -50.34 29.63 1.67
CA VAL A 1269 -50.82 28.54 2.58
C VAL A 1269 -50.50 27.17 1.95
N ASN A 1270 -50.93 26.93 0.71
CA ASN A 1270 -50.67 25.68 -0.07
C ASN A 1270 -51.07 24.46 0.76
N PRO A 1271 -52.39 24.15 0.90
CA PRO A 1271 -52.84 23.09 1.80
C PRO A 1271 -52.44 21.66 1.38
N ALA A 1272 -52.17 21.43 0.09
CA ALA A 1272 -51.79 20.12 -0.49
C ALA A 1272 -50.31 19.80 -0.20
N LEU A 1273 -49.82 20.14 1.00
CA LEU A 1273 -48.50 19.74 1.55
C LEU A 1273 -48.65 19.27 3.01
N ALA A 1274 -49.71 19.69 3.72
CA ALA A 1274 -50.20 19.08 4.98
C ALA A 1274 -51.26 18.02 4.67
N LEU A 1275 -52.03 18.19 3.59
CA LEU A 1275 -53.06 17.23 3.11
C LEU A 1275 -52.38 15.99 2.50
N GLU A 1276 -51.23 16.16 1.84
CA GLU A 1276 -50.51 15.09 1.09
C GLU A 1276 -49.72 14.18 2.04
N GLN A 1277 -49.64 14.51 3.34
CA GLN A 1277 -48.81 13.79 4.34
C GLN A 1277 -49.53 12.52 4.82
N LYS A 1278 -50.85 12.56 5.01
CA LYS A 1278 -51.64 11.40 5.55
C LYS A 1278 -51.75 10.29 4.50
N ARG A 1279 -51.54 10.59 3.22
CA ARG A 1279 -51.29 9.58 2.15
C ARG A 1279 -50.07 8.72 2.53
N ALA A 1280 -49.12 9.28 3.31
CA ALA A 1280 -47.83 8.66 3.67
C ALA A 1280 -47.85 8.02 5.06
N GLU A 1281 -48.93 8.16 5.84
CA GLU A 1281 -49.00 7.67 7.25
C GLU A 1281 -49.79 6.35 7.32
N GLU A 1282 -50.97 6.29 6.69
CA GLU A 1282 -51.88 5.11 6.72
C GLU A 1282 -51.49 4.07 5.66
N ALA A 1283 -50.77 4.46 4.61
CA ALA A 1283 -50.39 3.60 3.46
C ALA A 1283 -49.32 2.59 3.89
N VAL A 1284 -48.24 3.07 4.52
CA VAL A 1284 -47.03 2.28 4.88
C VAL A 1284 -46.97 2.13 6.42
N ALA A 1285 -48.13 1.87 7.05
CA ALA A 1285 -48.27 1.67 8.51
C ALA A 1285 -47.94 0.21 8.86
N THR B 333 -35.88 -19.64 17.19
CA THR B 333 -34.88 -18.77 16.46
C THR B 333 -35.21 -18.72 14.95
N HIS B 334 -35.46 -19.89 14.33
CA HIS B 334 -35.79 -20.00 12.88
C HIS B 334 -36.99 -19.12 12.54
N THR B 335 -38.05 -19.15 13.36
CA THR B 335 -39.29 -18.34 13.20
C THR B 335 -38.95 -16.85 13.32
N LEU B 336 -37.98 -16.49 14.16
CA LEU B 336 -37.49 -15.08 14.32
C LEU B 336 -36.76 -14.63 13.05
N LEU B 337 -35.94 -15.49 12.44
CA LEU B 337 -35.33 -15.21 11.11
C LEU B 337 -36.43 -15.06 10.05
N GLY B 338 -37.46 -15.93 10.12
CA GLY B 338 -38.66 -15.85 9.26
C GLY B 338 -39.29 -14.47 9.30
N GLN B 339 -39.62 -13.99 10.51
CA GLN B 339 -40.18 -12.63 10.76
C GLN B 339 -39.21 -11.55 10.28
N PHE B 340 -37.92 -11.65 10.67
CA PHE B 340 -36.85 -10.66 10.35
C PHE B 340 -36.84 -10.41 8.83
N PHE B 341 -36.57 -11.46 8.05
CA PHE B 341 -36.39 -11.37 6.58
C PHE B 341 -37.73 -11.11 5.88
N GLN B 342 -38.85 -11.55 6.47
CA GLN B 342 -40.21 -11.19 5.97
C GLN B 342 -40.36 -9.66 6.00
N GLY B 343 -40.10 -9.03 7.15
CA GLY B 343 -40.16 -7.57 7.35
C GLY B 343 -39.26 -6.84 6.36
N TRP B 344 -37.99 -7.27 6.26
CA TRP B 344 -36.98 -6.72 5.32
C TRP B 344 -37.49 -6.84 3.88
N GLY B 345 -37.96 -8.03 3.48
CA GLY B 345 -38.49 -8.31 2.12
C GLY B 345 -39.67 -7.42 1.78
N THR B 346 -40.66 -7.34 2.69
CA THR B 346 -41.87 -6.49 2.56
C THR B 346 -41.46 -5.04 2.35
N TRP B 347 -40.43 -4.56 3.06
CA TRP B 347 -39.89 -3.19 2.90
C TRP B 347 -39.27 -3.04 1.50
N VAL B 348 -38.23 -3.83 1.19
CA VAL B 348 -37.43 -3.71 -0.07
C VAL B 348 -38.39 -3.76 -1.27
N ALA B 349 -39.21 -4.82 -1.35
CA ALA B 349 -40.18 -5.04 -2.46
C ALA B 349 -41.20 -3.89 -2.55
N SER B 350 -41.29 -3.02 -1.53
CA SER B 350 -42.11 -1.77 -1.54
C SER B 350 -41.28 -0.55 -1.99
N TRP B 351 -39.96 -0.69 -2.16
CA TRP B 351 -39.04 0.38 -2.65
C TRP B 351 -38.01 -0.22 -3.59
N PRO B 352 -38.44 -0.69 -4.78
CA PRO B 352 -37.58 -1.51 -5.64
C PRO B 352 -36.45 -0.72 -6.33
N LEU B 353 -36.80 0.37 -7.02
CA LEU B 353 -35.86 1.14 -7.89
C LEU B 353 -34.77 1.79 -7.04
N THR B 354 -35.15 2.49 -5.97
CA THR B 354 -34.22 3.19 -5.03
C THR B 354 -33.16 2.19 -4.51
N ILE B 355 -33.56 0.95 -4.19
CA ILE B 355 -32.67 -0.10 -3.61
C ILE B 355 -31.85 -0.77 -4.73
N LEU B 356 -32.41 -0.94 -5.94
CA LEU B 356 -31.62 -1.35 -7.13
C LEU B 356 -30.43 -0.38 -7.29
N VAL B 357 -30.69 0.93 -7.22
CA VAL B 357 -29.66 1.99 -7.35
C VAL B 357 -28.70 1.90 -6.15
N LEU B 358 -29.23 1.88 -4.92
CA LEU B 358 -28.42 1.86 -3.66
C LEU B 358 -27.57 0.59 -3.54
N SER B 359 -27.92 -0.49 -4.26
CA SER B 359 -27.18 -1.78 -4.30
C SER B 359 -26.22 -1.83 -5.49
N VAL B 360 -26.55 -1.20 -6.62
CA VAL B 360 -25.68 -1.16 -7.83
C VAL B 360 -24.47 -0.24 -7.57
N ILE B 361 -24.65 0.86 -6.82
CA ILE B 361 -23.58 1.89 -6.57
C ILE B 361 -22.37 1.23 -5.92
N PRO B 362 -22.49 0.52 -4.76
CA PRO B 362 -21.32 -0.12 -4.14
C PRO B 362 -20.68 -1.25 -4.96
N VAL B 363 -21.49 -2.01 -5.72
CA VAL B 363 -21.04 -3.12 -6.61
C VAL B 363 -20.11 -2.55 -7.69
N VAL B 364 -20.53 -1.46 -8.36
CA VAL B 364 -19.74 -0.79 -9.43
C VAL B 364 -18.52 -0.10 -8.79
N ALA B 365 -18.70 0.53 -7.61
CA ALA B 365 -17.61 1.16 -6.82
C ALA B 365 -16.52 0.13 -6.48
N LEU B 366 -16.90 -1.13 -6.22
CA LEU B 366 -15.95 -2.24 -5.93
C LEU B 366 -15.42 -2.86 -7.24
N ALA B 367 -16.26 -2.98 -8.28
CA ALA B 367 -15.92 -3.65 -9.56
C ALA B 367 -14.99 -2.76 -10.42
N ALA B 368 -14.94 -1.46 -10.17
CA ALA B 368 -14.03 -0.50 -10.85
C ALA B 368 -12.57 -0.84 -10.58
N GLY B 369 -12.28 -1.57 -9.49
CA GLY B 369 -10.93 -1.98 -9.06
C GLY B 369 -10.30 -3.09 -9.90
N LEU B 370 -11.03 -3.68 -10.86
CA LEU B 370 -10.49 -4.77 -11.73
C LEU B 370 -9.32 -4.27 -12.58
N VAL B 371 -9.16 -2.95 -12.74
CA VAL B 371 -8.04 -2.31 -13.51
C VAL B 371 -6.74 -2.30 -12.69
N PHE B 372 -6.81 -2.59 -11.38
CA PHE B 372 -5.65 -2.63 -10.45
C PHE B 372 -5.04 -4.05 -10.38
N THR B 373 -5.49 -4.97 -11.24
CA THR B 373 -5.04 -6.39 -11.25
C THR B 373 -3.57 -6.46 -11.70
N GLU B 374 -2.72 -7.08 -10.86
CA GLU B 374 -1.28 -7.34 -11.14
C GLU B 374 -1.09 -8.87 -11.14
N LEU B 375 -1.14 -9.48 -12.33
CA LEU B 375 -1.23 -10.95 -12.51
C LEU B 375 0.15 -11.59 -12.35
N THR B 376 0.22 -12.72 -11.64
CA THR B 376 1.42 -13.59 -11.52
C THR B 376 1.35 -14.69 -12.57
N THR B 377 2.51 -15.05 -13.11
CA THR B 377 2.70 -16.16 -14.09
C THR B 377 3.77 -17.14 -13.58
N ASP B 378 4.73 -16.67 -12.76
CA ASP B 378 5.88 -17.47 -12.24
C ASP B 378 5.36 -18.64 -11.40
N PRO B 379 5.66 -19.90 -11.78
CA PRO B 379 5.29 -21.09 -10.99
C PRO B 379 5.78 -21.11 -9.54
N VAL B 380 6.84 -20.36 -9.21
CA VAL B 380 7.42 -20.27 -7.83
C VAL B 380 6.45 -19.53 -6.92
N GLU B 381 5.85 -18.42 -7.38
CA GLU B 381 4.95 -17.57 -6.55
C GLU B 381 3.55 -18.22 -6.44
N LEU B 382 3.08 -18.93 -7.46
CA LEU B 382 1.70 -19.48 -7.48
C LEU B 382 1.59 -20.79 -6.68
N TRP B 383 2.70 -21.49 -6.44
CA TRP B 383 2.68 -22.92 -6.02
C TRP B 383 3.76 -23.18 -4.96
N SER B 384 3.94 -22.27 -4.00
CA SER B 384 4.87 -22.41 -2.86
C SER B 384 4.50 -21.41 -1.75
N ALA B 385 4.34 -21.90 -0.52
CA ALA B 385 4.16 -21.07 0.69
C ALA B 385 5.50 -20.42 1.06
N PRO B 386 5.65 -19.08 0.95
CA PRO B 386 6.96 -18.45 1.19
C PRO B 386 7.52 -18.62 2.62
N ASN B 387 6.69 -18.98 3.60
CA ASN B 387 7.08 -19.26 5.01
C ASN B 387 7.34 -20.76 5.22
N SER B 388 7.37 -21.57 4.16
CA SER B 388 7.62 -23.05 4.22
C SER B 388 9.12 -23.33 4.39
N GLN B 389 9.47 -24.61 4.55
CA GLN B 389 10.86 -25.10 4.76
C GLN B 389 11.64 -25.06 3.44
N ALA B 390 11.07 -25.63 2.37
CA ALA B 390 11.70 -25.74 1.03
C ALA B 390 12.09 -24.35 0.50
N ARG B 391 11.22 -23.35 0.73
CA ARG B 391 11.45 -21.94 0.29
C ARG B 391 12.55 -21.29 1.13
N SER B 392 12.63 -21.61 2.44
CA SER B 392 13.71 -21.14 3.35
C SER B 392 15.06 -21.70 2.87
N GLU B 393 15.11 -22.98 2.49
CA GLU B 393 16.29 -23.66 1.91
C GLU B 393 16.68 -23.00 0.59
N LYS B 394 15.69 -22.70 -0.26
CA LYS B 394 15.90 -22.02 -1.57
C LYS B 394 16.49 -20.61 -1.32
N ALA B 395 15.89 -19.84 -0.42
CA ALA B 395 16.36 -18.48 -0.02
C ALA B 395 17.82 -18.57 0.42
N PHE B 396 18.14 -19.51 1.32
CA PHE B 396 19.51 -19.80 1.82
C PHE B 396 20.46 -20.02 0.64
N HIS B 397 20.13 -20.96 -0.25
CA HIS B 397 20.93 -21.33 -1.45
C HIS B 397 21.14 -20.10 -2.34
N ASP B 398 20.08 -19.34 -2.60
CA ASP B 398 20.11 -18.10 -3.43
C ASP B 398 21.02 -17.04 -2.79
N GLN B 399 21.08 -16.99 -1.46
CA GLN B 399 21.98 -16.05 -0.72
C GLN B 399 23.45 -16.48 -0.88
N HIS B 400 23.74 -17.79 -0.76
CA HIS B 400 25.12 -18.30 -0.53
C HIS B 400 25.77 -18.92 -1.78
N PHE B 401 25.03 -19.18 -2.86
CA PHE B 401 25.59 -19.76 -4.12
C PHE B 401 25.04 -19.11 -5.39
N GLY B 402 24.26 -18.03 -5.28
CA GLY B 402 23.51 -17.44 -6.41
C GLY B 402 22.37 -18.35 -6.86
N PRO B 403 21.44 -17.86 -7.72
CA PRO B 403 20.28 -18.65 -8.12
C PRO B 403 20.64 -19.79 -9.08
N PHE B 404 19.80 -20.83 -9.11
CA PHE B 404 19.92 -22.01 -10.00
C PHE B 404 19.80 -21.55 -11.45
N PHE B 405 20.77 -21.90 -12.29
CA PHE B 405 20.88 -21.51 -13.73
C PHE B 405 19.66 -22.06 -14.50
N ARG B 406 19.21 -21.31 -15.50
CA ARG B 406 18.04 -21.64 -16.35
C ARG B 406 18.47 -22.63 -17.43
N THR B 407 17.76 -23.76 -17.56
CA THR B 407 18.07 -24.89 -18.48
C THR B 407 17.16 -24.82 -19.70
N ASN B 408 17.73 -24.93 -20.91
CA ASN B 408 17.01 -24.91 -22.21
C ASN B 408 17.50 -26.10 -23.05
N GLN B 409 16.70 -27.18 -23.10
CA GLN B 409 17.11 -28.48 -23.69
C GLN B 409 16.48 -28.69 -25.06
N VAL B 410 17.10 -29.57 -25.85
CA VAL B 410 16.61 -30.05 -27.18
C VAL B 410 16.88 -31.56 -27.24
N ILE B 411 15.83 -32.38 -27.07
CA ILE B 411 15.92 -33.87 -27.12
C ILE B 411 15.64 -34.28 -28.57
N LEU B 412 16.63 -34.91 -29.22
CA LEU B 412 16.55 -35.38 -30.63
C LEU B 412 16.42 -36.90 -30.65
N THR B 413 15.84 -37.43 -31.73
CA THR B 413 15.66 -38.89 -31.97
C THR B 413 15.54 -39.14 -33.48
N ALA B 414 16.15 -40.21 -33.97
CA ALA B 414 16.05 -40.70 -35.37
C ALA B 414 15.43 -42.10 -35.35
N PRO B 415 14.10 -42.22 -35.15
CA PRO B 415 13.44 -43.53 -35.09
C PRO B 415 13.37 -44.24 -36.46
N ASN B 416 13.47 -43.47 -37.55
CA ASN B 416 13.49 -43.97 -38.95
C ASN B 416 14.89 -44.47 -39.33
N ARG B 417 15.91 -44.26 -38.47
CA ARG B 417 17.30 -44.72 -38.72
C ARG B 417 17.53 -46.07 -38.03
N SER B 418 18.05 -47.04 -38.78
CA SER B 418 18.40 -48.41 -38.31
C SER B 418 19.78 -48.37 -37.63
N SER B 419 20.01 -49.30 -36.68
CA SER B 419 21.31 -49.50 -36.00
C SER B 419 22.30 -50.13 -36.96
N TYR B 420 23.60 -49.91 -36.72
CA TYR B 420 24.73 -50.47 -37.50
C TYR B 420 25.85 -50.91 -36.54
N ARG B 421 26.50 -52.03 -36.85
CA ARG B 421 27.68 -52.53 -36.09
C ARG B 421 28.92 -51.77 -36.54
N TYR B 422 29.88 -51.58 -35.62
CA TYR B 422 31.21 -50.97 -35.86
C TYR B 422 32.17 -51.46 -34.77
N ASP B 423 33.28 -52.08 -35.17
CA ASP B 423 34.36 -52.56 -34.26
C ASP B 423 35.26 -51.39 -33.91
N SER B 424 35.67 -51.31 -32.63
CA SER B 424 36.56 -50.25 -32.08
C SER B 424 38.03 -50.65 -32.21
N LEU B 425 38.34 -51.96 -32.06
CA LEU B 425 39.69 -52.59 -32.15
C LEU B 425 40.53 -52.30 -30.89
N LEU B 426 40.05 -51.43 -29.98
CA LEU B 426 40.66 -51.18 -28.64
C LEU B 426 39.68 -51.57 -27.52
N LEU B 427 38.36 -51.45 -27.75
CA LEU B 427 37.28 -51.81 -26.78
C LEU B 427 36.56 -53.10 -27.21
N GLY B 428 36.52 -53.41 -28.52
CA GLY B 428 35.95 -54.66 -29.06
C GLY B 428 34.72 -54.42 -29.94
N PRO B 429 33.87 -55.45 -30.18
CA PRO B 429 32.65 -55.28 -30.96
C PRO B 429 31.63 -54.39 -30.22
N LYS B 430 30.95 -53.51 -30.96
CA LYS B 430 29.94 -52.56 -30.41
C LYS B 430 28.79 -52.36 -31.41
N ASN B 431 27.60 -52.08 -30.89
CA ASN B 431 26.40 -51.82 -31.68
C ASN B 431 26.02 -50.35 -31.52
N PHE B 432 26.25 -49.58 -32.57
CA PHE B 432 26.00 -48.12 -32.63
C PHE B 432 24.57 -47.89 -33.14
N SER B 433 23.77 -47.13 -32.38
CA SER B 433 22.36 -46.79 -32.72
C SER B 433 22.33 -45.86 -33.94
N GLY B 434 21.21 -45.84 -34.66
CA GLY B 434 20.99 -45.06 -35.89
C GLY B 434 21.27 -43.57 -35.70
N ILE B 435 20.94 -43.01 -34.53
CA ILE B 435 21.08 -41.55 -34.21
C ILE B 435 22.57 -41.16 -34.20
N LEU B 436 23.50 -42.10 -33.99
CA LEU B 436 24.97 -41.84 -33.98
C LEU B 436 25.58 -41.98 -35.39
N ASP B 437 24.86 -41.60 -36.44
CA ASP B 437 25.40 -41.43 -37.81
C ASP B 437 26.19 -40.11 -37.87
N LEU B 438 27.04 -39.94 -38.89
CA LEU B 438 27.89 -38.73 -39.04
C LEU B 438 27.02 -37.53 -39.42
N ASP B 439 26.31 -37.62 -40.54
CA ASP B 439 25.48 -36.53 -41.13
C ASP B 439 24.56 -35.90 -40.08
N LEU B 440 23.92 -36.73 -39.24
CA LEU B 440 22.99 -36.27 -38.17
C LEU B 440 23.74 -35.38 -37.18
N LEU B 441 24.92 -35.82 -36.73
CA LEU B 441 25.81 -35.05 -35.82
C LEU B 441 26.27 -33.75 -36.51
N LEU B 442 26.57 -33.79 -37.81
CA LEU B 442 26.93 -32.58 -38.60
C LEU B 442 25.76 -31.58 -38.60
N GLU B 443 24.52 -32.06 -38.77
CA GLU B 443 23.29 -31.23 -38.75
C GLU B 443 23.10 -30.63 -37.34
N LEU B 444 23.30 -31.43 -36.29
CA LEU B 444 23.26 -30.96 -34.87
C LEU B 444 24.32 -29.87 -34.69
N LEU B 445 25.55 -30.09 -35.19
CA LEU B 445 26.67 -29.11 -35.08
C LEU B 445 26.23 -27.78 -35.72
N GLU B 446 25.68 -27.83 -36.93
CA GLU B 446 25.19 -26.63 -37.66
C GLU B 446 24.12 -25.93 -36.82
N LEU B 447 23.13 -26.68 -36.31
CA LEU B 447 22.04 -26.15 -35.45
C LEU B 447 22.64 -25.44 -34.22
N GLN B 448 23.53 -26.12 -33.49
CA GLN B 448 24.18 -25.59 -32.27
C GLN B 448 24.95 -24.30 -32.62
N GLU B 449 25.82 -24.36 -33.62
CA GLU B 449 26.69 -23.23 -34.04
C GLU B 449 25.83 -22.02 -34.43
N ARG B 450 24.72 -22.24 -35.13
CA ARG B 450 23.73 -21.17 -35.45
C ARG B 450 23.11 -20.63 -34.15
N LEU B 451 22.83 -21.50 -33.18
CA LEU B 451 22.19 -21.11 -31.88
C LEU B 451 23.17 -20.37 -30.98
N ARG B 452 24.48 -20.41 -31.26
CA ARG B 452 25.52 -19.63 -30.53
C ARG B 452 25.46 -18.16 -30.97
N HIS B 453 25.52 -17.92 -32.28
CA HIS B 453 25.59 -16.57 -32.91
C HIS B 453 24.20 -15.93 -33.00
N LEU B 454 23.18 -16.53 -32.41
CA LEU B 454 21.79 -15.99 -32.39
C LEU B 454 21.76 -14.76 -31.46
N GLN B 455 21.24 -13.65 -31.95
CA GLN B 455 20.97 -12.42 -31.16
C GLN B 455 19.48 -12.06 -31.31
N VAL B 456 19.04 -11.10 -30.50
CA VAL B 456 17.67 -10.50 -30.54
C VAL B 456 17.83 -8.98 -30.66
N TRP B 457 16.72 -8.25 -30.79
CA TRP B 457 16.73 -6.77 -30.84
C TRP B 457 16.75 -6.21 -29.41
N SER B 458 15.83 -6.68 -28.55
CA SER B 458 15.64 -6.21 -27.15
C SER B 458 15.39 -4.70 -27.15
N PRO B 459 14.18 -4.23 -27.55
CA PRO B 459 13.90 -2.80 -27.60
C PRO B 459 13.91 -2.06 -26.26
N GLU B 460 14.15 -2.77 -25.15
CA GLU B 460 14.26 -2.19 -23.77
C GLU B 460 15.58 -1.42 -23.65
N ALA B 461 16.72 -2.03 -24.03
CA ALA B 461 18.07 -1.43 -23.96
C ALA B 461 18.53 -0.92 -25.33
N GLN B 462 17.76 -1.17 -26.40
CA GLN B 462 18.02 -0.70 -27.80
C GLN B 462 19.35 -1.23 -28.34
N ARG B 463 19.91 -2.30 -27.74
CA ARG B 463 21.15 -2.97 -28.21
C ARG B 463 20.84 -4.45 -28.47
N ASN B 464 21.49 -5.03 -29.49
CA ASN B 464 21.36 -6.48 -29.82
C ASN B 464 21.88 -7.30 -28.64
N ILE B 465 20.98 -7.93 -27.87
CA ILE B 465 21.33 -8.89 -26.79
C ILE B 465 21.88 -10.16 -27.45
N SER B 466 23.16 -10.47 -27.18
CA SER B 466 23.89 -11.65 -27.71
C SER B 466 24.14 -12.64 -26.57
N LEU B 467 24.47 -13.89 -26.92
CA LEU B 467 24.51 -15.06 -26.00
C LEU B 467 25.49 -14.80 -24.84
N GLN B 468 26.66 -14.22 -25.12
CA GLN B 468 27.75 -14.01 -24.13
C GLN B 468 27.30 -13.09 -22.98
N ASP B 469 26.27 -12.26 -23.18
CA ASP B 469 25.75 -11.30 -22.18
C ASP B 469 25.06 -12.05 -21.02
N ILE B 470 24.31 -13.11 -21.33
CA ILE B 470 23.32 -13.77 -20.41
C ILE B 470 23.66 -15.26 -20.18
N CYS B 471 24.48 -15.88 -21.05
CA CYS B 471 24.78 -17.34 -20.99
C CYS B 471 25.50 -17.68 -19.69
N TYR B 472 25.28 -18.90 -19.19
CA TYR B 472 25.93 -19.46 -17.98
C TYR B 472 27.36 -19.88 -18.35
N ALA B 473 28.36 -19.25 -17.72
CA ALA B 473 29.80 -19.50 -17.90
C ALA B 473 30.39 -20.03 -16.60
N PRO B 474 30.66 -21.35 -16.46
CA PRO B 474 31.27 -21.89 -15.25
C PRO B 474 32.73 -21.45 -15.10
N LEU B 475 33.51 -21.57 -16.19
CA LEU B 475 34.89 -21.01 -16.30
C LEU B 475 34.78 -19.58 -16.82
N ASN B 476 35.56 -18.66 -16.26
CA ASN B 476 35.69 -17.25 -16.75
C ASN B 476 34.29 -16.63 -16.78
N PRO B 477 33.66 -16.35 -15.62
CA PRO B 477 32.34 -15.70 -15.59
C PRO B 477 32.36 -14.22 -16.01
N ASP B 478 33.55 -13.62 -16.13
CA ASP B 478 33.79 -12.22 -16.58
C ASP B 478 34.47 -12.22 -17.95
N ASN B 479 34.15 -11.21 -18.79
CA ASN B 479 34.65 -11.08 -20.19
C ASN B 479 34.30 -12.35 -20.96
N THR B 480 33.06 -12.82 -20.82
CA THR B 480 32.57 -14.09 -21.42
C THR B 480 32.42 -13.86 -22.93
N SER B 481 32.76 -14.87 -23.73
CA SER B 481 32.62 -14.88 -25.21
C SER B 481 31.67 -16.01 -25.63
N LEU B 482 31.36 -16.08 -26.92
CA LEU B 482 30.47 -17.13 -27.52
C LEU B 482 31.08 -18.53 -27.40
N TYR B 483 32.38 -18.63 -27.08
CA TYR B 483 33.10 -19.91 -26.85
C TYR B 483 33.42 -20.09 -25.35
N ASP B 484 32.57 -19.55 -24.46
CA ASP B 484 32.73 -19.67 -22.98
C ASP B 484 31.36 -19.87 -22.30
N CYS B 485 30.34 -20.32 -23.03
CA CYS B 485 28.94 -20.49 -22.55
C CYS B 485 28.65 -21.98 -22.36
N CYS B 486 27.95 -22.33 -21.27
CA CYS B 486 27.62 -23.73 -20.89
C CYS B 486 26.62 -24.30 -21.91
N ILE B 487 27.14 -24.76 -23.05
CA ILE B 487 26.38 -25.42 -24.15
C ILE B 487 26.83 -26.89 -24.18
N ASN B 488 26.22 -27.73 -23.33
CA ASN B 488 26.49 -29.18 -23.30
C ASN B 488 25.91 -29.81 -24.57
N SER B 489 26.57 -30.84 -25.08
CA SER B 489 26.19 -31.61 -26.30
C SER B 489 27.14 -32.79 -26.44
N LEU B 490 26.80 -33.73 -27.32
CA LEU B 490 27.70 -34.85 -27.71
C LEU B 490 28.91 -34.29 -28.49
N LEU B 491 28.79 -33.08 -29.05
CA LEU B 491 29.82 -32.44 -29.91
C LEU B 491 30.78 -31.56 -29.09
N GLN B 492 30.58 -31.43 -27.78
CA GLN B 492 31.57 -30.78 -26.86
C GLN B 492 32.81 -31.66 -26.73
N TYR B 493 32.72 -32.95 -27.10
CA TYR B 493 33.88 -33.89 -27.15
C TYR B 493 34.77 -33.61 -28.35
N PHE B 494 34.34 -32.76 -29.30
CA PHE B 494 35.16 -32.27 -30.44
C PHE B 494 35.16 -30.74 -30.48
N GLN B 495 34.76 -30.07 -29.39
CA GLN B 495 34.82 -28.60 -29.18
C GLN B 495 34.09 -27.85 -30.32
N ASN B 496 33.09 -28.49 -30.94
CA ASN B 496 32.29 -27.96 -32.08
C ASN B 496 33.23 -27.62 -33.25
N ASN B 497 34.03 -28.61 -33.66
CA ASN B 497 35.06 -28.49 -34.73
C ASN B 497 34.76 -29.53 -35.81
N ARG B 498 34.35 -29.07 -37.00
CA ARG B 498 33.92 -29.94 -38.12
C ARG B 498 35.08 -30.86 -38.54
N THR B 499 36.31 -30.34 -38.56
CA THR B 499 37.53 -31.10 -38.96
C THR B 499 37.83 -32.19 -37.91
N LEU B 500 37.51 -31.96 -36.63
CA LEU B 500 37.69 -32.96 -35.54
C LEU B 500 36.64 -34.07 -35.65
N LEU B 501 35.45 -33.77 -36.17
CA LEU B 501 34.40 -34.78 -36.49
C LEU B 501 34.83 -35.62 -37.69
N LEU B 502 35.25 -34.96 -38.77
CA LEU B 502 35.65 -35.62 -40.05
C LEU B 502 37.07 -36.19 -39.97
N LEU B 503 37.77 -36.03 -38.84
CA LEU B 503 39.17 -36.51 -38.66
C LEU B 503 39.19 -38.05 -38.64
N THR B 504 40.15 -38.64 -39.36
CA THR B 504 40.46 -40.09 -39.38
C THR B 504 41.98 -40.27 -39.47
N ALA B 505 42.55 -41.14 -38.63
CA ALA B 505 43.98 -41.50 -38.62
C ALA B 505 44.13 -43.02 -38.77
N ASN B 506 45.38 -43.50 -38.92
CA ASN B 506 45.71 -44.94 -39.08
C ASN B 506 46.45 -45.41 -37.83
N GLN B 507 45.79 -46.26 -37.03
CA GLN B 507 46.33 -46.85 -35.79
C GLN B 507 46.72 -48.31 -36.06
N THR B 508 48.00 -48.62 -35.82
CA THR B 508 48.57 -50.00 -35.86
C THR B 508 48.70 -50.49 -34.41
N LEU B 509 47.85 -51.46 -34.01
CA LEU B 509 47.89 -52.09 -32.67
C LEU B 509 47.91 -53.63 -32.83
N MET B 510 48.77 -54.31 -32.07
CA MET B 510 48.93 -55.79 -32.06
C MET B 510 49.32 -56.30 -33.46
N GLY B 511 50.01 -55.47 -34.25
CA GLY B 511 50.48 -55.79 -35.62
C GLY B 511 49.50 -55.41 -36.70
N GLN B 512 48.20 -55.28 -36.38
CA GLN B 512 47.12 -54.98 -37.38
C GLN B 512 46.84 -53.47 -37.37
N THR B 513 46.49 -52.92 -38.54
CA THR B 513 46.19 -51.48 -38.77
C THR B 513 44.75 -51.34 -39.26
N SER B 514 44.06 -50.28 -38.82
CA SER B 514 42.70 -49.88 -39.29
C SER B 514 42.50 -48.38 -39.08
N GLN B 515 41.42 -47.84 -39.67
CA GLN B 515 41.07 -46.39 -39.61
C GLN B 515 40.40 -46.08 -38.26
N VAL B 516 41.07 -45.31 -37.40
CA VAL B 516 40.47 -44.76 -36.15
C VAL B 516 39.60 -43.57 -36.53
N ASP B 517 38.33 -43.57 -36.11
CA ASP B 517 37.31 -42.54 -36.45
C ASP B 517 36.87 -41.82 -35.17
N TRP B 518 35.95 -40.86 -35.30
CA TRP B 518 35.36 -40.07 -34.18
C TRP B 518 34.70 -40.98 -33.14
N LYS B 519 34.13 -42.11 -33.58
CA LYS B 519 33.39 -43.09 -32.73
C LYS B 519 34.30 -43.60 -31.61
N ASP B 520 35.58 -43.85 -31.92
CA ASP B 520 36.61 -44.35 -30.97
C ASP B 520 36.87 -43.30 -29.89
N HIS B 521 37.01 -42.03 -30.29
CA HIS B 521 37.18 -40.87 -29.36
C HIS B 521 35.94 -40.72 -28.48
N PHE B 522 34.74 -40.80 -29.09
CA PHE B 522 33.44 -40.74 -28.35
C PHE B 522 33.39 -41.83 -27.28
N LEU B 523 33.76 -43.07 -27.63
CA LEU B 523 33.73 -44.23 -26.69
C LEU B 523 34.78 -44.06 -25.58
N TYR B 524 35.96 -43.53 -25.91
CA TYR B 524 37.02 -43.22 -24.91
C TYR B 524 36.57 -42.06 -24.02
N CYS B 525 35.75 -41.14 -24.55
CA CYS B 525 35.21 -39.96 -23.82
C CYS B 525 34.12 -40.39 -22.82
N ALA B 526 33.19 -41.25 -23.24
CA ALA B 526 32.01 -41.66 -22.44
C ALA B 526 32.46 -42.39 -21.16
N ASN B 527 33.45 -43.28 -21.27
CA ASN B 527 33.93 -44.14 -20.14
C ASN B 527 34.81 -43.35 -19.17
N ALA B 528 35.42 -42.25 -19.62
CA ALA B 528 36.24 -41.34 -18.78
C ALA B 528 36.16 -39.92 -19.32
N PRO B 529 35.25 -39.06 -18.79
CA PRO B 529 35.02 -37.73 -19.37
C PRO B 529 36.14 -36.71 -19.09
N LEU B 530 36.87 -36.87 -17.98
CA LEU B 530 37.98 -35.94 -17.58
C LEU B 530 39.32 -36.52 -18.05
N THR B 531 39.58 -36.41 -19.36
CA THR B 531 40.88 -36.76 -20.02
C THR B 531 41.21 -35.66 -21.03
N PHE B 532 42.31 -34.93 -20.82
CA PHE B 532 42.78 -33.84 -21.72
C PHE B 532 43.32 -34.40 -23.03
N LYS B 533 43.80 -35.65 -23.01
CA LYS B 533 44.35 -36.36 -24.18
C LYS B 533 43.61 -37.70 -24.35
N ASP B 534 43.21 -38.02 -25.58
CA ASP B 534 42.65 -39.34 -25.97
C ASP B 534 43.76 -40.39 -25.92
N GLY B 535 43.39 -41.68 -25.89
CA GLY B 535 44.33 -42.82 -25.81
C GLY B 535 44.26 -43.74 -27.01
N THR B 536 43.97 -43.20 -28.20
CA THR B 536 43.80 -43.98 -29.46
C THR B 536 44.47 -43.25 -30.64
N ALA B 537 45.81 -43.15 -30.61
CA ALA B 537 46.68 -42.57 -31.68
C ALA B 537 46.20 -41.18 -32.09
N LEU B 538 45.56 -40.44 -31.17
CA LEU B 538 44.96 -39.10 -31.40
C LEU B 538 45.18 -38.25 -30.16
N ALA B 539 45.62 -37.00 -30.33
CA ALA B 539 45.79 -35.99 -29.26
C ALA B 539 44.52 -35.13 -29.19
N LEU B 540 43.35 -35.78 -29.15
CA LEU B 540 42.02 -35.10 -29.11
C LEU B 540 41.73 -34.68 -27.66
N SER B 541 41.38 -33.41 -27.47
CA SER B 541 40.92 -32.83 -26.19
C SER B 541 39.52 -33.38 -25.89
N CYS B 542 39.42 -34.43 -25.06
CA CYS B 542 38.14 -35.09 -24.71
C CYS B 542 37.29 -34.15 -23.84
N MET B 543 37.94 -33.27 -23.07
CA MET B 543 37.28 -32.17 -22.31
C MET B 543 36.59 -31.20 -23.28
N ALA B 544 35.59 -30.47 -22.78
CA ALA B 544 34.66 -29.64 -23.59
C ALA B 544 35.31 -28.33 -24.01
N ASP B 545 34.66 -27.63 -24.95
CA ASP B 545 35.12 -26.35 -25.57
C ASP B 545 35.30 -25.27 -24.50
N TYR B 546 34.25 -25.05 -23.69
CA TYR B 546 34.20 -24.04 -22.60
C TYR B 546 35.08 -24.48 -21.42
N GLY B 547 35.49 -25.76 -21.37
CA GLY B 547 36.63 -26.23 -20.56
C GLY B 547 36.23 -26.98 -19.29
N ALA B 548 35.02 -27.53 -19.22
CA ALA B 548 34.55 -28.42 -18.13
C ALA B 548 34.18 -29.78 -18.72
N PRO B 549 34.46 -30.91 -18.02
CA PRO B 549 34.25 -32.24 -18.59
C PRO B 549 32.74 -32.55 -18.76
N VAL B 550 32.29 -32.68 -20.01
CA VAL B 550 30.88 -33.03 -20.33
C VAL B 550 30.68 -34.51 -19.98
N PHE B 551 29.85 -34.79 -18.99
CA PHE B 551 29.51 -36.17 -18.56
C PHE B 551 28.58 -36.80 -19.59
N PRO B 552 28.60 -38.14 -19.77
CA PRO B 552 27.78 -38.79 -20.79
C PRO B 552 26.28 -38.54 -20.61
N PHE B 553 25.80 -38.50 -19.37
CA PHE B 553 24.36 -38.36 -19.00
C PHE B 553 23.80 -36.97 -19.38
N LEU B 554 24.65 -36.00 -19.76
CA LEU B 554 24.22 -34.66 -20.24
C LEU B 554 24.34 -34.54 -21.77
N ALA B 555 24.90 -35.54 -22.45
CA ALA B 555 25.15 -35.54 -23.93
C ALA B 555 24.29 -36.59 -24.64
N ILE B 556 24.05 -37.76 -24.02
CA ILE B 556 23.25 -38.88 -24.60
C ILE B 556 22.28 -39.41 -23.52
N GLY B 557 21.12 -39.90 -23.97
CA GLY B 557 20.09 -40.54 -23.15
C GLY B 557 19.46 -41.72 -23.87
N GLY B 558 18.82 -42.62 -23.13
CA GLY B 558 18.12 -43.81 -23.67
C GLY B 558 18.93 -45.09 -23.50
N TYR B 559 20.25 -44.99 -23.29
CA TYR B 559 21.15 -46.13 -22.95
C TYR B 559 20.76 -46.70 -21.58
N LYS B 560 21.24 -47.91 -21.27
CA LYS B 560 20.98 -48.60 -19.99
C LYS B 560 22.25 -49.34 -19.54
N GLY B 561 22.96 -48.76 -18.56
CA GLY B 561 24.30 -49.20 -18.12
C GLY B 561 25.38 -48.36 -18.76
N LYS B 562 26.47 -49.01 -19.22
CA LYS B 562 27.68 -48.36 -19.79
C LYS B 562 27.79 -48.67 -21.29
N ASP B 563 26.68 -49.04 -21.95
CA ASP B 563 26.63 -49.39 -23.40
C ASP B 563 26.24 -48.13 -24.19
N TYR B 564 27.09 -47.10 -24.12
CA TYR B 564 26.83 -45.72 -24.60
C TYR B 564 26.62 -45.68 -26.12
N SER B 565 27.19 -46.65 -26.85
CA SER B 565 27.02 -46.83 -28.32
C SER B 565 25.54 -47.05 -28.67
N GLU B 566 24.77 -47.69 -27.78
CA GLU B 566 23.31 -47.93 -27.93
C GLU B 566 22.55 -46.78 -27.24
N ALA B 567 22.83 -45.53 -27.64
CA ALA B 567 22.14 -44.30 -27.18
C ALA B 567 21.05 -43.94 -28.19
N GLU B 568 19.82 -43.69 -27.72
CA GLU B 568 18.61 -43.48 -28.57
C GLU B 568 18.16 -42.01 -28.54
N ALA B 569 18.93 -41.11 -27.93
CA ALA B 569 18.63 -39.67 -27.86
C ALA B 569 19.93 -38.86 -27.79
N LEU B 570 19.93 -37.67 -28.41
CA LEU B 570 21.02 -36.66 -28.35
C LEU B 570 20.45 -35.38 -27.70
N ILE B 571 20.99 -35.02 -26.54
CA ILE B 571 20.55 -33.87 -25.70
C ILE B 571 21.50 -32.69 -25.95
N MET B 572 20.98 -31.47 -25.83
CA MET B 572 21.73 -30.20 -26.07
C MET B 572 21.16 -29.12 -25.14
N THR B 573 21.87 -28.83 -24.06
CA THR B 573 21.46 -27.93 -22.95
C THR B 573 22.13 -26.56 -23.14
N PHE B 574 21.35 -25.55 -23.53
CA PHE B 574 21.76 -24.11 -23.60
C PHE B 574 21.45 -23.45 -22.27
N SER B 575 22.27 -23.74 -21.24
CA SER B 575 22.17 -23.16 -19.88
C SER B 575 22.40 -21.65 -19.95
N LEU B 576 21.55 -20.87 -19.28
CA LEU B 576 21.66 -19.39 -19.14
C LEU B 576 21.84 -19.02 -17.67
N ASN B 577 22.49 -17.88 -17.39
CA ASN B 577 22.56 -17.30 -16.02
C ASN B 577 21.16 -16.84 -15.61
N ASN B 578 20.68 -17.29 -14.46
CA ASN B 578 19.41 -16.82 -13.85
C ASN B 578 19.70 -15.57 -13.00
N TYR B 579 18.70 -14.71 -12.83
CA TYR B 579 18.76 -13.46 -12.03
C TYR B 579 17.48 -13.33 -11.22
N PRO B 580 17.46 -12.52 -10.13
CA PRO B 580 16.21 -12.15 -9.45
C PRO B 580 15.21 -11.45 -10.39
N ALA B 581 13.94 -11.39 -9.98
CA ALA B 581 12.79 -10.90 -10.78
C ALA B 581 12.94 -9.41 -11.12
N GLY B 582 13.71 -8.64 -10.33
CA GLY B 582 13.92 -7.19 -10.52
C GLY B 582 15.10 -6.85 -11.42
N ASP B 583 15.68 -7.83 -12.13
CA ASP B 583 16.88 -7.64 -13.00
C ASP B 583 16.45 -7.64 -14.48
N PRO B 584 16.73 -6.55 -15.25
CA PRO B 584 16.38 -6.52 -16.68
C PRO B 584 17.10 -7.59 -17.52
N ARG B 585 18.25 -8.08 -17.05
CA ARG B 585 19.01 -9.20 -17.67
C ARG B 585 18.13 -10.46 -17.76
N LEU B 586 17.22 -10.67 -16.79
CA LEU B 586 16.23 -11.79 -16.82
C LEU B 586 15.25 -11.56 -17.97
N ALA B 587 14.76 -10.33 -18.16
CA ALA B 587 13.88 -9.94 -19.29
C ALA B 587 14.60 -10.24 -20.60
N GLN B 588 15.86 -9.83 -20.72
CA GLN B 588 16.73 -10.06 -21.90
C GLN B 588 16.93 -11.56 -22.13
N ALA B 589 17.13 -12.32 -21.05
CA ALA B 589 17.22 -13.81 -21.07
C ALA B 589 15.95 -14.37 -21.72
N LYS B 590 14.76 -13.97 -21.23
CA LYS B 590 13.44 -14.43 -21.73
C LYS B 590 13.25 -14.06 -23.20
N LEU B 591 13.77 -12.89 -23.63
CA LEU B 591 13.74 -12.48 -25.07
C LEU B 591 14.57 -13.49 -25.88
N TRP B 592 15.77 -13.83 -25.39
CA TRP B 592 16.65 -14.85 -26.02
C TRP B 592 15.95 -16.22 -26.03
N GLU B 593 15.21 -16.55 -24.96
CA GLU B 593 14.44 -17.81 -24.84
C GLU B 593 13.37 -17.88 -25.94
N GLU B 594 12.62 -16.78 -26.14
CA GLU B 594 11.58 -16.67 -27.19
C GLU B 594 12.23 -16.89 -28.56
N ALA B 595 13.36 -16.23 -28.82
CA ALA B 595 14.12 -16.36 -30.09
C ALA B 595 14.62 -17.80 -30.28
N PHE B 596 15.10 -18.43 -29.20
CA PHE B 596 15.53 -19.85 -29.16
C PHE B 596 14.36 -20.75 -29.61
N LEU B 597 13.17 -20.57 -29.02
CA LEU B 597 11.96 -21.35 -29.36
C LEU B 597 11.60 -21.17 -30.84
N GLU B 598 11.62 -19.93 -31.35
CA GLU B 598 11.33 -19.60 -32.77
C GLU B 598 12.33 -20.35 -33.67
N GLU B 599 13.63 -20.24 -33.36
CA GLU B 599 14.73 -20.92 -34.10
C GLU B 599 14.51 -22.45 -34.07
N MET B 600 14.17 -22.99 -32.90
CA MET B 600 13.97 -24.46 -32.70
C MET B 600 12.74 -24.94 -33.49
N ARG B 601 11.65 -24.15 -33.50
CA ARG B 601 10.45 -24.43 -34.33
C ARG B 601 10.85 -24.46 -35.82
N ALA B 602 11.65 -23.49 -36.27
CA ALA B 602 12.19 -23.41 -37.65
C ALA B 602 12.96 -24.71 -37.97
N PHE B 603 13.86 -25.12 -37.05
CA PHE B 603 14.67 -26.37 -37.17
C PHE B 603 13.75 -27.60 -37.24
N GLN B 604 12.74 -27.67 -36.36
CA GLN B 604 11.79 -28.82 -36.31
C GLN B 604 11.01 -28.92 -37.63
N ARG B 605 10.55 -27.79 -38.17
CA ARG B 605 9.83 -27.71 -39.48
C ARG B 605 10.78 -28.10 -40.63
N ARG B 606 12.08 -27.83 -40.49
CA ARG B 606 13.12 -28.16 -41.50
C ARG B 606 13.28 -29.69 -41.60
N MET B 607 13.68 -30.34 -40.51
CA MET B 607 13.99 -31.80 -40.46
C MET B 607 12.72 -32.57 -40.05
N ALA B 608 12.10 -33.29 -41.00
CA ALA B 608 10.83 -34.02 -40.83
C ALA B 608 11.09 -35.52 -40.68
N GLY B 609 11.71 -36.13 -41.69
CA GLY B 609 11.98 -37.59 -41.76
C GLY B 609 13.39 -37.95 -41.29
N MET B 610 14.14 -36.99 -40.75
CA MET B 610 15.54 -37.15 -40.28
C MET B 610 15.57 -37.23 -38.76
N PHE B 611 15.06 -36.19 -38.08
CA PHE B 611 14.97 -36.08 -36.61
C PHE B 611 13.51 -36.03 -36.16
N GLN B 612 13.30 -36.32 -34.88
CA GLN B 612 12.03 -36.10 -34.14
C GLN B 612 12.35 -35.17 -32.97
N VAL B 613 12.45 -33.86 -33.27
CA VAL B 613 12.97 -32.81 -32.34
C VAL B 613 11.91 -32.55 -31.27
N THR B 614 12.31 -32.54 -30.00
CA THR B 614 11.46 -32.13 -28.85
C THR B 614 12.27 -31.19 -27.96
N PHE B 615 11.83 -29.93 -27.86
CA PHE B 615 12.55 -28.80 -27.24
C PHE B 615 11.66 -28.16 -26.17
N MET B 616 12.21 -27.17 -25.48
CA MET B 616 11.49 -26.36 -24.47
C MET B 616 12.31 -25.07 -24.26
N ALA B 617 12.00 -24.34 -23.20
CA ALA B 617 12.79 -23.21 -22.67
C ALA B 617 12.34 -22.98 -21.22
N GLU B 618 13.19 -22.38 -20.39
CA GLU B 618 12.88 -22.13 -18.96
C GLU B 618 11.59 -21.31 -18.83
N ARG B 619 11.23 -20.54 -19.87
CA ARG B 619 10.00 -19.70 -19.93
C ARG B 619 8.78 -20.51 -20.41
N SER B 620 8.97 -21.70 -21.01
CA SER B 620 7.94 -22.44 -21.79
C SER B 620 6.73 -22.80 -20.91
N LEU B 621 6.96 -23.28 -19.68
CA LEU B 621 5.88 -23.74 -18.76
C LEU B 621 5.02 -22.54 -18.34
N GLU B 622 5.66 -21.46 -17.89
CA GLU B 622 5.02 -20.15 -17.57
C GLU B 622 4.22 -19.66 -18.79
N ASP B 623 4.72 -19.93 -20.00
CA ASP B 623 4.09 -19.51 -21.29
C ASP B 623 2.89 -20.39 -21.61
N GLU B 624 2.93 -21.69 -21.29
CA GLU B 624 1.89 -22.68 -21.70
C GLU B 624 0.71 -22.70 -20.70
N ILE B 625 0.95 -22.44 -19.40
CA ILE B 625 -0.15 -22.39 -18.38
C ILE B 625 -0.91 -21.06 -18.49
N ASN B 626 -0.26 -19.99 -18.98
CA ASN B 626 -0.82 -18.60 -19.04
C ASN B 626 -1.20 -18.21 -20.48
N ARG B 627 -1.27 -19.18 -21.40
CA ARG B 627 -1.69 -18.97 -22.82
C ARG B 627 -3.18 -19.30 -22.98
N THR B 628 -3.65 -20.37 -22.33
CA THR B 628 -4.98 -20.99 -22.53
C THR B 628 -6.07 -20.07 -21.98
N THR B 629 -5.79 -19.41 -20.84
CA THR B 629 -6.75 -18.59 -20.07
C THR B 629 -7.44 -17.56 -21.00
N ALA B 630 -6.73 -17.02 -22.00
CA ALA B 630 -7.28 -16.07 -23.00
C ALA B 630 -7.98 -16.81 -24.14
N GLU B 631 -7.65 -18.09 -24.38
CA GLU B 631 -8.17 -18.90 -25.51
C GLU B 631 -9.54 -19.50 -25.17
N ASP B 632 -9.68 -20.12 -23.99
CA ASP B 632 -10.90 -20.87 -23.58
C ASP B 632 -11.76 -20.04 -22.62
N LEU B 633 -11.52 -18.74 -22.47
CA LEU B 633 -12.33 -17.85 -21.58
C LEU B 633 -13.69 -17.54 -22.22
N PRO B 634 -13.83 -17.39 -23.56
CA PRO B 634 -15.14 -17.29 -24.20
C PRO B 634 -16.10 -18.46 -23.92
N ILE B 635 -15.57 -19.67 -23.67
CA ILE B 635 -16.38 -20.90 -23.37
C ILE B 635 -17.12 -20.71 -22.02
N PHE B 636 -16.50 -20.04 -21.05
CA PHE B 636 -17.13 -19.67 -19.76
C PHE B 636 -18.21 -18.59 -20.01
N ALA B 637 -17.93 -17.65 -20.93
CA ALA B 637 -18.90 -16.62 -21.37
C ALA B 637 -20.13 -17.30 -21.98
N THR B 638 -19.95 -18.47 -22.61
CA THR B 638 -21.04 -19.37 -23.08
C THR B 638 -21.71 -20.05 -21.88
N SER B 639 -20.92 -20.53 -20.90
CA SER B 639 -21.42 -21.19 -19.66
C SER B 639 -22.47 -20.32 -18.95
N TYR B 640 -22.28 -18.99 -18.91
CA TYR B 640 -23.23 -18.04 -18.28
C TYR B 640 -24.57 -18.02 -19.05
N ILE B 641 -24.48 -17.99 -20.38
CA ILE B 641 -25.67 -17.94 -21.29
C ILE B 641 -26.47 -19.25 -21.14
N VAL B 642 -25.79 -20.40 -21.00
CA VAL B 642 -26.43 -21.74 -20.81
C VAL B 642 -27.28 -21.70 -19.53
N ILE B 643 -26.79 -21.05 -18.47
CA ILE B 643 -27.50 -20.93 -17.15
C ILE B 643 -28.63 -19.89 -17.26
N PHE B 644 -28.35 -18.72 -17.88
CA PHE B 644 -29.37 -17.66 -18.12
C PHE B 644 -30.58 -18.27 -18.83
N LEU B 645 -30.35 -18.95 -19.96
CA LEU B 645 -31.41 -19.59 -20.79
C LEU B 645 -32.23 -20.56 -19.93
N TYR B 646 -31.56 -21.42 -19.16
CA TYR B 646 -32.20 -22.45 -18.29
C TYR B 646 -33.11 -21.76 -17.27
N ILE B 647 -32.57 -20.83 -16.47
CA ILE B 647 -33.32 -20.08 -15.43
C ILE B 647 -34.49 -19.34 -16.10
N SER B 648 -34.27 -18.81 -17.32
CA SER B 648 -35.30 -18.04 -18.08
C SER B 648 -36.46 -18.95 -18.53
N LEU B 649 -36.16 -20.18 -18.97
CA LEU B 649 -37.19 -21.10 -19.55
C LEU B 649 -37.78 -22.03 -18.47
N ALA B 650 -37.14 -22.16 -17.28
CA ALA B 650 -37.56 -23.10 -16.22
C ALA B 650 -38.50 -22.44 -15.20
N LEU B 651 -38.54 -21.10 -15.13
CA LEU B 651 -39.40 -20.34 -14.18
C LEU B 651 -40.68 -19.83 -14.86
N GLY B 652 -40.66 -19.66 -16.20
CA GLY B 652 -41.83 -19.22 -16.98
C GLY B 652 -42.85 -20.34 -17.14
N SER B 653 -43.92 -20.31 -16.33
CA SER B 653 -45.03 -21.30 -16.36
C SER B 653 -45.85 -21.10 -17.64
N TYR B 654 -45.53 -21.88 -18.69
CA TYR B 654 -46.20 -21.86 -20.02
C TYR B 654 -47.29 -22.95 -20.02
N SER B 655 -48.55 -22.54 -19.94
CA SER B 655 -49.73 -23.45 -19.90
C SER B 655 -50.93 -22.88 -20.67
N SER B 656 -50.70 -21.96 -21.61
CA SER B 656 -51.74 -21.30 -22.44
C SER B 656 -51.34 -21.29 -23.93
N TRP B 657 -50.06 -21.04 -24.23
CA TRP B 657 -49.48 -20.94 -25.61
C TRP B 657 -50.00 -19.69 -26.33
N SER B 658 -50.67 -18.79 -25.60
CA SER B 658 -51.17 -17.46 -26.07
C SER B 658 -50.54 -16.33 -25.25
N ARG B 659 -50.01 -16.63 -24.06
CA ARG B 659 -49.42 -15.64 -23.11
C ARG B 659 -48.04 -16.11 -22.63
N VAL B 660 -47.36 -17.02 -23.35
CA VAL B 660 -45.96 -17.44 -23.04
C VAL B 660 -45.07 -16.19 -23.09
N MET B 661 -45.35 -15.27 -24.02
CA MET B 661 -44.56 -14.05 -24.26
C MET B 661 -44.86 -12.97 -23.20
N VAL B 662 -45.84 -13.16 -22.31
CA VAL B 662 -46.19 -12.17 -21.25
C VAL B 662 -45.62 -12.59 -19.88
N ASP B 663 -45.40 -13.89 -19.64
CA ASP B 663 -45.16 -14.46 -18.29
C ASP B 663 -43.77 -15.11 -18.15
N SER B 664 -43.13 -15.54 -19.24
CA SER B 664 -41.82 -16.26 -19.19
C SER B 664 -40.74 -15.33 -18.61
N LYS B 665 -40.12 -15.73 -17.50
CA LYS B 665 -39.25 -14.86 -16.67
C LYS B 665 -37.88 -14.68 -17.34
N ALA B 666 -37.79 -13.76 -18.32
CA ALA B 666 -36.53 -13.37 -18.98
C ALA B 666 -35.77 -12.36 -18.11
N THR B 667 -36.48 -11.35 -17.59
CA THR B 667 -35.94 -10.25 -16.74
C THR B 667 -35.29 -10.84 -15.49
N LEU B 668 -35.95 -11.82 -14.85
CA LEU B 668 -35.47 -12.49 -13.61
C LEU B 668 -34.17 -13.25 -13.88
N GLY B 669 -34.11 -14.05 -14.94
CA GLY B 669 -32.91 -14.78 -15.37
C GLY B 669 -31.75 -13.82 -15.63
N LEU B 670 -32.01 -12.75 -16.38
CA LEU B 670 -30.98 -11.73 -16.76
C LEU B 670 -30.51 -11.02 -15.49
N GLY B 671 -31.44 -10.63 -14.62
CA GLY B 671 -31.16 -10.03 -13.30
C GLY B 671 -30.30 -10.93 -12.44
N GLY B 672 -30.69 -12.19 -12.29
CA GLY B 672 -29.98 -13.22 -11.51
C GLY B 672 -28.53 -13.35 -11.96
N VAL B 673 -28.31 -13.54 -13.27
CA VAL B 673 -26.96 -13.62 -13.91
C VAL B 673 -26.18 -12.32 -13.63
N ALA B 674 -26.83 -11.16 -13.80
CA ALA B 674 -26.23 -9.82 -13.57
C ALA B 674 -25.78 -9.69 -12.10
N VAL B 675 -26.61 -10.17 -11.15
CA VAL B 675 -26.34 -10.12 -9.68
C VAL B 675 -25.06 -10.93 -9.39
N VAL B 676 -25.03 -12.21 -9.81
CA VAL B 676 -23.89 -13.14 -9.53
C VAL B 676 -22.61 -12.61 -10.20
N LEU B 677 -22.70 -12.08 -11.43
CA LEU B 677 -21.54 -11.46 -12.14
C LEU B 677 -21.09 -10.20 -11.40
N GLY B 678 -22.04 -9.38 -10.92
CA GLY B 678 -21.76 -8.22 -10.04
C GLY B 678 -20.99 -8.64 -8.79
N ALA B 679 -21.44 -9.72 -8.14
CA ALA B 679 -20.85 -10.28 -6.90
C ALA B 679 -19.40 -10.72 -7.15
N VAL B 680 -19.14 -11.47 -8.23
CA VAL B 680 -17.78 -12.00 -8.54
C VAL B 680 -16.86 -10.83 -8.91
N MET B 681 -17.35 -9.87 -9.70
CA MET B 681 -16.56 -8.67 -10.11
C MET B 681 -16.25 -7.81 -8.88
N ALA B 682 -17.21 -7.65 -7.95
CA ALA B 682 -17.03 -6.92 -6.67
C ALA B 682 -15.95 -7.60 -5.83
N ALA B 683 -15.99 -8.93 -5.69
CA ALA B 683 -15.01 -9.75 -4.93
C ALA B 683 -13.60 -9.57 -5.51
N MET B 684 -13.45 -9.78 -6.83
CA MET B 684 -12.16 -9.65 -7.56
C MET B 684 -11.64 -8.21 -7.44
N GLY B 685 -12.52 -7.21 -7.60
CA GLY B 685 -12.19 -5.78 -7.45
C GLY B 685 -11.67 -5.45 -6.05
N PHE B 686 -12.36 -5.90 -5.01
CA PHE B 686 -11.96 -5.72 -3.59
C PHE B 686 -10.57 -6.32 -3.36
N PHE B 687 -10.31 -7.52 -3.90
CA PHE B 687 -9.02 -8.24 -3.73
C PHE B 687 -7.94 -7.70 -4.68
N SER B 688 -8.31 -6.93 -5.70
CA SER B 688 -7.37 -6.13 -6.50
C SER B 688 -6.92 -4.89 -5.70
N TYR B 689 -7.83 -4.28 -4.92
CA TYR B 689 -7.55 -3.07 -4.10
C TYR B 689 -6.52 -3.35 -3.00
N LEU B 690 -6.57 -4.52 -2.35
CA LEU B 690 -5.64 -4.90 -1.26
C LEU B 690 -4.26 -5.26 -1.83
N GLY B 691 -4.09 -5.26 -3.16
CA GLY B 691 -2.80 -5.53 -3.83
C GLY B 691 -2.46 -7.01 -3.81
N ILE B 692 -3.44 -7.88 -3.57
CA ILE B 692 -3.27 -9.37 -3.65
C ILE B 692 -3.08 -9.72 -5.12
N ARG B 693 -1.93 -10.32 -5.45
CA ARG B 693 -1.56 -10.72 -6.83
C ARG B 693 -2.33 -11.99 -7.21
N SER B 694 -3.38 -11.83 -8.02
CA SER B 694 -4.29 -12.91 -8.49
C SER B 694 -3.93 -13.29 -9.92
N SER B 695 -3.52 -14.55 -10.15
CA SER B 695 -3.14 -15.11 -11.47
C SER B 695 -4.36 -15.16 -12.39
N LEU B 696 -4.12 -15.45 -13.68
CA LEU B 696 -5.17 -15.61 -14.71
C LEU B 696 -5.96 -16.90 -14.47
N VAL B 697 -5.28 -17.97 -14.04
CA VAL B 697 -5.88 -19.33 -13.88
C VAL B 697 -6.79 -19.33 -12.63
N ILE B 698 -6.66 -18.32 -11.76
CA ILE B 698 -7.53 -18.08 -10.57
C ILE B 698 -8.81 -17.33 -10.99
N LEU B 699 -8.67 -16.23 -11.75
CA LEU B 699 -9.82 -15.41 -12.23
C LEU B 699 -10.61 -16.21 -13.30
N GLN B 700 -10.01 -17.24 -13.89
CA GLN B 700 -10.62 -18.10 -14.94
C GLN B 700 -11.80 -18.92 -14.37
N VAL B 701 -11.72 -19.35 -13.11
CA VAL B 701 -12.63 -20.40 -12.54
C VAL B 701 -13.46 -19.89 -11.35
N VAL B 702 -13.06 -18.80 -10.66
CA VAL B 702 -13.84 -18.22 -9.52
C VAL B 702 -15.29 -18.02 -9.95
N PRO B 703 -15.58 -17.27 -11.06
CA PRO B 703 -16.94 -16.87 -11.38
C PRO B 703 -17.88 -18.08 -11.58
N PHE B 704 -17.35 -19.15 -12.19
CA PHE B 704 -18.08 -20.42 -12.43
C PHE B 704 -18.63 -20.98 -11.12
N LEU B 705 -17.76 -21.20 -10.12
CA LEU B 705 -18.15 -21.82 -8.83
C LEU B 705 -19.10 -20.89 -8.07
N VAL B 706 -18.83 -19.57 -8.08
CA VAL B 706 -19.69 -18.57 -7.38
C VAL B 706 -21.08 -18.56 -8.04
N LEU B 707 -21.15 -18.64 -9.38
CA LEU B 707 -22.45 -18.66 -10.12
C LEU B 707 -23.21 -19.95 -9.80
N SER B 708 -22.56 -21.11 -9.93
CA SER B 708 -23.14 -22.46 -9.66
C SER B 708 -23.66 -22.55 -8.22
N VAL B 709 -23.01 -21.84 -7.28
CA VAL B 709 -23.39 -21.77 -5.84
C VAL B 709 -24.51 -20.73 -5.65
N GLY B 710 -24.47 -19.61 -6.39
CA GLY B 710 -25.26 -18.41 -6.12
C GLY B 710 -26.43 -18.19 -7.09
N ALA B 711 -26.80 -19.19 -7.90
CA ALA B 711 -28.04 -19.20 -8.72
C ALA B 711 -29.12 -20.05 -8.03
N ASP B 712 -28.70 -21.02 -7.20
CA ASP B 712 -29.58 -21.98 -6.49
C ASP B 712 -30.53 -21.21 -5.55
N ASN B 713 -29.99 -20.20 -4.84
CA ASN B 713 -30.71 -19.35 -3.87
C ASN B 713 -31.85 -18.61 -4.58
N ILE B 714 -31.55 -17.93 -5.69
CA ILE B 714 -32.55 -17.09 -6.44
C ILE B 714 -33.61 -18.01 -7.04
N PHE B 715 -33.19 -19.19 -7.52
CA PHE B 715 -34.12 -20.19 -8.13
C PHE B 715 -35.12 -20.67 -7.06
N ILE B 716 -34.62 -21.11 -5.91
CA ILE B 716 -35.44 -21.60 -4.77
C ILE B 716 -36.40 -20.48 -4.33
N PHE B 717 -35.90 -19.25 -4.21
CA PHE B 717 -36.71 -18.07 -3.80
C PHE B 717 -37.87 -17.87 -4.79
N VAL B 718 -37.57 -17.82 -6.09
CA VAL B 718 -38.61 -17.58 -7.15
C VAL B 718 -39.63 -18.73 -7.12
N LEU B 719 -39.18 -19.99 -7.03
CA LEU B 719 -40.08 -21.18 -6.95
C LEU B 719 -41.04 -21.02 -5.77
N GLU B 720 -40.51 -20.75 -4.57
CA GLU B 720 -41.31 -20.59 -3.33
C GLU B 720 -42.33 -19.46 -3.52
N TYR B 721 -41.89 -18.30 -4.03
CA TYR B 721 -42.74 -17.12 -4.29
C TYR B 721 -43.89 -17.50 -5.24
N GLN B 722 -43.58 -18.26 -6.31
CA GLN B 722 -44.57 -18.70 -7.33
C GLN B 722 -45.55 -19.72 -6.73
N ARG B 723 -45.13 -20.48 -5.73
CA ARG B 723 -45.95 -21.57 -5.11
C ARG B 723 -46.81 -21.06 -3.94
N LEU B 724 -46.67 -19.79 -3.54
CA LEU B 724 -47.43 -19.24 -2.38
C LEU B 724 -48.82 -18.82 -2.83
N PRO B 725 -49.90 -19.24 -2.12
CA PRO B 725 -51.25 -18.77 -2.40
C PRO B 725 -51.42 -17.35 -1.86
N ARG B 726 -51.48 -16.35 -2.76
CA ARG B 726 -51.74 -14.93 -2.37
C ARG B 726 -53.08 -14.89 -1.63
N ARG B 727 -53.05 -14.54 -0.34
CA ARG B 727 -54.25 -14.47 0.53
C ARG B 727 -55.16 -13.35 0.04
N PRO B 728 -56.49 -13.44 0.22
CA PRO B 728 -57.40 -12.37 -0.21
C PRO B 728 -57.15 -11.04 0.53
N GLY B 729 -56.99 -9.95 -0.23
CA GLY B 729 -56.73 -8.60 0.28
C GLY B 729 -55.32 -8.46 0.84
N GLU B 730 -54.32 -9.02 0.15
CA GLU B 730 -52.88 -8.91 0.48
C GLU B 730 -52.15 -8.35 -0.73
N PRO B 731 -51.45 -7.20 -0.62
CA PRO B 731 -50.72 -6.63 -1.77
C PRO B 731 -49.47 -7.47 -2.10
N ARG B 732 -48.90 -7.24 -3.29
CA ARG B 732 -47.78 -8.05 -3.84
C ARG B 732 -46.53 -7.88 -2.96
N GLU B 733 -46.35 -6.70 -2.34
CA GLU B 733 -45.19 -6.36 -1.48
C GLU B 733 -45.14 -7.29 -0.26
N VAL B 734 -46.27 -7.44 0.45
CA VAL B 734 -46.40 -8.32 1.65
C VAL B 734 -46.24 -9.78 1.19
N HIS B 735 -46.77 -10.14 0.02
CA HIS B 735 -46.68 -11.50 -0.57
C HIS B 735 -45.21 -11.87 -0.83
N ILE B 736 -44.44 -10.99 -1.47
CA ILE B 736 -42.99 -11.20 -1.76
C ILE B 736 -42.22 -11.24 -0.44
N GLY B 737 -42.50 -10.31 0.48
CA GLY B 737 -41.96 -10.30 1.84
C GLY B 737 -42.16 -11.64 2.52
N ARG B 738 -43.38 -12.19 2.45
CA ARG B 738 -43.77 -13.48 3.09
C ARG B 738 -42.98 -14.64 2.47
N ALA B 739 -42.90 -14.70 1.13
CA ALA B 739 -42.12 -15.71 0.37
C ALA B 739 -40.68 -15.69 0.87
N LEU B 740 -40.04 -14.51 0.87
CA LEU B 740 -38.65 -14.31 1.34
C LEU B 740 -38.55 -14.79 2.80
N GLY B 741 -39.50 -14.39 3.66
CA GLY B 741 -39.59 -14.84 5.07
C GLY B 741 -39.55 -16.35 5.19
N ARG B 742 -40.27 -17.07 4.32
CA ARG B 742 -40.33 -18.56 4.32
C ARG B 742 -38.97 -19.16 3.98
N VAL B 743 -38.33 -18.71 2.88
CA VAL B 743 -37.10 -19.37 2.32
C VAL B 743 -35.86 -18.49 2.53
N ALA B 744 -35.83 -17.64 3.56
CA ALA B 744 -34.63 -16.86 3.96
C ALA B 744 -33.70 -17.68 4.84
N PRO B 745 -34.19 -18.38 5.90
CA PRO B 745 -33.32 -19.17 6.77
C PRO B 745 -32.47 -20.21 6.01
N SER B 746 -33.10 -20.93 5.07
CA SER B 746 -32.49 -21.99 4.23
C SER B 746 -31.43 -21.37 3.30
N MET B 747 -31.75 -20.24 2.66
CA MET B 747 -30.81 -19.47 1.79
C MET B 747 -29.62 -18.96 2.62
N LEU B 748 -29.88 -18.39 3.80
CA LEU B 748 -28.81 -17.88 4.71
C LEU B 748 -27.92 -19.05 5.14
N LEU B 749 -28.51 -20.17 5.57
CA LEU B 749 -27.77 -21.39 5.97
C LEU B 749 -26.82 -21.80 4.82
N CYS B 750 -27.37 -21.98 3.62
CA CYS B 750 -26.63 -22.35 2.38
C CYS B 750 -25.41 -21.41 2.22
N SER B 751 -25.64 -20.10 2.21
CA SER B 751 -24.60 -19.06 1.97
C SER B 751 -23.54 -19.07 3.09
N LEU B 752 -23.97 -19.19 4.36
CA LEU B 752 -23.03 -19.21 5.52
C LEU B 752 -22.16 -20.49 5.48
N SER B 753 -22.78 -21.65 5.22
CA SER B 753 -22.07 -22.96 5.06
C SER B 753 -20.98 -22.85 4.00
N GLU B 754 -21.32 -22.31 2.83
CA GLU B 754 -20.40 -22.20 1.66
C GLU B 754 -19.29 -21.17 1.96
N ALA B 755 -19.65 -19.99 2.48
CA ALA B 755 -18.68 -18.92 2.86
C ALA B 755 -17.67 -19.52 3.87
N ILE B 756 -18.16 -20.05 5.00
CA ILE B 756 -17.32 -20.69 6.06
C ILE B 756 -16.41 -21.74 5.41
N CYS B 757 -16.98 -22.66 4.62
CA CYS B 757 -16.24 -23.77 3.96
C CYS B 757 -15.08 -23.20 3.14
N PHE B 758 -15.33 -22.25 2.25
CA PHE B 758 -14.30 -21.60 1.38
C PHE B 758 -13.22 -20.92 2.24
N PHE B 759 -13.63 -20.16 3.28
CA PHE B 759 -12.71 -19.40 4.16
C PHE B 759 -11.86 -20.34 5.03
N LEU B 760 -12.32 -21.58 5.29
CA LEU B 760 -11.53 -22.63 6.00
C LEU B 760 -10.68 -23.42 4.99
N GLY B 761 -11.17 -23.57 3.75
CA GLY B 761 -10.40 -24.10 2.61
C GLY B 761 -9.19 -23.22 2.27
N ALA B 762 -9.28 -21.93 2.59
CA ALA B 762 -8.22 -20.91 2.33
C ALA B 762 -6.93 -21.19 3.12
N LEU B 763 -6.93 -22.12 4.09
CA LEU B 763 -5.74 -22.45 4.91
C LEU B 763 -4.73 -23.33 4.16
N THR B 764 -4.97 -23.67 2.88
CA THR B 764 -4.02 -24.43 2.02
C THR B 764 -2.69 -23.68 1.94
N PRO B 765 -1.53 -24.38 1.89
CA PRO B 765 -0.23 -23.73 1.83
C PRO B 765 0.00 -22.92 0.54
N MET B 766 -0.59 -23.36 -0.58
CA MET B 766 -0.36 -22.77 -1.94
C MET B 766 -0.99 -21.38 -1.95
N PRO B 767 -0.29 -20.32 -2.46
CA PRO B 767 -0.91 -19.00 -2.61
C PRO B 767 -2.06 -18.94 -3.64
N ALA B 768 -2.01 -19.78 -4.68
CA ALA B 768 -3.02 -19.83 -5.77
C ALA B 768 -4.39 -20.23 -5.22
N VAL B 769 -4.46 -21.40 -4.58
CA VAL B 769 -5.71 -21.95 -3.98
C VAL B 769 -6.15 -21.06 -2.80
N ARG B 770 -5.20 -20.50 -2.04
CA ARG B 770 -5.49 -19.55 -0.92
C ARG B 770 -6.27 -18.35 -1.47
N THR B 771 -5.68 -17.64 -2.45
CA THR B 771 -6.29 -16.46 -3.12
C THR B 771 -7.67 -16.84 -3.68
N PHE B 772 -7.74 -17.97 -4.41
CA PHE B 772 -8.97 -18.51 -5.04
C PHE B 772 -10.07 -18.72 -3.99
N ALA B 773 -9.74 -19.43 -2.91
CA ALA B 773 -10.66 -19.79 -1.80
C ALA B 773 -11.23 -18.51 -1.16
N LEU B 774 -10.34 -17.56 -0.82
CA LEU B 774 -10.72 -16.25 -0.23
C LEU B 774 -11.64 -15.51 -1.20
N THR B 775 -11.31 -15.50 -2.51
CA THR B 775 -12.08 -14.78 -3.57
C THR B 775 -13.51 -15.33 -3.62
N SER B 776 -13.64 -16.66 -3.76
CA SER B 776 -14.94 -17.38 -3.84
C SER B 776 -15.75 -17.15 -2.55
N GLY B 777 -15.09 -17.19 -1.39
CA GLY B 777 -15.70 -16.91 -0.07
C GLY B 777 -16.36 -15.54 -0.02
N LEU B 778 -15.58 -14.49 -0.32
CA LEU B 778 -16.06 -13.07 -0.33
C LEU B 778 -17.17 -12.92 -1.38
N ALA B 779 -17.00 -13.53 -2.55
CA ALA B 779 -17.97 -13.48 -3.68
C ALA B 779 -19.33 -14.06 -3.26
N VAL B 780 -19.32 -15.20 -2.57
CA VAL B 780 -20.56 -15.86 -2.04
C VAL B 780 -21.23 -14.94 -1.00
N ILE B 781 -20.44 -14.33 -0.09
CA ILE B 781 -20.96 -13.38 0.94
C ILE B 781 -21.68 -12.23 0.21
N LEU B 782 -20.98 -11.52 -0.69
CA LEU B 782 -21.53 -10.36 -1.44
C LEU B 782 -22.73 -10.80 -2.29
N ASP B 783 -22.69 -11.99 -2.87
CA ASP B 783 -23.79 -12.55 -3.69
C ASP B 783 -25.05 -12.68 -2.83
N PHE B 784 -24.95 -13.24 -1.62
CA PHE B 784 -26.08 -13.37 -0.67
C PHE B 784 -26.60 -11.97 -0.30
N LEU B 785 -25.71 -11.03 0.04
CA LEU B 785 -26.05 -9.63 0.40
C LEU B 785 -26.78 -8.95 -0.77
N LEU B 786 -26.42 -9.27 -2.02
CA LEU B 786 -27.12 -8.73 -3.22
C LEU B 786 -28.47 -9.43 -3.43
N GLN B 787 -28.53 -10.75 -3.24
CA GLN B 787 -29.76 -11.56 -3.41
C GLN B 787 -30.86 -11.09 -2.44
N MET B 788 -30.48 -10.60 -1.25
CA MET B 788 -31.45 -10.11 -0.22
C MET B 788 -32.06 -8.77 -0.66
N SER B 789 -31.29 -7.85 -1.26
CA SER B 789 -31.73 -6.48 -1.61
C SER B 789 -32.05 -6.36 -3.10
N ALA B 790 -31.03 -6.42 -3.96
CA ALA B 790 -31.09 -6.09 -5.41
C ALA B 790 -32.09 -7.01 -6.13
N PHE B 791 -31.97 -8.32 -5.92
CA PHE B 791 -32.79 -9.35 -6.62
C PHE B 791 -34.25 -9.28 -6.15
N VAL B 792 -34.50 -9.05 -4.86
CA VAL B 792 -35.88 -8.98 -4.28
C VAL B 792 -36.57 -7.74 -4.88
N ALA B 793 -35.86 -6.61 -4.95
CA ALA B 793 -36.30 -5.36 -5.62
C ALA B 793 -36.68 -5.67 -7.08
N LEU B 794 -35.82 -6.40 -7.79
CA LEU B 794 -36.04 -6.75 -9.22
C LEU B 794 -37.24 -7.71 -9.36
N LEU B 795 -37.38 -8.68 -8.46
CA LEU B 795 -38.54 -9.63 -8.45
C LEU B 795 -39.84 -8.84 -8.23
N SER B 796 -39.82 -7.85 -7.34
CA SER B 796 -40.95 -6.92 -7.08
C SER B 796 -41.33 -6.18 -8.37
N LEU B 797 -40.34 -5.61 -9.07
CA LEU B 797 -40.56 -4.91 -10.37
C LEU B 797 -41.17 -5.89 -11.38
N ASP B 798 -40.55 -7.07 -11.55
CA ASP B 798 -40.97 -8.09 -12.54
C ASP B 798 -42.40 -8.54 -12.26
N SER B 799 -42.72 -8.87 -11.00
CA SER B 799 -44.08 -9.26 -10.53
C SER B 799 -45.08 -8.13 -10.83
N LYS B 800 -44.69 -6.87 -10.60
CA LYS B 800 -45.53 -5.67 -10.90
C LYS B 800 -45.85 -5.64 -12.41
N ARG B 801 -44.86 -5.94 -13.27
CA ARG B 801 -45.05 -6.00 -14.75
C ARG B 801 -46.01 -7.15 -15.08
N GLN B 802 -45.87 -8.30 -14.41
CA GLN B 802 -46.77 -9.48 -14.55
C GLN B 802 -48.23 -9.07 -14.29
N GLU B 803 -48.49 -8.43 -13.14
CA GLU B 803 -49.86 -8.00 -12.72
C GLU B 803 -50.46 -7.06 -13.76
N ALA B 804 -49.63 -6.25 -14.44
CA ALA B 804 -50.04 -5.29 -15.49
C ALA B 804 -50.23 -6.00 -16.85
N SER B 805 -49.84 -7.28 -16.97
CA SER B 805 -50.01 -8.14 -18.18
C SER B 805 -49.15 -7.62 -19.34
N ARG B 806 -47.97 -7.09 -19.03
CA ARG B 806 -46.96 -6.61 -20.04
C ARG B 806 -45.98 -7.74 -20.35
N LEU B 807 -45.33 -7.68 -21.51
CA LEU B 807 -44.55 -8.80 -22.11
C LEU B 807 -43.31 -9.12 -21.26
N ASP B 808 -42.68 -10.27 -21.55
CA ASP B 808 -41.61 -10.93 -20.75
C ASP B 808 -40.50 -9.92 -20.43
N VAL B 809 -39.78 -9.47 -21.45
CA VAL B 809 -38.57 -8.59 -21.33
C VAL B 809 -38.93 -7.16 -21.76
N CYS B 810 -39.58 -7.00 -22.92
CA CYS B 810 -40.07 -5.70 -23.43
C CYS B 810 -41.36 -5.36 -22.67
N CYS B 811 -41.22 -4.53 -21.61
CA CYS B 811 -42.33 -4.12 -20.71
C CYS B 811 -42.99 -2.82 -21.21
N CYS B 812 -42.84 -2.51 -22.51
CA CYS B 812 -43.33 -1.26 -23.16
C CYS B 812 -44.33 -1.58 -24.28
N VAL B 813 -44.96 -2.76 -24.23
CA VAL B 813 -45.85 -3.28 -25.32
C VAL B 813 -47.26 -2.72 -25.13
N LYS B 814 -47.63 -2.32 -23.90
CA LYS B 814 -48.94 -1.71 -23.56
C LYS B 814 -50.03 -2.72 -23.86
N PRO B 815 -50.39 -3.60 -22.88
CA PRO B 815 -51.04 -4.88 -23.15
C PRO B 815 -52.17 -4.83 -24.20
N GLN B 816 -52.27 -5.87 -25.03
CA GLN B 816 -53.24 -5.98 -26.15
C GLN B 816 -54.62 -6.31 -25.56
N GLU B 817 -55.50 -6.94 -26.34
CA GLU B 817 -56.79 -7.51 -25.86
C GLU B 817 -56.52 -8.42 -24.66
N LEU B 818 -57.43 -8.40 -23.67
CA LEU B 818 -57.24 -9.01 -22.32
C LEU B 818 -56.85 -10.48 -22.49
N PRO B 819 -55.59 -10.88 -22.16
CA PRO B 819 -55.20 -12.29 -22.24
C PRO B 819 -55.99 -13.16 -21.27
N PRO B 820 -56.21 -14.45 -21.56
CA PRO B 820 -56.95 -15.33 -20.65
C PRO B 820 -56.25 -15.44 -19.30
N PRO B 821 -56.99 -15.44 -18.15
CA PRO B 821 -56.37 -15.43 -16.84
C PRO B 821 -55.52 -16.68 -16.57
N GLY B 822 -54.39 -16.52 -15.88
CA GLY B 822 -53.35 -17.54 -15.69
C GLY B 822 -53.51 -18.26 -14.35
N GLN B 823 -54.05 -19.49 -14.39
CA GLN B 823 -54.20 -20.37 -13.20
C GLN B 823 -53.83 -21.81 -13.60
N GLY B 824 -52.80 -22.38 -12.97
CA GLY B 824 -52.27 -23.73 -13.24
C GLY B 824 -52.03 -24.51 -11.97
N GLU B 825 -51.40 -25.68 -12.10
CA GLU B 825 -51.10 -26.63 -10.98
C GLU B 825 -49.61 -27.03 -10.97
N GLY B 826 -48.80 -26.53 -11.92
CA GLY B 826 -47.37 -26.92 -12.09
C GLY B 826 -47.22 -28.22 -12.86
N LEU B 827 -46.25 -28.27 -13.78
CA LEU B 827 -45.93 -29.46 -14.62
C LEU B 827 -44.91 -30.33 -13.88
N LEU B 828 -43.83 -29.72 -13.38
CA LEU B 828 -42.75 -30.40 -12.60
C LEU B 828 -43.37 -31.08 -11.37
N LEU B 829 -44.10 -30.32 -10.56
CA LEU B 829 -44.78 -30.80 -9.32
C LEU B 829 -45.76 -31.93 -9.68
N GLY B 830 -46.58 -31.72 -10.72
CA GLY B 830 -47.50 -32.72 -11.28
C GLY B 830 -46.79 -34.03 -11.61
N PHE B 831 -45.74 -33.95 -12.44
CA PHE B 831 -44.90 -35.10 -12.86
C PHE B 831 -44.36 -35.85 -11.64
N PHE B 832 -43.78 -35.13 -10.68
CA PHE B 832 -43.20 -35.69 -9.43
C PHE B 832 -44.30 -36.42 -8.64
N GLN B 833 -45.39 -35.71 -8.32
CA GLN B 833 -46.52 -36.21 -7.50
C GLN B 833 -47.16 -37.45 -8.15
N LYS B 834 -47.19 -37.51 -9.49
CA LYS B 834 -47.81 -38.63 -10.24
C LYS B 834 -46.86 -39.83 -10.27
N ALA B 835 -45.58 -39.63 -10.64
CA ALA B 835 -44.62 -40.71 -10.98
C ALA B 835 -43.65 -40.98 -9.82
N TYR B 836 -42.88 -39.96 -9.39
CA TYR B 836 -41.62 -40.14 -8.62
C TYR B 836 -41.92 -40.66 -7.21
N ALA B 837 -42.60 -39.87 -6.38
CA ALA B 837 -42.81 -40.12 -4.93
C ALA B 837 -43.42 -41.50 -4.69
N PRO B 838 -44.47 -41.93 -5.44
CA PRO B 838 -44.95 -43.31 -5.34
C PRO B 838 -43.91 -44.35 -5.76
N PHE B 839 -43.12 -44.07 -6.81
CA PHE B 839 -42.07 -44.97 -7.34
C PHE B 839 -40.92 -45.12 -6.33
N LEU B 840 -40.41 -43.99 -5.81
CA LEU B 840 -39.27 -43.96 -4.85
C LEU B 840 -39.69 -44.58 -3.51
N LEU B 841 -40.77 -44.06 -2.91
CA LEU B 841 -41.25 -44.47 -1.55
C LEU B 841 -42.25 -45.63 -1.69
N HIS B 842 -42.14 -46.46 -2.74
CA HIS B 842 -42.87 -47.75 -2.87
C HIS B 842 -42.32 -48.74 -1.83
N TRP B 843 -43.10 -49.77 -1.51
CA TRP B 843 -42.71 -50.88 -0.59
C TRP B 843 -41.36 -51.48 -1.00
N ILE B 844 -41.12 -51.62 -2.31
CA ILE B 844 -39.97 -52.39 -2.89
C ILE B 844 -38.71 -51.50 -2.93
N THR B 845 -38.79 -50.32 -3.56
CA THR B 845 -37.63 -49.50 -3.97
C THR B 845 -36.87 -48.95 -2.75
N ARG B 846 -37.56 -48.70 -1.63
CA ARG B 846 -36.96 -48.13 -0.38
C ARG B 846 -35.82 -49.04 0.10
N GLY B 847 -36.13 -50.33 0.29
CA GLY B 847 -35.14 -51.38 0.62
C GLY B 847 -34.03 -51.45 -0.41
N VAL B 848 -34.40 -51.42 -1.70
CA VAL B 848 -33.46 -51.55 -2.86
C VAL B 848 -32.44 -50.42 -2.78
N VAL B 849 -32.90 -49.16 -2.76
CA VAL B 849 -32.04 -47.94 -2.79
C VAL B 849 -31.23 -47.87 -1.48
N LEU B 850 -31.81 -48.26 -0.34
CA LEU B 850 -31.07 -48.24 0.96
C LEU B 850 -29.87 -49.21 0.86
N LEU B 851 -30.12 -50.45 0.42
CA LEU B 851 -29.05 -51.47 0.22
C LEU B 851 -28.04 -50.96 -0.83
N LEU B 852 -28.53 -50.37 -1.93
CA LEU B 852 -27.68 -49.86 -3.05
C LEU B 852 -26.71 -48.79 -2.52
N PHE B 853 -27.22 -47.83 -1.75
CA PHE B 853 -26.43 -46.67 -1.24
C PHE B 853 -25.47 -47.13 -0.13
N LEU B 854 -25.85 -48.13 0.68
CA LEU B 854 -24.90 -48.77 1.65
C LEU B 854 -23.77 -49.45 0.87
N ALA B 855 -24.11 -50.19 -0.20
CA ALA B 855 -23.14 -50.86 -1.10
C ALA B 855 -22.22 -49.82 -1.74
N LEU B 856 -22.77 -48.69 -2.20
CA LEU B 856 -21.98 -47.58 -2.80
C LEU B 856 -20.99 -47.02 -1.77
N PHE B 857 -21.46 -46.73 -0.55
CA PHE B 857 -20.62 -46.23 0.57
C PHE B 857 -19.49 -47.23 0.86
N GLY B 858 -19.84 -48.53 0.94
CA GLY B 858 -18.89 -49.64 1.17
C GLY B 858 -17.80 -49.69 0.11
N VAL B 859 -18.19 -49.76 -1.17
CA VAL B 859 -17.26 -49.81 -2.35
C VAL B 859 -16.36 -48.57 -2.31
N SER B 860 -16.95 -47.38 -2.10
CA SER B 860 -16.23 -46.09 -2.01
C SER B 860 -15.21 -46.12 -0.88
N LEU B 861 -15.61 -46.59 0.31
CA LEU B 861 -14.73 -46.66 1.51
C LEU B 861 -13.55 -47.61 1.24
N TYR B 862 -13.76 -48.66 0.43
CA TYR B 862 -12.68 -49.57 -0.04
C TYR B 862 -11.78 -48.83 -1.04
N SER B 863 -12.38 -48.28 -2.12
CA SER B 863 -11.65 -47.69 -3.28
C SER B 863 -10.90 -46.40 -2.91
N MET B 864 -11.25 -45.77 -1.77
CA MET B 864 -10.57 -44.56 -1.22
C MET B 864 -9.08 -44.84 -0.99
N CYS B 865 -8.73 -46.02 -0.47
CA CYS B 865 -7.34 -46.40 -0.06
C CYS B 865 -6.41 -46.53 -1.29
N HIS B 866 -6.97 -46.71 -2.49
CA HIS B 866 -6.24 -46.74 -3.79
C HIS B 866 -6.17 -45.33 -4.38
N ILE B 867 -5.83 -44.32 -3.57
CA ILE B 867 -5.72 -42.89 -3.99
C ILE B 867 -4.25 -42.59 -4.30
N SER B 868 -4.02 -41.72 -5.27
CA SER B 868 -2.68 -41.25 -5.72
C SER B 868 -2.51 -39.77 -5.36
N VAL B 869 -1.69 -39.46 -4.35
CA VAL B 869 -1.36 -38.07 -3.92
C VAL B 869 -0.34 -37.51 -4.92
N GLY B 870 -0.58 -36.31 -5.46
CA GLY B 870 0.37 -35.53 -6.25
C GLY B 870 -0.22 -35.01 -7.55
N LEU B 871 -0.24 -33.69 -7.72
CA LEU B 871 -0.49 -32.99 -9.01
C LEU B 871 0.81 -33.04 -9.84
N ASP B 872 1.04 -34.16 -10.54
CA ASP B 872 2.21 -34.33 -11.44
C ASP B 872 2.09 -33.38 -12.64
N GLN B 873 3.23 -33.02 -13.22
CA GLN B 873 3.32 -32.19 -14.46
C GLN B 873 2.64 -32.95 -15.61
N GLU B 874 2.41 -32.26 -16.73
CA GLU B 874 1.61 -32.73 -17.90
C GLU B 874 0.12 -32.48 -17.66
N LEU B 875 -0.27 -31.96 -16.48
CA LEU B 875 -1.68 -31.64 -16.11
C LEU B 875 -1.90 -30.12 -16.19
N ALA B 876 -0.97 -29.30 -15.70
CA ALA B 876 -1.01 -27.82 -15.84
C ALA B 876 -1.12 -27.41 -17.30
N LEU B 877 -0.62 -28.26 -18.22
CA LEU B 877 -0.52 -27.98 -19.67
C LEU B 877 -1.83 -28.33 -20.39
N PRO B 878 -2.07 -27.73 -21.57
CA PRO B 878 -3.09 -28.23 -22.49
C PRO B 878 -2.74 -29.61 -23.05
N LYS B 879 -3.60 -30.16 -23.92
CA LYS B 879 -3.38 -31.48 -24.58
C LYS B 879 -2.61 -31.31 -25.89
N ASP B 880 -2.44 -30.08 -26.40
CA ASP B 880 -1.85 -29.79 -27.73
C ASP B 880 -0.47 -29.14 -27.60
N SER B 881 0.08 -28.99 -26.39
CA SER B 881 1.37 -28.30 -26.11
C SER B 881 2.54 -29.23 -26.47
N TYR B 882 3.60 -28.66 -27.07
CA TYR B 882 4.90 -29.33 -27.37
C TYR B 882 5.57 -29.84 -26.09
N LEU B 883 5.35 -29.15 -24.96
CA LEU B 883 5.91 -29.52 -23.63
C LEU B 883 5.46 -30.93 -23.22
N LEU B 884 4.26 -31.37 -23.66
CA LEU B 884 3.77 -32.76 -23.45
C LEU B 884 4.77 -33.74 -24.08
N ASP B 885 5.11 -33.54 -25.36
CA ASP B 885 6.10 -34.37 -26.11
C ASP B 885 7.45 -34.29 -25.40
N TYR B 886 7.89 -33.08 -24.99
CA TYR B 886 9.18 -32.87 -24.29
C TYR B 886 9.21 -33.70 -23.00
N PHE B 887 8.14 -33.64 -22.20
CA PHE B 887 8.05 -34.34 -20.89
C PHE B 887 7.98 -35.86 -21.10
N LEU B 888 7.31 -36.33 -22.16
CA LEU B 888 7.36 -37.75 -22.60
C LEU B 888 8.82 -38.14 -22.83
N PHE B 889 9.57 -37.32 -23.58
CA PHE B 889 10.99 -37.58 -23.94
C PHE B 889 11.87 -37.55 -22.67
N LEU B 890 11.66 -36.59 -21.76
CA LEU B 890 12.37 -36.54 -20.45
C LEU B 890 12.14 -37.85 -19.69
N ASN B 891 10.88 -38.23 -19.47
CA ASN B 891 10.48 -39.39 -18.65
C ASN B 891 10.85 -40.72 -19.32
N ARG B 892 11.13 -40.72 -20.63
CA ARG B 892 11.45 -41.95 -21.40
C ARG B 892 12.97 -42.09 -21.60
N TYR B 893 13.70 -41.01 -21.94
CA TYR B 893 15.07 -41.09 -22.51
C TYR B 893 16.17 -40.65 -21.54
N PHE B 894 15.90 -39.78 -20.57
CA PHE B 894 16.94 -39.26 -19.62
C PHE B 894 17.44 -40.38 -18.70
N GLU B 895 18.68 -40.23 -18.22
CA GLU B 895 19.39 -41.24 -17.37
C GLU B 895 19.67 -40.71 -15.96
N VAL B 896 19.67 -39.40 -15.75
CA VAL B 896 19.67 -38.77 -14.39
C VAL B 896 18.71 -37.57 -14.42
N GLY B 897 17.82 -37.47 -13.43
CA GLY B 897 16.80 -36.42 -13.33
C GLY B 897 17.40 -35.07 -12.97
N ALA B 898 16.72 -34.32 -12.10
CA ALA B 898 17.22 -33.03 -11.55
C ALA B 898 18.47 -33.29 -10.72
N PRO B 899 19.51 -32.42 -10.79
CA PRO B 899 20.68 -32.56 -9.93
C PRO B 899 20.41 -31.96 -8.54
N VAL B 900 20.65 -32.74 -7.48
CA VAL B 900 20.42 -32.31 -6.07
C VAL B 900 21.73 -31.75 -5.50
N TYR B 901 21.62 -30.73 -4.66
CA TYR B 901 22.75 -30.03 -3.98
C TYR B 901 22.61 -30.21 -2.47
N PHE B 902 23.48 -31.02 -1.86
CA PHE B 902 23.55 -31.23 -0.40
C PHE B 902 24.27 -30.03 0.21
N VAL B 903 23.57 -28.89 0.29
CA VAL B 903 24.09 -27.59 0.78
C VAL B 903 24.40 -27.75 2.28
N THR B 904 25.64 -27.44 2.68
CA THR B 904 26.11 -27.43 4.09
C THR B 904 25.98 -26.00 4.62
N THR B 905 25.16 -25.78 5.66
CA THR B 905 24.96 -24.46 6.31
C THR B 905 26.28 -23.99 6.91
N LEU B 906 26.31 -22.75 7.41
CA LEU B 906 27.48 -22.21 8.17
C LEU B 906 27.59 -22.91 9.53
N GLY B 907 28.79 -22.90 10.11
CA GLY B 907 29.11 -23.49 11.42
C GLY B 907 29.81 -24.84 11.30
N TYR B 908 30.69 -24.99 10.29
CA TYR B 908 31.60 -26.15 10.14
C TYR B 908 33.01 -25.64 9.85
N ASN B 909 33.97 -26.08 10.67
CA ASN B 909 35.40 -25.71 10.59
C ASN B 909 36.09 -26.70 9.63
N PHE B 910 35.96 -26.45 8.32
CA PHE B 910 36.54 -27.25 7.21
C PHE B 910 38.07 -27.24 7.29
N SER B 911 38.66 -26.15 7.79
CA SER B 911 40.13 -25.94 7.90
C SER B 911 40.77 -26.90 8.92
N SER B 912 39.98 -27.47 9.84
CA SER B 912 40.45 -28.44 10.87
C SER B 912 40.76 -29.80 10.24
N GLU B 913 41.31 -30.73 11.04
CA GLU B 913 41.76 -32.07 10.62
C GLU B 913 40.56 -33.03 10.56
N ALA B 914 39.84 -33.18 11.67
CA ALA B 914 38.59 -33.97 11.79
C ALA B 914 37.50 -33.37 10.90
N GLY B 915 37.57 -32.05 10.66
CA GLY B 915 36.69 -31.31 9.72
C GLY B 915 36.79 -31.87 8.31
N MET B 916 38.02 -31.96 7.77
CA MET B 916 38.31 -32.53 6.43
C MET B 916 38.08 -34.04 6.43
N ASN B 917 38.36 -34.74 7.55
CA ASN B 917 38.24 -36.22 7.65
C ASN B 917 36.82 -36.67 7.34
N ALA B 918 35.80 -36.03 7.94
CA ALA B 918 34.38 -36.46 7.90
C ALA B 918 33.68 -36.08 6.58
N ILE B 919 34.37 -35.42 5.64
CA ILE B 919 33.83 -35.02 4.31
C ILE B 919 34.59 -35.75 3.19
N CYS B 920 35.89 -36.04 3.38
CA CYS B 920 36.74 -36.87 2.50
C CYS B 920 36.17 -38.29 2.35
N SER B 921 36.50 -38.97 1.25
CA SER B 921 36.06 -40.35 0.91
C SER B 921 37.24 -41.28 0.61
N SER B 922 38.46 -40.75 0.36
CA SER B 922 39.65 -41.52 -0.08
C SER B 922 40.26 -42.29 1.11
N ALA B 923 41.48 -42.81 0.97
CA ALA B 923 42.26 -43.44 2.05
C ALA B 923 42.84 -42.35 2.97
N GLY B 924 42.84 -42.60 4.29
CA GLY B 924 43.35 -41.67 5.31
C GLY B 924 42.24 -41.06 6.15
N CYS B 925 41.13 -40.68 5.49
CA CYS B 925 39.94 -40.05 6.13
C CYS B 925 39.04 -41.14 6.73
N ASN B 926 38.26 -40.78 7.76
CA ASN B 926 37.45 -41.71 8.60
C ASN B 926 36.39 -42.41 7.73
N ASN B 927 35.95 -43.60 8.16
CA ASN B 927 34.93 -44.42 7.45
C ASN B 927 33.53 -43.84 7.73
N PHE B 928 32.60 -44.06 6.80
CA PHE B 928 31.18 -43.61 6.85
C PHE B 928 31.13 -42.08 6.94
N SER B 929 31.89 -41.42 6.05
CA SER B 929 31.96 -39.96 5.90
C SER B 929 30.85 -39.49 4.96
N PHE B 930 30.72 -38.17 4.76
CA PHE B 930 29.71 -37.49 3.91
C PHE B 930 29.62 -38.16 2.53
N THR B 931 30.69 -38.02 1.73
CA THR B 931 30.78 -38.48 0.32
C THR B 931 30.63 -40.00 0.27
N GLN B 932 31.26 -40.73 1.21
CA GLN B 932 31.19 -42.21 1.31
C GLN B 932 29.73 -42.63 1.55
N LYS B 933 28.99 -41.90 2.40
CA LYS B 933 27.57 -42.20 2.73
C LYS B 933 26.70 -42.01 1.48
N ILE B 934 26.89 -40.90 0.76
CA ILE B 934 26.15 -40.61 -0.52
C ILE B 934 26.52 -41.68 -1.56
N GLN B 935 27.82 -41.99 -1.70
CA GLN B 935 28.35 -43.03 -2.63
C GLN B 935 27.73 -44.39 -2.28
N TYR B 936 27.55 -44.70 -0.99
CA TYR B 936 26.89 -45.94 -0.51
C TYR B 936 25.39 -45.88 -0.84
N ALA B 937 24.76 -44.71 -0.66
CA ALA B 937 23.32 -44.49 -0.91
C ALA B 937 22.98 -44.76 -2.39
N THR B 938 23.83 -44.31 -3.32
CA THR B 938 23.61 -44.44 -4.79
C THR B 938 23.82 -45.88 -5.29
N GLU B 939 24.16 -46.84 -4.41
CA GLU B 939 24.24 -48.28 -4.75
C GLU B 939 22.84 -48.81 -5.11
N PHE B 940 21.83 -48.50 -4.30
CA PHE B 940 20.41 -48.90 -4.49
C PHE B 940 19.60 -47.66 -4.88
N PRO B 941 19.41 -47.39 -6.20
CA PRO B 941 18.73 -46.17 -6.64
C PRO B 941 17.22 -46.17 -6.37
N GLU B 942 16.62 -47.35 -6.19
CA GLU B 942 15.16 -47.53 -5.94
C GLU B 942 14.82 -47.11 -4.50
N GLN B 943 15.59 -47.57 -3.51
CA GLN B 943 15.38 -47.25 -2.07
C GLN B 943 15.75 -45.79 -1.81
N SER B 944 16.94 -45.36 -2.26
CA SER B 944 17.44 -43.96 -2.15
C SER B 944 17.51 -43.35 -3.55
N TYR B 945 16.73 -42.30 -3.82
CA TYR B 945 16.63 -41.63 -5.14
C TYR B 945 17.86 -40.74 -5.35
N LEU B 946 19.04 -41.37 -5.49
CA LEU B 946 20.29 -40.78 -6.01
C LEU B 946 20.92 -41.79 -6.95
N ALA B 947 21.09 -41.45 -8.24
CA ALA B 947 21.60 -42.34 -9.30
C ALA B 947 23.12 -42.23 -9.42
N ILE B 948 23.72 -41.10 -9.01
CA ILE B 948 25.19 -40.83 -9.18
C ILE B 948 25.75 -40.20 -7.91
N PRO B 949 27.00 -40.56 -7.49
CA PRO B 949 27.59 -40.03 -6.26
C PRO B 949 27.82 -38.51 -6.27
N ALA B 950 28.09 -37.94 -5.09
CA ALA B 950 28.33 -36.50 -4.88
C ALA B 950 29.75 -36.15 -5.35
N SER B 951 29.88 -35.16 -6.24
CA SER B 951 31.18 -34.57 -6.68
C SER B 951 31.70 -33.67 -5.56
N SER B 952 32.46 -34.23 -4.63
CA SER B 952 33.02 -33.54 -3.44
C SER B 952 34.21 -32.66 -3.85
N TRP B 953 34.30 -31.46 -3.27
CA TRP B 953 35.37 -30.46 -3.55
C TRP B 953 36.58 -30.69 -2.64
N VAL B 954 36.36 -31.18 -1.41
CA VAL B 954 37.47 -31.45 -0.43
C VAL B 954 38.34 -32.60 -0.97
N ASP B 955 37.72 -33.63 -1.57
CA ASP B 955 38.43 -34.80 -2.16
C ASP B 955 39.35 -34.33 -3.29
N ASP B 956 38.80 -33.59 -4.26
CA ASP B 956 39.56 -33.04 -5.43
C ASP B 956 40.55 -31.97 -4.94
N PHE B 957 40.27 -31.28 -3.82
CA PHE B 957 41.19 -30.32 -3.17
C PHE B 957 42.40 -31.09 -2.62
N ILE B 958 42.19 -32.07 -1.74
CA ILE B 958 43.30 -32.84 -1.08
C ILE B 958 44.08 -33.62 -2.14
N ASP B 959 43.42 -34.04 -3.23
CA ASP B 959 44.08 -34.67 -4.42
C ASP B 959 44.87 -33.60 -5.20
N TRP B 960 44.41 -32.34 -5.19
CA TRP B 960 45.12 -31.20 -5.85
C TRP B 960 46.41 -30.86 -5.09
N LEU B 961 46.42 -31.04 -3.75
CA LEU B 961 47.59 -30.78 -2.88
C LEU B 961 48.55 -31.98 -2.88
N THR B 962 48.20 -33.10 -3.53
CA THR B 962 49.13 -34.24 -3.76
C THR B 962 50.32 -33.72 -4.57
N PRO B 963 51.58 -34.01 -4.17
CA PRO B 963 52.75 -33.56 -4.94
C PRO B 963 52.84 -34.28 -6.29
N SER B 964 52.06 -33.81 -7.26
CA SER B 964 51.99 -34.31 -8.66
C SER B 964 52.05 -33.13 -9.64
N SER B 965 52.76 -32.06 -9.28
CA SER B 965 53.04 -30.85 -10.11
C SER B 965 51.74 -30.13 -10.50
N CYS B 966 50.84 -29.91 -9.53
CA CYS B 966 49.61 -29.08 -9.67
C CYS B 966 49.81 -27.73 -8.98
N CYS B 967 50.15 -27.76 -7.69
CA CYS B 967 50.42 -26.57 -6.90
C CYS B 967 51.91 -26.46 -6.63
N ARG B 968 52.45 -25.25 -6.83
CA ARG B 968 53.89 -24.95 -6.63
C ARG B 968 54.03 -23.49 -6.17
N LEU B 969 55.16 -23.17 -5.52
CA LEU B 969 55.51 -21.80 -5.06
C LEU B 969 56.82 -21.37 -5.73
N TYR B 970 56.94 -20.09 -6.07
CA TYR B 970 58.19 -19.47 -6.62
C TYR B 970 59.23 -19.38 -5.50
N ILE B 971 60.49 -19.68 -5.84
CA ILE B 971 61.66 -19.70 -4.91
C ILE B 971 62.45 -18.40 -5.05
N SER B 972 62.42 -17.76 -6.22
CA SER B 972 63.09 -16.47 -6.54
C SER B 972 62.18 -15.62 -7.42
N GLY B 973 62.69 -14.50 -7.96
CA GLY B 973 61.98 -13.60 -8.87
C GLY B 973 61.25 -12.49 -8.11
N PRO B 974 60.67 -11.48 -8.80
CA PRO B 974 59.88 -10.43 -8.13
C PRO B 974 58.50 -10.88 -7.60
N ASN B 975 58.09 -12.13 -7.88
CA ASN B 975 56.79 -12.72 -7.49
C ASN B 975 56.98 -13.69 -6.31
N LYS B 976 57.74 -13.27 -5.28
CA LYS B 976 58.05 -14.11 -4.10
C LYS B 976 56.83 -14.17 -3.18
N ASP B 977 56.67 -15.28 -2.45
CA ASP B 977 55.60 -15.51 -1.45
C ASP B 977 54.23 -15.45 -2.15
N LYS B 978 54.06 -16.22 -3.23
CA LYS B 978 52.75 -16.42 -3.91
C LYS B 978 52.75 -17.78 -4.62
N PHE B 979 51.59 -18.14 -5.17
CA PHE B 979 51.34 -19.38 -5.93
C PHE B 979 52.02 -19.30 -7.31
N CYS B 980 52.42 -20.46 -7.84
CA CYS B 980 52.99 -20.54 -9.18
C CYS B 980 52.07 -21.42 -10.04
N PRO B 981 51.21 -20.79 -10.87
CA PRO B 981 50.26 -21.50 -11.72
C PRO B 981 50.94 -22.64 -12.49
N SER B 982 50.28 -23.82 -12.55
CA SER B 982 50.81 -25.06 -13.17
C SER B 982 51.00 -24.88 -14.68
N THR B 983 50.36 -23.87 -15.29
CA THR B 983 50.46 -23.51 -16.73
C THR B 983 51.91 -23.23 -17.14
N VAL B 984 52.71 -22.58 -16.28
CA VAL B 984 54.14 -22.28 -16.56
C VAL B 984 54.97 -23.52 -16.19
N ASN B 985 56.19 -23.64 -16.75
CA ASN B 985 57.12 -24.78 -16.53
C ASN B 985 58.56 -24.25 -16.38
N SER B 986 58.74 -23.02 -15.89
CA SER B 986 60.07 -22.39 -15.65
C SER B 986 60.75 -23.08 -14.46
N LEU B 987 62.07 -22.92 -14.34
CA LEU B 987 62.88 -23.54 -13.25
C LEU B 987 62.81 -22.70 -11.97
N ASN B 988 61.88 -21.73 -11.88
CA ASN B 988 61.81 -20.71 -10.80
C ASN B 988 60.78 -21.11 -9.72
N CYS B 989 60.06 -22.20 -9.93
CA CYS B 989 59.05 -22.68 -8.97
C CYS B 989 58.92 -24.21 -8.97
N LEU B 990 60.06 -24.90 -8.96
CA LEU B 990 60.12 -26.38 -8.94
C LEU B 990 59.82 -26.91 -7.54
N LYS B 991 59.77 -26.04 -6.52
CA LYS B 991 59.32 -26.38 -5.15
C LYS B 991 57.85 -26.83 -5.20
N ASN B 992 57.58 -28.03 -4.67
CA ASN B 992 56.21 -28.62 -4.50
C ASN B 992 55.37 -27.71 -3.58
N CYS B 993 54.05 -27.84 -3.62
CA CYS B 993 53.18 -26.98 -2.81
C CYS B 993 53.18 -27.20 -1.28
N MET B 994 53.57 -28.38 -0.83
CA MET B 994 53.58 -28.71 0.61
C MET B 994 54.90 -29.40 1.01
N SER B 995 55.03 -29.76 2.29
CA SER B 995 56.22 -30.45 2.88
C SER B 995 56.30 -31.90 2.39
N ILE B 996 57.25 -32.67 2.94
CA ILE B 996 57.41 -34.15 2.72
C ILE B 996 56.04 -34.84 2.83
N THR B 997 55.79 -35.82 1.95
CA THR B 997 54.61 -36.72 1.97
C THR B 997 55.08 -38.16 2.23
N MET B 998 54.43 -38.85 3.16
CA MET B 998 54.61 -40.31 3.44
C MET B 998 53.25 -40.97 3.71
N GLY B 999 52.40 -40.34 4.53
CA GLY B 999 51.05 -40.81 4.88
C GLY B 999 49.97 -40.11 4.07
N SER B 1000 49.15 -39.28 4.73
CA SER B 1000 47.94 -38.62 4.18
C SER B 1000 48.17 -37.10 4.06
N VAL B 1001 47.74 -36.50 2.95
CA VAL B 1001 47.81 -35.02 2.71
C VAL B 1001 46.78 -34.36 3.62
N ARG B 1002 47.22 -33.81 4.75
CA ARG B 1002 46.37 -33.09 5.73
C ARG B 1002 47.00 -31.71 5.99
N PRO B 1003 46.66 -30.68 5.18
CA PRO B 1003 47.18 -29.33 5.40
C PRO B 1003 46.62 -28.71 6.68
N SER B 1004 47.48 -28.02 7.44
CA SER B 1004 47.11 -27.27 8.67
C SER B 1004 46.23 -26.07 8.28
N VAL B 1005 45.74 -25.33 9.28
CA VAL B 1005 44.75 -24.21 9.12
C VAL B 1005 45.33 -23.18 8.13
N GLU B 1006 46.56 -22.73 8.36
CA GLU B 1006 47.25 -21.71 7.51
C GLU B 1006 47.42 -22.25 6.09
N GLN B 1007 47.80 -23.53 5.94
CA GLN B 1007 48.02 -24.20 4.63
C GLN B 1007 46.69 -24.24 3.88
N PHE B 1008 45.62 -24.64 4.58
CA PHE B 1008 44.23 -24.72 4.06
C PHE B 1008 43.79 -23.35 3.55
N HIS B 1009 43.87 -22.32 4.41
CA HIS B 1009 43.47 -20.91 4.10
C HIS B 1009 44.28 -20.36 2.93
N LYS B 1010 45.56 -20.73 2.80
CA LYS B 1010 46.46 -20.19 1.74
C LYS B 1010 46.29 -20.98 0.42
N TYR B 1011 45.86 -22.24 0.47
CA TYR B 1011 45.78 -23.14 -0.73
C TYR B 1011 44.36 -23.23 -1.30
N LEU B 1012 43.30 -22.88 -0.55
CA LEU B 1012 41.90 -23.09 -1.03
C LEU B 1012 41.56 -22.12 -2.15
N PRO B 1013 41.69 -20.77 -1.99
CA PRO B 1013 41.33 -19.84 -3.07
C PRO B 1013 42.16 -20.04 -4.36
N TRP B 1014 43.37 -20.61 -4.23
CA TRP B 1014 44.20 -21.05 -5.38
C TRP B 1014 43.54 -22.25 -6.07
N PHE B 1015 42.96 -23.18 -5.29
CA PHE B 1015 42.25 -24.37 -5.82
C PHE B 1015 41.02 -23.90 -6.60
N LEU B 1016 40.18 -23.05 -5.98
CA LEU B 1016 38.88 -22.61 -6.55
C LEU B 1016 39.07 -21.72 -7.80
N ASN B 1017 40.33 -21.43 -8.21
CA ASN B 1017 40.64 -20.69 -9.46
C ASN B 1017 41.70 -21.41 -10.31
N ASP B 1018 42.13 -22.63 -9.93
CA ASP B 1018 43.12 -23.42 -10.72
C ASP B 1018 42.34 -24.08 -11.88
N ARG B 1019 42.25 -23.38 -13.02
CA ARG B 1019 41.63 -23.90 -14.26
C ARG B 1019 42.34 -25.19 -14.65
N PRO B 1020 41.61 -26.28 -14.99
CA PRO B 1020 42.26 -27.54 -15.36
C PRO B 1020 43.04 -27.38 -16.68
N ASN B 1021 44.21 -28.02 -16.75
CA ASN B 1021 45.12 -28.01 -17.94
C ASN B 1021 45.63 -29.45 -18.13
N ILE B 1022 46.47 -29.68 -19.15
CA ILE B 1022 46.99 -31.02 -19.54
C ILE B 1022 48.00 -31.49 -18.47
N LYS B 1023 48.67 -30.57 -17.77
CA LYS B 1023 49.72 -30.85 -16.75
C LYS B 1023 49.16 -31.80 -15.69
N CYS B 1024 48.07 -31.40 -15.02
CA CYS B 1024 47.23 -32.30 -14.17
C CYS B 1024 45.76 -31.90 -14.32
N PRO B 1025 44.85 -32.83 -14.69
CA PRO B 1025 43.44 -32.48 -14.93
C PRO B 1025 42.66 -31.97 -13.71
N LYS B 1026 43.16 -32.21 -12.49
CA LYS B 1026 42.57 -31.70 -11.23
C LYS B 1026 42.63 -30.16 -11.21
N GLY B 1027 41.59 -29.54 -10.63
CA GLY B 1027 41.41 -28.08 -10.62
C GLY B 1027 40.02 -27.70 -10.13
N GLY B 1028 39.95 -26.74 -9.20
CA GLY B 1028 38.71 -26.34 -8.51
C GLY B 1028 37.76 -25.57 -9.41
N LEU B 1029 38.28 -24.74 -10.33
CA LEU B 1029 37.46 -23.85 -11.20
C LEU B 1029 36.49 -24.67 -12.07
N ALA B 1030 36.88 -25.87 -12.50
CA ALA B 1030 36.13 -26.75 -13.41
C ALA B 1030 34.67 -26.92 -12.93
N ALA B 1031 34.48 -27.43 -11.70
CA ALA B 1031 33.16 -27.81 -11.15
C ALA B 1031 32.94 -27.34 -9.70
N TYR B 1032 33.90 -26.65 -9.06
CA TYR B 1032 33.81 -26.21 -7.63
C TYR B 1032 34.02 -24.69 -7.48
N SER B 1033 34.18 -23.94 -8.58
CA SER B 1033 34.45 -22.48 -8.59
C SER B 1033 33.38 -21.73 -7.78
N THR B 1034 32.12 -22.15 -7.92
CA THR B 1034 30.91 -21.51 -7.32
C THR B 1034 30.30 -22.40 -6.23
N SER B 1035 30.88 -23.57 -5.94
CA SER B 1035 30.34 -24.57 -4.97
C SER B 1035 30.93 -24.36 -3.57
N VAL B 1036 31.67 -23.27 -3.35
CA VAL B 1036 32.20 -22.85 -2.02
C VAL B 1036 32.07 -21.33 -1.92
N ASN B 1037 31.42 -20.85 -0.86
CA ASN B 1037 31.29 -19.39 -0.55
C ASN B 1037 32.40 -19.02 0.44
N LEU B 1038 33.33 -18.16 -0.01
CA LEU B 1038 34.47 -17.65 0.80
C LEU B 1038 34.20 -16.19 1.17
N THR B 1039 34.35 -15.86 2.46
CA THR B 1039 34.35 -14.47 2.99
C THR B 1039 35.73 -13.86 2.75
N SER B 1040 35.86 -12.55 2.99
CA SER B 1040 37.10 -11.76 2.74
C SER B 1040 38.26 -12.27 3.60
N ASP B 1041 37.98 -12.72 4.83
CA ASP B 1041 38.99 -13.22 5.80
C ASP B 1041 39.55 -14.58 5.35
N GLY B 1042 38.77 -15.36 4.58
CA GLY B 1042 39.14 -16.69 4.07
C GLY B 1042 38.45 -17.82 4.82
N GLN B 1043 37.23 -17.58 5.31
CA GLN B 1043 36.38 -18.61 6.00
C GLN B 1043 35.33 -19.11 5.02
N VAL B 1044 35.21 -20.43 4.89
CA VAL B 1044 34.15 -21.13 4.11
C VAL B 1044 32.82 -20.97 4.86
N LEU B 1045 31.98 -20.01 4.42
CA LEU B 1045 30.61 -19.82 4.99
C LEU B 1045 29.83 -21.13 4.79
N THR B 1046 29.56 -21.47 3.53
CA THR B 1046 28.77 -22.65 3.11
C THR B 1046 29.45 -23.33 1.93
N SER B 1047 29.10 -24.58 1.67
CA SER B 1047 29.63 -25.41 0.57
C SER B 1047 28.61 -26.47 0.17
N ARG B 1048 28.30 -26.57 -1.13
CA ARG B 1048 27.28 -27.49 -1.68
C ARG B 1048 27.98 -28.65 -2.39
N PHE B 1049 27.32 -29.82 -2.41
CA PHE B 1049 27.79 -31.07 -3.05
C PHE B 1049 26.72 -31.54 -4.04
N MET B 1050 27.12 -31.71 -5.31
CA MET B 1050 26.23 -31.99 -6.46
C MET B 1050 26.04 -33.50 -6.61
N ALA B 1051 24.81 -34.00 -6.43
CA ALA B 1051 24.39 -35.38 -6.75
C ALA B 1051 23.19 -35.33 -7.69
N TYR B 1052 22.93 -36.44 -8.38
CA TYR B 1052 21.92 -36.56 -9.46
C TYR B 1052 20.83 -37.55 -9.03
N HIS B 1053 19.58 -37.08 -8.94
CA HIS B 1053 18.38 -37.95 -8.78
C HIS B 1053 18.23 -38.82 -10.03
N LYS B 1054 17.91 -40.11 -9.85
CA LYS B 1054 17.49 -41.03 -10.93
C LYS B 1054 16.31 -40.42 -11.68
N PRO B 1055 16.03 -40.80 -12.96
CA PRO B 1055 14.94 -40.21 -13.72
C PRO B 1055 13.60 -40.19 -12.96
N LEU B 1056 13.16 -39.01 -12.53
CA LEU B 1056 11.90 -38.77 -11.77
C LEU B 1056 10.77 -38.50 -12.77
N LYS B 1057 9.70 -39.30 -12.73
CA LYS B 1057 8.65 -39.38 -13.79
C LYS B 1057 7.30 -38.93 -13.21
N ASN B 1058 6.81 -39.63 -12.19
CA ASN B 1058 5.52 -39.32 -11.49
C ASN B 1058 5.75 -38.16 -10.52
N SER B 1059 4.70 -37.71 -9.83
CA SER B 1059 4.78 -36.77 -8.67
C SER B 1059 5.13 -37.54 -7.39
N GLN B 1060 4.64 -38.78 -7.27
CA GLN B 1060 5.00 -39.73 -6.17
C GLN B 1060 6.53 -39.85 -6.13
N ASP B 1061 7.16 -40.11 -7.28
CA ASP B 1061 8.64 -40.25 -7.42
C ASP B 1061 9.35 -39.00 -6.90
N TYR B 1062 8.91 -37.80 -7.34
CA TYR B 1062 9.46 -36.48 -6.90
C TYR B 1062 9.37 -36.36 -5.37
N THR B 1063 8.21 -36.70 -4.79
CA THR B 1063 7.95 -36.56 -3.33
C THR B 1063 8.79 -37.57 -2.54
N GLU B 1064 8.83 -38.84 -2.96
CA GLU B 1064 9.63 -39.91 -2.29
C GLU B 1064 11.13 -39.57 -2.43
N ALA B 1065 11.54 -39.01 -3.56
CA ALA B 1065 12.93 -38.57 -3.83
C ALA B 1065 13.34 -37.48 -2.82
N LEU B 1066 12.50 -36.44 -2.68
CA LEU B 1066 12.70 -35.34 -1.69
C LEU B 1066 12.78 -35.95 -0.28
N ARG B 1067 11.85 -36.85 0.07
CA ARG B 1067 11.76 -37.47 1.43
C ARG B 1067 13.05 -38.27 1.72
N ALA B 1068 13.46 -39.15 0.81
CA ALA B 1068 14.66 -40.01 0.92
C ALA B 1068 15.92 -39.13 1.03
N ALA B 1069 16.01 -38.09 0.19
CA ALA B 1069 17.11 -37.09 0.21
C ALA B 1069 17.19 -36.44 1.60
N ARG B 1070 16.06 -35.94 2.11
CA ARG B 1070 15.96 -35.25 3.43
C ARG B 1070 16.42 -36.19 4.55
N GLU B 1071 15.90 -37.43 4.55
CA GLU B 1071 16.28 -38.51 5.51
C GLU B 1071 17.80 -38.72 5.47
N LEU B 1072 18.38 -38.80 4.26
CA LEU B 1072 19.84 -39.04 4.07
C LEU B 1072 20.64 -37.86 4.64
N ALA B 1073 20.21 -36.62 4.34
CA ALA B 1073 20.84 -35.36 4.84
C ALA B 1073 20.80 -35.35 6.38
N ALA B 1074 19.65 -35.72 6.97
CA ALA B 1074 19.46 -35.81 8.45
C ALA B 1074 20.39 -36.87 9.05
N ASN B 1075 20.50 -38.04 8.43
CA ASN B 1075 21.38 -39.08 8.91
C ASN B 1075 22.84 -38.62 8.88
N ILE B 1076 23.20 -37.87 7.85
CA ILE B 1076 24.59 -37.34 7.69
C ILE B 1076 24.86 -36.28 8.76
N THR B 1077 23.92 -35.36 9.02
CA THR B 1077 24.04 -34.30 10.05
C THR B 1077 24.19 -34.90 11.45
N ALA B 1078 23.45 -36.00 11.72
CA ALA B 1078 23.52 -36.77 12.99
C ALA B 1078 24.95 -37.22 13.27
N ASP B 1079 25.74 -37.51 12.23
CA ASP B 1079 27.16 -37.93 12.31
C ASP B 1079 28.09 -36.70 12.30
N LEU B 1080 27.79 -35.68 11.48
CA LEU B 1080 28.68 -34.49 11.30
C LEU B 1080 28.65 -33.58 12.53
N ARG B 1081 27.56 -33.60 13.32
CA ARG B 1081 27.42 -32.80 14.56
C ARG B 1081 28.34 -33.34 15.67
N LYS B 1082 28.85 -34.57 15.53
CA LYS B 1082 29.76 -35.22 16.52
C LYS B 1082 31.19 -34.67 16.41
N VAL B 1083 31.55 -34.04 15.28
CA VAL B 1083 32.88 -33.37 15.10
C VAL B 1083 32.98 -32.26 16.13
N PRO B 1084 34.07 -32.17 16.93
CA PRO B 1084 34.25 -31.08 17.89
C PRO B 1084 34.45 -29.72 17.19
N GLY B 1085 33.63 -28.73 17.55
CA GLY B 1085 33.73 -27.33 17.06
C GLY B 1085 32.69 -27.00 15.99
N THR B 1086 31.69 -27.84 15.78
CA THR B 1086 30.54 -27.61 14.85
C THR B 1086 29.38 -27.03 15.65
N ASP B 1087 28.91 -25.83 15.29
CA ASP B 1087 27.72 -25.17 15.90
C ASP B 1087 26.53 -26.09 15.69
N PRO B 1088 25.85 -26.60 16.75
CA PRO B 1088 24.69 -27.49 16.59
C PRO B 1088 23.54 -26.99 15.70
N ALA B 1089 23.51 -25.70 15.35
CA ALA B 1089 22.61 -25.11 14.33
C ALA B 1089 23.04 -25.50 12.91
N PHE B 1090 24.27 -25.98 12.74
CA PHE B 1090 24.79 -26.49 11.44
C PHE B 1090 23.94 -27.70 11.00
N GLU B 1091 23.39 -27.62 9.78
CA GLU B 1091 22.59 -28.69 9.14
C GLU B 1091 22.87 -28.71 7.64
N VAL B 1092 22.78 -29.89 7.04
CA VAL B 1092 22.91 -30.18 5.58
C VAL B 1092 21.50 -30.51 5.11
N PHE B 1093 21.04 -29.89 4.02
CA PHE B 1093 19.71 -30.12 3.42
C PHE B 1093 19.86 -30.35 1.92
N PRO B 1094 19.15 -31.35 1.34
CA PRO B 1094 19.33 -31.72 -0.06
C PRO B 1094 18.49 -30.83 -1.00
N TYR B 1095 19.02 -29.64 -1.32
CA TYR B 1095 18.35 -28.67 -2.21
C TYR B 1095 18.42 -29.16 -3.66
N THR B 1096 17.26 -29.21 -4.32
CA THR B 1096 17.11 -29.30 -5.80
C THR B 1096 16.13 -28.21 -6.24
N ILE B 1097 15.90 -28.07 -7.55
CA ILE B 1097 15.11 -26.94 -8.14
C ILE B 1097 13.61 -27.18 -7.92
N THR B 1098 13.14 -28.43 -7.99
CA THR B 1098 11.69 -28.81 -7.93
C THR B 1098 11.30 -29.21 -6.50
N ASN B 1099 11.88 -28.57 -5.48
CA ASN B 1099 11.59 -28.88 -4.04
C ASN B 1099 10.51 -27.95 -3.49
N VAL B 1100 10.40 -26.73 -4.03
CA VAL B 1100 9.40 -25.71 -3.57
C VAL B 1100 7.99 -26.14 -4.00
N PHE B 1101 7.87 -27.07 -4.96
CA PHE B 1101 6.58 -27.56 -5.54
C PHE B 1101 6.12 -28.87 -4.88
N TYR B 1102 7.01 -29.88 -4.80
CA TYR B 1102 6.66 -31.27 -4.39
C TYR B 1102 7.05 -31.52 -2.93
N GLU B 1103 6.92 -30.52 -2.04
CA GLU B 1103 7.19 -30.66 -0.58
C GLU B 1103 5.89 -30.96 0.17
N GLN B 1104 4.76 -30.39 -0.26
CA GLN B 1104 3.47 -30.46 0.49
C GLN B 1104 2.96 -31.91 0.53
N TYR B 1105 3.17 -32.67 -0.55
CA TYR B 1105 2.64 -34.05 -0.75
C TYR B 1105 3.27 -35.02 0.27
N LEU B 1106 4.32 -34.61 0.98
CA LEU B 1106 4.80 -35.29 2.22
C LEU B 1106 3.65 -35.38 3.23
N THR B 1107 3.01 -34.25 3.52
CA THR B 1107 2.03 -34.08 4.64
C THR B 1107 0.80 -33.30 4.17
N ILE B 1108 0.22 -33.67 3.02
CA ILE B 1108 -1.05 -33.04 2.51
C ILE B 1108 -2.26 -33.83 3.06
N LEU B 1109 -2.08 -35.11 3.40
CA LEU B 1109 -3.18 -36.00 3.88
C LEU B 1109 -3.63 -35.58 5.28
N PRO B 1110 -2.72 -35.41 6.28
CA PRO B 1110 -3.12 -34.87 7.58
C PRO B 1110 -3.79 -33.49 7.51
N GLU B 1111 -3.20 -32.55 6.76
CA GLU B 1111 -3.69 -31.16 6.60
C GLU B 1111 -5.07 -31.17 5.93
N GLY B 1112 -5.23 -31.95 4.85
CA GLY B 1112 -6.51 -32.09 4.12
C GLY B 1112 -7.60 -32.69 4.99
N LEU B 1113 -7.30 -33.80 5.68
CA LEU B 1113 -8.25 -34.51 6.58
C LEU B 1113 -8.70 -33.57 7.70
N PHE B 1114 -7.75 -32.84 8.29
CA PHE B 1114 -8.01 -31.82 9.36
C PHE B 1114 -8.97 -30.75 8.83
N MET B 1115 -8.70 -30.23 7.63
CA MET B 1115 -9.49 -29.14 6.98
C MET B 1115 -10.93 -29.62 6.74
N LEU B 1116 -11.11 -30.87 6.29
CA LEU B 1116 -12.45 -31.44 5.98
C LEU B 1116 -13.24 -31.67 7.28
N SER B 1117 -12.58 -32.13 8.36
CA SER B 1117 -13.21 -32.28 9.70
C SER B 1117 -13.61 -30.91 10.25
N LEU B 1118 -12.72 -29.91 10.12
CA LEU B 1118 -12.96 -28.52 10.60
C LEU B 1118 -13.99 -27.80 9.72
N CYS B 1119 -14.31 -28.33 8.53
CA CYS B 1119 -15.42 -27.82 7.66
C CYS B 1119 -16.73 -28.56 7.96
N LEU B 1120 -16.66 -29.83 8.37
CA LEU B 1120 -17.87 -30.65 8.71
C LEU B 1120 -18.49 -30.21 10.04
N VAL B 1121 -17.66 -29.81 11.02
CA VAL B 1121 -18.14 -29.41 12.39
C VAL B 1121 -19.02 -28.15 12.29
N PRO B 1122 -18.50 -26.98 11.84
CA PRO B 1122 -19.24 -25.73 11.97
C PRO B 1122 -20.46 -25.62 11.02
N THR B 1123 -20.37 -26.24 9.84
CA THR B 1123 -21.50 -26.39 8.88
C THR B 1123 -22.69 -27.05 9.59
N PHE B 1124 -22.47 -28.21 10.21
CA PHE B 1124 -23.49 -28.96 10.99
C PHE B 1124 -23.99 -28.10 12.16
N ALA B 1125 -23.06 -27.46 12.89
CA ALA B 1125 -23.35 -26.59 14.06
C ALA B 1125 -24.29 -25.45 13.66
N VAL B 1126 -24.00 -24.78 12.54
CA VAL B 1126 -24.86 -23.68 11.97
C VAL B 1126 -26.16 -24.28 11.43
N SER B 1127 -26.11 -25.44 10.76
CA SER B 1127 -27.27 -26.15 10.17
C SER B 1127 -28.35 -26.41 11.23
N CYS B 1128 -27.96 -26.91 12.41
CA CYS B 1128 -28.87 -27.21 13.55
C CYS B 1128 -28.92 -26.04 14.54
N LEU B 1129 -28.82 -24.81 14.04
CA LEU B 1129 -29.22 -23.55 14.73
C LEU B 1129 -30.14 -22.73 13.82
N LEU B 1130 -29.79 -22.58 12.53
CA LEU B 1130 -30.50 -21.73 11.56
C LEU B 1130 -31.85 -22.35 11.17
N LEU B 1131 -31.91 -23.68 10.97
CA LEU B 1131 -33.16 -24.41 10.63
C LEU B 1131 -34.00 -24.72 11.87
N GLY B 1132 -33.47 -24.46 13.07
CA GLY B 1132 -34.12 -24.78 14.36
C GLY B 1132 -34.37 -26.27 14.48
N LEU B 1133 -33.42 -27.08 14.01
CA LEU B 1133 -33.56 -28.56 13.85
C LEU B 1133 -33.15 -29.27 15.14
N ASP B 1134 -33.72 -30.45 15.37
CA ASP B 1134 -33.38 -31.37 16.50
C ASP B 1134 -32.09 -32.12 16.15
N LEU B 1135 -31.68 -33.08 16.99
CA LEU B 1135 -30.46 -33.90 16.78
C LEU B 1135 -30.79 -35.13 15.92
N ARG B 1136 -32.02 -35.65 15.96
CA ARG B 1136 -32.48 -36.81 15.15
C ARG B 1136 -32.41 -36.47 13.64
N SER B 1137 -32.53 -35.18 13.28
CA SER B 1137 -32.38 -34.65 11.90
C SER B 1137 -30.90 -34.30 11.63
N GLY B 1138 -30.25 -33.62 12.58
CA GLY B 1138 -28.85 -33.18 12.49
C GLY B 1138 -27.88 -34.32 12.19
N LEU B 1139 -28.07 -35.46 12.85
CA LEU B 1139 -27.22 -36.68 12.67
C LEU B 1139 -27.43 -37.24 11.26
N LEU B 1140 -28.67 -37.26 10.76
CA LEU B 1140 -29.00 -37.69 9.37
C LEU B 1140 -28.35 -36.73 8.36
N ASN B 1141 -28.42 -35.42 8.62
CA ASN B 1141 -27.72 -34.39 7.81
C ASN B 1141 -26.23 -34.72 7.74
N LEU B 1142 -25.55 -34.77 8.91
CA LEU B 1142 -24.09 -35.02 9.00
C LEU B 1142 -23.74 -36.34 8.30
N LEU B 1143 -24.52 -37.40 8.54
CA LEU B 1143 -24.31 -38.73 7.89
C LEU B 1143 -24.34 -38.56 6.37
N SER B 1144 -25.37 -37.89 5.83
CA SER B 1144 -25.56 -37.66 4.37
C SER B 1144 -24.37 -36.89 3.78
N ILE B 1145 -23.87 -35.87 4.48
CA ILE B 1145 -22.71 -35.03 4.03
C ILE B 1145 -21.46 -35.94 3.98
N VAL B 1146 -21.20 -36.68 5.06
CA VAL B 1146 -20.02 -37.61 5.18
C VAL B 1146 -20.11 -38.67 4.07
N MET B 1147 -21.31 -39.22 3.83
CA MET B 1147 -21.55 -40.28 2.80
C MET B 1147 -21.23 -39.71 1.42
N ILE B 1148 -21.74 -38.52 1.08
CA ILE B 1148 -21.43 -37.80 -0.19
C ILE B 1148 -19.91 -37.63 -0.31
N LEU B 1149 -19.24 -37.20 0.77
CA LEU B 1149 -17.78 -36.88 0.74
C LEU B 1149 -16.96 -38.15 0.49
N VAL B 1150 -17.24 -39.23 1.23
CA VAL B 1150 -16.54 -40.53 1.06
C VAL B 1150 -16.78 -41.05 -0.36
N ASP B 1151 -18.03 -41.01 -0.85
CA ASP B 1151 -18.41 -41.43 -2.22
C ASP B 1151 -17.62 -40.61 -3.26
N THR B 1152 -17.55 -39.29 -3.07
CA THR B 1152 -16.76 -38.37 -3.95
C THR B 1152 -15.30 -38.82 -3.99
N VAL B 1153 -14.66 -39.02 -2.82
CA VAL B 1153 -13.22 -39.39 -2.70
C VAL B 1153 -13.00 -40.76 -3.36
N GLY B 1154 -13.91 -41.72 -3.14
CA GLY B 1154 -13.87 -43.07 -3.75
C GLY B 1154 -13.81 -42.99 -5.27
N PHE B 1155 -14.77 -42.27 -5.87
CA PHE B 1155 -14.89 -42.12 -7.35
C PHE B 1155 -13.77 -41.21 -7.88
N MET B 1156 -13.27 -40.28 -7.07
CA MET B 1156 -12.11 -39.40 -7.40
C MET B 1156 -10.86 -40.26 -7.61
N ALA B 1157 -10.56 -41.16 -6.66
CA ALA B 1157 -9.44 -42.12 -6.72
C ALA B 1157 -9.67 -43.15 -7.84
N LEU B 1158 -10.93 -43.54 -8.08
CA LEU B 1158 -11.30 -44.59 -9.07
C LEU B 1158 -11.16 -44.05 -10.51
N TRP B 1159 -11.74 -42.89 -10.81
CA TRP B 1159 -11.70 -42.24 -12.16
C TRP B 1159 -10.22 -42.08 -12.57
N GLY B 1160 -9.35 -41.69 -11.64
CA GLY B 1160 -7.92 -41.40 -11.87
C GLY B 1160 -7.56 -39.94 -11.58
N ILE B 1161 -8.36 -39.24 -10.77
CA ILE B 1161 -8.09 -37.86 -10.29
C ILE B 1161 -7.19 -37.98 -9.06
N SER B 1162 -6.07 -37.24 -9.05
CA SER B 1162 -5.08 -37.22 -7.93
C SER B 1162 -5.60 -36.32 -6.81
N TYR B 1163 -4.92 -36.34 -5.66
CA TYR B 1163 -5.28 -35.58 -4.44
C TYR B 1163 -4.18 -34.56 -4.12
N ASN B 1164 -4.55 -33.26 -4.12
CA ASN B 1164 -3.63 -32.12 -3.90
C ASN B 1164 -4.49 -30.90 -3.50
N ALA B 1165 -3.87 -29.70 -3.41
CA ALA B 1165 -4.50 -28.44 -2.99
C ALA B 1165 -5.77 -28.13 -3.81
N VAL B 1166 -5.78 -28.45 -5.10
CA VAL B 1166 -6.91 -28.17 -6.04
C VAL B 1166 -8.09 -29.08 -5.68
N SER B 1167 -7.84 -30.40 -5.63
CA SER B 1167 -8.84 -31.42 -5.21
C SER B 1167 -9.33 -31.10 -3.80
N LEU B 1168 -8.43 -30.62 -2.92
CA LEU B 1168 -8.78 -30.29 -1.51
C LEU B 1168 -9.80 -29.14 -1.48
N ILE B 1169 -9.55 -28.04 -2.21
CA ILE B 1169 -10.49 -26.87 -2.22
C ILE B 1169 -11.83 -27.30 -2.85
N ASN B 1170 -11.80 -28.24 -3.80
CA ASN B 1170 -13.03 -28.78 -4.45
C ASN B 1170 -13.81 -29.66 -3.45
N LEU B 1171 -13.13 -30.51 -2.67
CA LEU B 1171 -13.79 -31.36 -1.63
C LEU B 1171 -14.38 -30.47 -0.53
N VAL B 1172 -13.71 -29.36 -0.18
CA VAL B 1172 -14.19 -28.36 0.82
C VAL B 1172 -15.45 -27.67 0.26
N SER B 1173 -15.41 -27.23 -1.00
CA SER B 1173 -16.56 -26.65 -1.73
C SER B 1173 -17.72 -27.66 -1.80
N ALA B 1174 -17.41 -28.96 -1.94
CA ALA B 1174 -18.38 -30.08 -1.95
C ALA B 1174 -19.09 -30.17 -0.59
N VAL B 1175 -18.33 -30.15 0.51
CA VAL B 1175 -18.87 -30.14 1.91
C VAL B 1175 -19.80 -28.92 2.07
N GLY B 1176 -19.39 -27.76 1.54
CA GLY B 1176 -20.18 -26.52 1.55
C GLY B 1176 -21.47 -26.65 0.75
N MET B 1177 -21.40 -27.21 -0.46
CA MET B 1177 -22.53 -27.24 -1.43
C MET B 1177 -23.56 -28.29 -1.03
N SER B 1178 -23.14 -29.52 -0.70
CA SER B 1178 -24.01 -30.70 -0.48
C SER B 1178 -25.13 -30.40 0.54
N VAL B 1179 -24.91 -29.43 1.44
CA VAL B 1179 -25.93 -28.85 2.37
C VAL B 1179 -27.18 -28.43 1.58
N GLU B 1180 -27.01 -27.84 0.39
CA GLU B 1180 -28.12 -27.42 -0.51
C GLU B 1180 -29.03 -28.62 -0.79
N PHE B 1181 -28.46 -29.79 -1.11
CA PHE B 1181 -29.21 -31.02 -1.46
C PHE B 1181 -29.87 -31.63 -0.21
N VAL B 1182 -29.21 -31.53 0.96
CA VAL B 1182 -29.58 -32.29 2.19
C VAL B 1182 -30.55 -31.47 3.06
N SER B 1183 -30.18 -30.23 3.42
CA SER B 1183 -30.82 -29.39 4.47
C SER B 1183 -32.30 -29.11 4.12
N HIS B 1184 -32.57 -28.78 2.85
CA HIS B 1184 -33.92 -28.44 2.31
C HIS B 1184 -34.89 -29.60 2.57
N ILE B 1185 -34.52 -30.83 2.20
CA ILE B 1185 -35.36 -32.05 2.32
C ILE B 1185 -35.54 -32.37 3.81
N THR B 1186 -34.46 -32.30 4.60
CA THR B 1186 -34.47 -32.57 6.06
C THR B 1186 -35.46 -31.62 6.76
N ARG B 1187 -35.39 -30.33 6.44
CA ARG B 1187 -36.31 -29.29 7.01
C ARG B 1187 -37.74 -29.56 6.54
N SER B 1188 -37.96 -29.72 5.22
CA SER B 1188 -39.29 -29.93 4.60
C SER B 1188 -39.97 -31.18 5.20
N PHE B 1189 -39.17 -32.15 5.69
CA PHE B 1189 -39.68 -33.33 6.45
C PHE B 1189 -39.95 -32.96 7.91
N ALA B 1190 -39.08 -32.13 8.53
CA ALA B 1190 -39.20 -31.69 9.94
C ALA B 1190 -40.55 -30.97 10.15
N ILE B 1191 -40.82 -29.92 9.36
CA ILE B 1191 -42.08 -29.11 9.43
C ILE B 1191 -43.15 -29.78 8.56
N SER B 1192 -43.72 -30.88 9.05
CA SER B 1192 -44.73 -31.70 8.33
C SER B 1192 -45.65 -32.42 9.33
N THR B 1193 -46.94 -32.56 8.98
CA THR B 1193 -48.05 -32.94 9.90
C THR B 1193 -48.89 -34.08 9.32
N LYS B 1194 -48.36 -34.87 8.36
CA LYS B 1194 -49.07 -36.04 7.80
C LYS B 1194 -49.04 -37.16 8.83
N PRO B 1195 -50.07 -38.04 8.87
CA PRO B 1195 -50.21 -39.03 9.96
C PRO B 1195 -49.03 -40.01 10.08
N THR B 1196 -48.64 -40.61 8.95
CA THR B 1196 -47.59 -41.68 8.86
C THR B 1196 -46.33 -41.09 8.20
N TRP B 1197 -45.17 -41.68 8.49
CA TRP B 1197 -43.83 -41.24 8.04
C TRP B 1197 -43.74 -41.26 6.50
N LEU B 1198 -44.38 -42.23 5.85
CA LEU B 1198 -44.37 -42.39 4.37
C LEU B 1198 -44.99 -41.14 3.72
N GLU B 1199 -46.12 -40.67 4.24
CA GLU B 1199 -46.87 -39.48 3.72
C GLU B 1199 -46.04 -38.20 3.94
N ARG B 1200 -45.36 -38.10 5.09
CA ARG B 1200 -44.44 -36.97 5.41
C ARG B 1200 -43.29 -36.94 4.39
N ALA B 1201 -42.69 -38.11 4.11
CA ALA B 1201 -41.58 -38.27 3.14
C ALA B 1201 -42.09 -37.95 1.73
N LYS B 1202 -43.29 -38.44 1.39
CA LYS B 1202 -43.98 -38.19 0.09
C LYS B 1202 -44.07 -36.67 -0.15
N GLU B 1203 -44.73 -35.93 0.74
CA GLU B 1203 -44.99 -34.48 0.57
C GLU B 1203 -43.67 -33.69 0.61
N ALA B 1204 -42.74 -34.06 1.51
CA ALA B 1204 -41.40 -33.43 1.65
C ALA B 1204 -40.64 -33.58 0.32
N THR B 1205 -40.56 -34.81 -0.20
CA THR B 1205 -39.98 -35.16 -1.53
C THR B 1205 -40.61 -34.27 -2.60
N ILE B 1206 -41.94 -34.29 -2.73
CA ILE B 1206 -42.69 -33.61 -3.84
C ILE B 1206 -42.33 -32.12 -3.86
N SER B 1207 -42.63 -31.39 -2.79
CA SER B 1207 -42.45 -29.92 -2.72
C SER B 1207 -40.96 -29.58 -2.82
N MET B 1208 -40.18 -29.96 -1.79
CA MET B 1208 -38.81 -29.43 -1.61
C MET B 1208 -37.80 -30.19 -2.48
N GLY B 1209 -38.05 -31.47 -2.78
CA GLY B 1209 -37.26 -32.25 -3.76
C GLY B 1209 -37.38 -31.67 -5.17
N SER B 1210 -38.59 -31.22 -5.56
CA SER B 1210 -38.83 -30.51 -6.84
C SER B 1210 -37.99 -29.23 -6.88
N ALA B 1211 -38.01 -28.45 -5.79
CA ALA B 1211 -37.21 -27.21 -5.63
C ALA B 1211 -35.71 -27.54 -5.75
N VAL B 1212 -35.23 -28.51 -4.95
CA VAL B 1212 -33.80 -28.93 -4.90
C VAL B 1212 -33.35 -29.37 -6.29
N PHE B 1213 -34.00 -30.38 -6.88
CA PHE B 1213 -33.67 -30.92 -8.23
C PHE B 1213 -33.59 -29.77 -9.23
N ALA B 1214 -34.74 -29.16 -9.54
CA ALA B 1214 -34.94 -28.20 -10.65
C ALA B 1214 -34.00 -26.99 -10.48
N GLY B 1215 -33.90 -26.47 -9.26
CA GLY B 1215 -32.97 -25.35 -8.95
C GLY B 1215 -31.53 -25.82 -8.96
N VAL B 1216 -31.12 -26.52 -7.90
CA VAL B 1216 -29.70 -26.78 -7.52
C VAL B 1216 -29.03 -27.62 -8.62
N ALA B 1217 -29.54 -28.82 -8.88
CA ALA B 1217 -28.89 -29.84 -9.75
C ALA B 1217 -28.77 -29.32 -11.19
N MET B 1218 -29.84 -28.71 -11.72
CA MET B 1218 -29.91 -28.23 -13.13
C MET B 1218 -29.50 -26.74 -13.24
N THR B 1219 -28.94 -26.14 -12.18
CA THR B 1219 -28.11 -24.91 -12.28
C THR B 1219 -26.62 -25.25 -12.08
N ASN B 1220 -26.30 -26.44 -11.55
CA ASN B 1220 -24.91 -26.95 -11.46
C ASN B 1220 -24.52 -27.60 -12.80
N LEU B 1221 -25.35 -28.51 -13.32
CA LEU B 1221 -24.97 -29.42 -14.44
C LEU B 1221 -24.82 -28.66 -15.76
N PRO B 1222 -25.80 -27.84 -16.21
CA PRO B 1222 -25.62 -27.04 -17.43
C PRO B 1222 -24.43 -26.06 -17.37
N GLY B 1223 -24.01 -25.68 -16.16
CA GLY B 1223 -22.76 -24.93 -15.93
C GLY B 1223 -21.53 -25.83 -16.06
N ILE B 1224 -21.52 -26.98 -15.37
CA ILE B 1224 -20.37 -27.92 -15.29
C ILE B 1224 -20.07 -28.51 -16.68
N LEU B 1225 -21.09 -29.04 -17.37
CA LEU B 1225 -20.94 -29.76 -18.66
C LEU B 1225 -20.24 -28.89 -19.72
N VAL B 1226 -20.23 -27.55 -19.53
CA VAL B 1226 -19.53 -26.58 -20.43
C VAL B 1226 -18.02 -26.58 -20.13
N LEU B 1227 -17.62 -26.72 -18.85
CA LEU B 1227 -16.19 -26.76 -18.43
C LEU B 1227 -15.45 -27.93 -19.11
N GLY B 1228 -16.17 -28.98 -19.51
CA GLY B 1228 -15.64 -30.15 -20.23
C GLY B 1228 -15.00 -29.82 -21.58
N LEU B 1229 -14.98 -28.54 -21.99
CA LEU B 1229 -14.26 -28.05 -23.22
C LEU B 1229 -13.21 -27.00 -22.83
N ALA B 1230 -12.56 -27.14 -21.67
CA ALA B 1230 -11.62 -26.15 -21.11
C ALA B 1230 -10.29 -26.15 -21.88
N LYS B 1231 -9.88 -27.30 -22.44
CA LYS B 1231 -8.62 -27.47 -23.24
C LYS B 1231 -7.40 -27.53 -22.31
N ALA B 1232 -7.50 -27.07 -21.06
CA ALA B 1232 -6.44 -27.11 -20.02
C ALA B 1232 -6.70 -28.31 -19.09
N GLN B 1233 -5.88 -29.37 -19.23
CA GLN B 1233 -6.01 -30.66 -18.51
C GLN B 1233 -6.26 -30.41 -17.01
N LEU B 1234 -5.65 -29.35 -16.46
CA LEU B 1234 -5.81 -28.92 -15.03
C LEU B 1234 -7.31 -28.76 -14.73
N ILE B 1235 -7.97 -27.83 -15.43
CA ILE B 1235 -9.42 -27.51 -15.21
C ILE B 1235 -10.25 -28.71 -15.68
N GLN B 1236 -9.99 -29.17 -16.92
CA GLN B 1236 -10.65 -30.35 -17.56
C GLN B 1236 -10.72 -31.52 -16.57
N ILE B 1237 -9.68 -31.73 -15.75
CA ILE B 1237 -9.60 -32.84 -14.75
C ILE B 1237 -10.22 -32.38 -13.41
N PHE B 1238 -9.72 -31.30 -12.81
CA PHE B 1238 -9.93 -31.02 -11.36
C PHE B 1238 -11.18 -30.17 -11.09
N PHE B 1239 -11.83 -29.59 -12.10
CA PHE B 1239 -13.05 -28.76 -11.90
C PHE B 1239 -14.26 -29.46 -12.54
N PHE B 1240 -14.24 -29.65 -13.86
CA PHE B 1240 -15.29 -30.34 -14.64
C PHE B 1240 -15.63 -31.68 -13.97
N ARG B 1241 -14.65 -32.59 -13.87
CA ARG B 1241 -14.85 -33.99 -13.40
C ARG B 1241 -15.29 -34.00 -11.94
N LEU B 1242 -14.57 -33.28 -11.06
CA LEU B 1242 -14.86 -33.26 -9.60
C LEU B 1242 -16.25 -32.66 -9.35
N ASN B 1243 -16.56 -31.50 -9.94
CA ASN B 1243 -17.85 -30.80 -9.71
C ASN B 1243 -18.99 -31.62 -10.32
N LEU B 1244 -18.79 -32.22 -11.51
CA LEU B 1244 -19.77 -33.18 -12.11
C LEU B 1244 -20.02 -34.30 -11.10
N LEU B 1245 -18.96 -34.93 -10.60
CA LEU B 1245 -19.00 -36.08 -9.64
C LEU B 1245 -19.75 -35.68 -8.37
N ILE B 1246 -19.41 -34.53 -7.78
CA ILE B 1246 -20.03 -33.99 -6.53
C ILE B 1246 -21.51 -33.66 -6.79
N THR B 1247 -21.83 -33.00 -7.90
CA THR B 1247 -23.22 -32.63 -8.29
C THR B 1247 -24.07 -33.90 -8.37
N LEU B 1248 -23.62 -34.90 -9.14
CA LEU B 1248 -24.37 -36.16 -9.38
C LEU B 1248 -24.54 -36.93 -8.06
N LEU B 1249 -23.51 -36.98 -7.21
CA LEU B 1249 -23.59 -37.67 -5.89
C LEU B 1249 -24.53 -36.90 -4.94
N GLY B 1250 -24.44 -35.56 -4.92
CA GLY B 1250 -25.38 -34.69 -4.17
C GLY B 1250 -26.82 -34.90 -4.59
N LEU B 1251 -27.06 -34.86 -5.91
CA LEU B 1251 -28.37 -35.15 -6.55
C LEU B 1251 -28.89 -36.50 -6.04
N LEU B 1252 -28.13 -37.57 -6.29
CA LEU B 1252 -28.51 -38.98 -5.96
C LEU B 1252 -28.89 -39.07 -4.48
N HIS B 1253 -27.96 -38.72 -3.58
CA HIS B 1253 -28.16 -38.81 -2.11
C HIS B 1253 -29.38 -37.97 -1.69
N GLY B 1254 -29.34 -36.66 -1.99
CA GLY B 1254 -30.34 -35.67 -1.55
C GLY B 1254 -31.76 -36.00 -2.00
N LEU B 1255 -31.93 -36.65 -3.17
CA LEU B 1255 -33.27 -36.92 -3.77
C LEU B 1255 -33.69 -38.39 -3.66
N VAL B 1256 -32.75 -39.33 -3.50
CA VAL B 1256 -33.06 -40.80 -3.49
C VAL B 1256 -32.83 -41.36 -2.08
N PHE B 1257 -31.64 -41.15 -1.50
CA PHE B 1257 -31.22 -41.80 -0.23
C PHE B 1257 -31.90 -41.11 0.96
N LEU B 1258 -31.98 -39.77 0.94
CA LEU B 1258 -32.41 -38.99 2.13
C LEU B 1258 -33.92 -39.12 2.36
N PRO B 1259 -34.81 -39.00 1.34
CA PRO B 1259 -36.23 -39.26 1.56
C PRO B 1259 -36.55 -40.62 2.20
N VAL B 1260 -35.83 -41.67 1.79
CA VAL B 1260 -36.03 -43.08 2.26
C VAL B 1260 -35.56 -43.21 3.72
N ILE B 1261 -34.39 -42.66 4.05
CA ILE B 1261 -33.87 -42.65 5.45
C ILE B 1261 -34.81 -41.81 6.33
N LEU B 1262 -35.33 -40.69 5.81
CA LEU B 1262 -36.33 -39.85 6.53
C LEU B 1262 -37.63 -40.63 6.72
N SER B 1263 -38.04 -41.45 5.73
CA SER B 1263 -39.24 -42.33 5.82
C SER B 1263 -39.03 -43.40 6.90
N TYR B 1264 -37.79 -43.90 7.07
CA TYR B 1264 -37.43 -44.98 8.02
C TYR B 1264 -37.23 -44.39 9.43
N VAL B 1265 -36.12 -43.67 9.64
CA VAL B 1265 -35.66 -43.21 10.98
C VAL B 1265 -35.71 -41.67 11.00
N GLY B 1266 -36.77 -41.09 10.44
CA GLY B 1266 -37.02 -39.62 10.50
C GLY B 1266 -37.43 -39.19 11.90
N PRO B 1267 -37.62 -37.87 12.15
CA PRO B 1267 -38.06 -37.39 13.45
C PRO B 1267 -39.53 -37.69 13.73
N ASP B 1268 -40.06 -37.18 14.85
CA ASP B 1268 -41.50 -37.24 15.23
C ASP B 1268 -42.24 -36.12 14.50
N VAL B 1269 -43.58 -36.12 14.57
CA VAL B 1269 -44.48 -35.13 13.90
C VAL B 1269 -44.16 -33.72 14.42
N ASN B 1270 -44.17 -33.50 15.74
CA ASN B 1270 -43.82 -32.22 16.41
C ASN B 1270 -44.66 -31.08 15.79
N PRO B 1271 -45.97 -30.95 16.11
CA PRO B 1271 -46.84 -29.98 15.43
C PRO B 1271 -46.51 -28.51 15.73
N ALA B 1272 -45.86 -28.21 16.86
CA ALA B 1272 -45.49 -26.85 17.30
C ALA B 1272 -44.25 -26.34 16.55
N LEU B 1273 -44.15 -26.64 15.25
CA LEU B 1273 -43.15 -26.07 14.30
C LEU B 1273 -43.84 -25.67 12.98
N ALA B 1274 -45.01 -26.25 12.66
CA ALA B 1274 -45.96 -25.74 11.64
C ALA B 1274 -47.00 -24.81 12.31
N LEU B 1275 -47.34 -25.06 13.59
CA LEU B 1275 -48.26 -24.23 14.40
C LEU B 1275 -47.59 -22.91 14.78
N GLU B 1276 -46.27 -22.91 15.01
CA GLU B 1276 -45.49 -21.74 15.51
C GLU B 1276 -45.20 -20.75 14.36
N GLN B 1277 -45.50 -21.09 13.11
CA GLN B 1277 -45.17 -20.29 11.90
C GLN B 1277 -46.17 -19.14 11.72
N LYS B 1278 -47.46 -19.36 11.98
CA LYS B 1278 -48.53 -18.34 11.77
C LYS B 1278 -48.44 -17.22 12.81
N ARG B 1279 -47.77 -17.46 13.95
CA ARG B 1279 -47.30 -16.41 14.89
C ARG B 1279 -46.41 -15.40 14.14
N ALA B 1280 -45.72 -15.84 13.07
CA ALA B 1280 -44.72 -15.06 12.33
C ALA B 1280 -45.29 -14.45 11.03
N GLU B 1281 -46.53 -14.77 10.65
CA GLU B 1281 -47.14 -14.32 9.36
C GLU B 1281 -48.08 -13.13 9.59
N GLU B 1282 -48.98 -13.21 10.57
CA GLU B 1282 -50.00 -12.16 10.87
C GLU B 1282 -49.41 -11.05 11.76
N ALA B 1283 -48.33 -11.32 12.52
CA ALA B 1283 -47.72 -10.38 13.48
C ALA B 1283 -47.00 -9.25 12.74
N VAL B 1284 -46.14 -9.60 11.78
CA VAL B 1284 -45.23 -8.66 11.04
C VAL B 1284 -45.71 -8.54 9.59
N ALA B 1285 -47.04 -8.45 9.38
CA ALA B 1285 -47.68 -8.31 8.05
C ALA B 1285 -47.68 -6.83 7.66
#